data_8OI4
#
_entry.id   8OI4
#
_cell.length_a   96.316
_cell.length_b   94.581
_cell.length_c   108.264
_cell.angle_alpha   90.00
_cell.angle_beta   105.45
_cell.angle_gamma   90.00
#
_symmetry.space_group_name_H-M   'P 1 21 1'
#
loop_
_entity.id
_entity.type
_entity.pdbx_description
1 polymer Beta-galactosidase
2 non-polymer GLYCEROL
3 non-polymer 'CHLORIDE ION'
4 water water
#
_entity_poly.entity_id   1
_entity_poly.type   'polypeptide(L)'
_entity_poly.pdbx_seq_one_letter_code
;MENDRAYWTGLAYRIAAPVLENMSKGELKKNMQVEVSPTWDGRDKDVTYMECFGRLMSGIAPWLSLPDDDTDEGRQRKQL
RAWALKSYAHAVDPESPDYLLWRNEGQPLVDAAYIASSFLRAPKQLWEPLDEVTKERYIAEFQQLRRIDPPYTNWLLFSA
MVETFLMKAGAQYDMYRIHSAIRKIDEWYVGDGWYSDGEHFAFDYYNSYVIQPMYVQVLQVLADRDAALRDKAPGAVQKE
LDTAKKRMQRFGIILERFISPEGTFPLFGRSMTYRLGVFQPLSMLSWKEFLPEELTEGQVRSALTAAMKRLFAHEANFNE
GGFLRLGFAGHQPDLADWYTNNGSMYLTSEVFLPLGLPADHSFWTSPAEEWTTKKAWQGDPFPKDHAVRYLEHHHHHH
;
_entity_poly.pdbx_strand_id   A,B,C,D
#
# COMPACT_ATOMS: atom_id res chain seq x y z
N ASN A 3 3.71 46.80 17.53
CA ASN A 3 3.33 45.98 18.68
C ASN A 3 2.26 44.94 18.37
N ASP A 4 2.69 43.97 17.56
CA ASP A 4 1.84 42.84 17.25
C ASP A 4 1.43 42.11 18.53
N ARG A 5 2.34 42.00 19.51
CA ARG A 5 2.06 41.22 20.70
C ARG A 5 0.80 41.71 21.43
N ALA A 6 0.67 43.04 21.54
CA ALA A 6 -0.47 43.63 22.24
C ALA A 6 -1.80 43.31 21.56
N TYR A 7 -1.80 43.22 20.22
CA TYR A 7 -2.99 42.78 19.51
C TYR A 7 -3.35 41.33 19.90
N TRP A 8 -2.34 40.45 19.91
CA TRP A 8 -2.55 39.05 20.21
C TRP A 8 -3.04 38.83 21.65
N THR A 9 -2.41 39.49 22.61
CA THR A 9 -2.80 39.32 24.02
C THR A 9 -4.18 39.91 24.26
N GLY A 10 -4.49 41.04 23.63
CA GLY A 10 -5.82 41.61 23.70
C GLY A 10 -6.90 40.65 23.21
N LEU A 11 -6.64 39.99 22.08
CA LEU A 11 -7.62 39.05 21.52
C LEU A 11 -7.73 37.80 22.39
N ALA A 12 -6.58 37.24 22.80
CA ALA A 12 -6.58 36.06 23.65
C ALA A 12 -7.34 36.33 24.96
N TYR A 13 -7.12 37.50 25.55
CA TYR A 13 -7.79 37.88 26.77
C TYR A 13 -9.31 38.02 26.55
N ARG A 14 -9.70 38.67 25.45
CA ARG A 14 -11.10 38.82 25.09
C ARG A 14 -11.81 37.48 24.91
N ILE A 15 -11.11 36.51 24.31
CA ILE A 15 -11.66 35.18 24.15
C ILE A 15 -11.74 34.43 25.49
N ALA A 16 -10.66 34.51 26.27
CA ALA A 16 -10.53 33.71 27.48
C ALA A 16 -11.35 34.21 28.67
N ALA A 17 -11.42 35.52 28.86
CA ALA A 17 -11.94 36.06 30.11
C ALA A 17 -13.40 35.70 30.42
N PRO A 18 -14.34 35.77 29.46
CA PRO A 18 -15.73 35.38 29.73
C PRO A 18 -15.89 33.92 30.15
N VAL A 19 -15.07 33.04 29.57
CA VAL A 19 -15.09 31.64 29.93
C VAL A 19 -14.56 31.46 31.36
N LEU A 20 -13.34 31.94 31.59
CA LEU A 20 -12.63 31.63 32.82
C LEU A 20 -13.20 32.36 34.03
N GLU A 21 -13.63 33.61 33.86
CA GLU A 21 -14.22 34.32 34.97
C GLU A 21 -15.50 33.64 35.44
N ASN A 22 -16.34 33.21 34.49
CA ASN A 22 -17.58 32.53 34.85
C ASN A 22 -17.33 31.15 35.44
N MET A 23 -16.43 30.37 34.81
CA MET A 23 -16.19 29.02 35.27
C MET A 23 -15.47 29.01 36.63
N SER A 24 -14.67 30.04 36.92
CA SER A 24 -13.94 30.11 38.19
C SER A 24 -14.89 30.12 39.38
N LYS A 25 -16.11 30.63 39.18
CA LYS A 25 -17.09 30.68 40.26
C LYS A 25 -18.26 29.73 40.03
N GLY A 26 -18.05 28.70 39.19
CA GLY A 26 -19.07 27.73 38.90
C GLY A 26 -20.32 28.28 38.20
N GLU A 27 -20.15 29.30 37.35
CA GLU A 27 -21.27 29.89 36.63
C GLU A 27 -21.14 29.85 35.10
N LEU A 28 -20.31 28.96 34.57
CA LEU A 28 -20.17 28.88 33.12
C LEU A 28 -21.48 28.36 32.52
N LYS A 29 -21.99 27.23 33.02
CA LYS A 29 -23.25 26.69 32.50
C LYS A 29 -24.39 27.67 32.73
N LYS A 30 -24.36 28.36 33.88
CA LYS A 30 -25.38 29.33 34.21
C LYS A 30 -25.42 30.50 33.23
N ASN A 31 -24.24 31.04 32.87
CA ASN A 31 -24.16 32.30 32.17
C ASN A 31 -23.80 32.21 30.69
N MET A 32 -23.19 31.09 30.26
CA MET A 32 -22.68 31.02 28.89
C MET A 32 -23.85 30.94 27.91
N GLN A 33 -23.85 31.90 26.99
CA GLN A 33 -24.77 31.93 25.87
C GLN A 33 -24.29 30.88 24.87
N VAL A 34 -25.04 29.76 24.81
CA VAL A 34 -24.72 28.54 24.07
C VAL A 34 -25.46 28.46 22.73
N GLU A 35 -24.79 27.93 21.71
CA GLU A 35 -25.32 27.84 20.35
C GLU A 35 -24.91 26.48 19.77
N VAL A 36 -25.87 25.76 19.18
CA VAL A 36 -25.56 24.52 18.48
C VAL A 36 -25.79 24.65 16.99
N SER A 37 -25.13 23.78 16.21
CA SER A 37 -25.30 23.71 14.77
C SER A 37 -26.77 23.64 14.37
N PRO A 38 -27.19 24.30 13.27
CA PRO A 38 -28.52 24.05 12.71
C PRO A 38 -28.78 22.59 12.34
N THR A 39 -27.73 21.79 12.11
CA THR A 39 -27.88 20.36 11.86
C THR A 39 -27.41 19.48 13.02
N TRP A 40 -27.57 20.00 14.25
CA TRP A 40 -27.11 19.32 15.46
C TRP A 40 -27.70 17.93 15.56
N ASP A 41 -26.85 16.91 15.78
CA ASP A 41 -27.25 15.51 15.76
C ASP A 41 -28.05 15.00 16.96
N GLY A 42 -28.37 15.89 17.91
CA GLY A 42 -29.19 15.53 19.07
C GLY A 42 -28.43 15.05 20.30
N ARG A 43 -27.09 15.03 20.27
CA ARG A 43 -26.31 14.61 21.41
C ARG A 43 -26.52 15.59 22.57
N ASP A 44 -26.10 15.17 23.77
CA ASP A 44 -26.23 16.00 24.96
C ASP A 44 -25.44 17.29 24.80
N LYS A 45 -26.13 18.43 24.92
CA LYS A 45 -25.53 19.74 24.71
C LYS A 45 -24.52 20.18 25.77
N ASP A 46 -24.47 19.46 26.90
CA ASP A 46 -23.49 19.73 27.93
C ASP A 46 -22.06 19.45 27.48
N VAL A 47 -21.88 18.73 26.36
CA VAL A 47 -20.56 18.60 25.76
C VAL A 47 -19.93 19.96 25.49
N THR A 48 -20.77 20.97 25.25
CA THR A 48 -20.32 22.32 24.90
C THR A 48 -19.28 22.88 25.88
N TYR A 49 -19.50 22.64 27.18
CA TYR A 49 -18.69 23.30 28.20
C TYR A 49 -17.27 22.74 28.25
N MET A 50 -17.10 21.42 28.07
CA MET A 50 -15.75 20.87 28.03
C MET A 50 -15.04 21.27 26.74
N GLU A 51 -15.79 21.35 25.62
CA GLU A 51 -15.20 21.80 24.37
C GLU A 51 -14.61 23.20 24.56
N CYS A 52 -15.43 24.07 25.13
CA CYS A 52 -15.04 25.44 25.38
C CYS A 52 -13.79 25.51 26.26
N PHE A 53 -13.88 24.93 27.45
CA PHE A 53 -12.82 25.05 28.44
C PHE A 53 -11.52 24.38 27.99
N GLY A 54 -11.63 23.13 27.51
CA GLY A 54 -10.45 22.37 27.11
C GLY A 54 -9.73 22.99 25.92
N ARG A 55 -10.47 23.37 24.89
CA ARG A 55 -9.84 23.95 23.70
C ARG A 55 -9.21 25.30 24.03
N LEU A 56 -9.89 26.10 24.85
CA LEU A 56 -9.33 27.37 25.30
C LEU A 56 -8.00 27.15 26.01
N MET A 57 -8.00 26.26 27.01
CA MET A 57 -6.82 26.11 27.85
C MET A 57 -5.65 25.56 27.04
N SER A 58 -5.92 24.67 26.09
CA SER A 58 -4.87 24.15 25.23
C SER A 58 -4.11 25.29 24.55
N GLY A 59 -4.87 26.24 24.00
CA GLY A 59 -4.29 27.32 23.20
C GLY A 59 -3.59 28.41 24.01
N ILE A 60 -4.10 28.73 25.20
CA ILE A 60 -3.50 29.77 26.02
C ILE A 60 -2.52 29.25 27.06
N ALA A 61 -2.38 27.92 27.19
CA ALA A 61 -1.48 27.37 28.20
C ALA A 61 -0.04 27.88 28.03
N PRO A 62 0.53 27.94 26.81
CA PRO A 62 1.89 28.50 26.67
C PRO A 62 2.01 29.92 27.22
N TRP A 63 1.07 30.79 26.83
CA TRP A 63 1.03 32.15 27.36
C TRP A 63 1.06 32.16 28.88
N LEU A 64 0.20 31.35 29.50
CA LEU A 64 0.10 31.35 30.95
C LEU A 64 1.27 30.63 31.64
N SER A 65 2.15 29.97 30.85
CA SER A 65 3.34 29.36 31.40
C SER A 65 4.46 30.36 31.68
N LEU A 66 4.33 31.60 31.19
CA LEU A 66 5.36 32.59 31.38
C LEU A 66 5.54 32.96 32.86
N PRO A 67 6.76 33.32 33.29
CA PRO A 67 6.95 33.81 34.67
C PRO A 67 6.15 35.08 34.91
N ASP A 68 5.71 35.26 36.14
CA ASP A 68 4.97 36.45 36.53
C ASP A 68 5.86 37.67 36.53
N ASP A 69 5.27 38.83 36.19
CA ASP A 69 5.97 40.11 36.24
C ASP A 69 4.93 41.17 36.52
N ASP A 70 5.35 42.43 36.62
CA ASP A 70 4.45 43.53 36.95
C ASP A 70 4.01 44.40 35.77
N THR A 71 4.12 43.89 34.54
CA THR A 71 3.60 44.57 33.37
C THR A 71 2.08 44.41 33.29
N ASP A 72 1.47 45.21 32.44
CA ASP A 72 0.05 45.10 32.14
C ASP A 72 -0.31 43.70 31.67
N GLU A 73 0.47 43.15 30.74
CA GLU A 73 0.23 41.81 30.26
C GLU A 73 0.38 40.79 31.38
N GLY A 74 1.42 40.98 32.23
CA GLY A 74 1.62 40.14 33.40
C GLY A 74 0.41 40.08 34.33
N ARG A 75 -0.24 41.23 34.53
CA ARG A 75 -1.46 41.30 35.33
C ARG A 75 -2.59 40.46 34.71
N GLN A 76 -2.75 40.54 33.39
CA GLN A 76 -3.74 39.76 32.68
C GLN A 76 -3.46 38.25 32.76
N ARG A 77 -2.20 37.87 32.60
CA ARG A 77 -1.81 36.47 32.74
C ARG A 77 -2.14 35.93 34.12
N LYS A 78 -1.80 36.69 35.17
CA LYS A 78 -2.07 36.26 36.54
C LYS A 78 -3.55 36.08 36.75
N GLN A 79 -4.35 37.03 36.25
CA GLN A 79 -5.79 36.97 36.44
C GLN A 79 -6.38 35.74 35.77
N LEU A 80 -5.99 35.53 34.50
CA LEU A 80 -6.45 34.39 33.74
C LEU A 80 -6.04 33.07 34.41
N ARG A 81 -4.78 33.00 34.85
CA ARG A 81 -4.29 31.79 35.48
C ARG A 81 -5.02 31.48 36.79
N ALA A 82 -5.24 32.50 37.63
CA ALA A 82 -5.97 32.29 38.88
C ALA A 82 -7.39 31.76 38.62
N TRP A 83 -8.08 32.37 37.65
CA TRP A 83 -9.39 31.87 37.23
C TRP A 83 -9.35 30.45 36.67
N ALA A 84 -8.30 30.14 35.90
CA ALA A 84 -8.16 28.83 35.29
C ALA A 84 -7.99 27.76 36.36
N LEU A 85 -7.17 28.03 37.38
CA LEU A 85 -6.96 27.08 38.44
C LEU A 85 -8.24 26.72 39.19
N LYS A 86 -9.08 27.73 39.49
CA LYS A 86 -10.38 27.49 40.09
C LYS A 86 -11.30 26.73 39.15
N SER A 87 -11.22 27.06 37.85
CA SER A 87 -12.01 26.41 36.83
C SER A 87 -11.67 24.92 36.71
N TYR A 88 -10.38 24.59 36.70
CA TYR A 88 -9.95 23.21 36.66
C TYR A 88 -10.55 22.42 37.82
N ALA A 89 -10.58 23.02 39.02
CA ALA A 89 -11.13 22.36 40.19
C ALA A 89 -12.64 22.09 40.06
N HIS A 90 -13.39 23.10 39.60
CA HIS A 90 -14.83 22.95 39.37
C HIS A 90 -15.11 21.86 38.33
N ALA A 91 -14.28 21.80 37.29
CA ALA A 91 -14.54 20.92 36.16
C ALA A 91 -14.65 19.45 36.56
N VAL A 92 -13.96 19.07 37.64
CA VAL A 92 -13.95 17.68 38.07
C VAL A 92 -14.57 17.46 39.44
N ASP A 93 -15.13 18.51 40.03
CA ASP A 93 -15.81 18.37 41.30
C ASP A 93 -17.26 17.93 41.02
N PRO A 94 -17.66 16.68 41.38
CA PRO A 94 -19.00 16.19 41.01
C PRO A 94 -20.14 17.02 41.59
N GLU A 95 -19.87 17.76 42.68
CA GLU A 95 -20.84 18.66 43.29
C GLU A 95 -20.87 20.08 42.73
N SER A 96 -19.91 20.44 41.89
CA SER A 96 -19.91 21.77 41.30
C SER A 96 -20.99 21.89 40.22
N PRO A 97 -21.68 23.05 40.12
CA PRO A 97 -22.54 23.32 38.97
C PRO A 97 -21.84 23.21 37.62
N ASP A 98 -20.51 23.41 37.61
CA ASP A 98 -19.75 23.34 36.37
C ASP A 98 -18.97 22.05 36.14
N TYR A 99 -19.34 21.00 36.88
CA TYR A 99 -18.81 19.66 36.64
C TYR A 99 -19.05 19.33 35.17
N LEU A 100 -17.99 18.92 34.45
CA LEU A 100 -18.11 18.67 33.03
C LEU A 100 -18.73 17.30 32.76
N LEU A 101 -19.16 17.10 31.51
CA LEU A 101 -19.72 15.83 31.08
C LEU A 101 -18.59 14.85 30.76
N TRP A 102 -18.16 14.10 31.78
CA TRP A 102 -17.03 13.19 31.67
C TRP A 102 -17.42 11.76 31.30
N ARG A 103 -18.60 11.34 31.77
CA ARG A 103 -18.92 9.94 31.91
C ARG A 103 -19.87 9.39 30.85
N ASN A 104 -20.41 10.26 29.99
CA ASN A 104 -21.31 9.83 28.94
C ASN A 104 -20.81 10.44 27.64
N GLU A 105 -21.15 9.81 26.51
CA GLU A 105 -20.79 10.27 25.18
C GLU A 105 -19.34 9.90 24.86
N GLY A 106 -19.00 9.93 23.56
CA GLY A 106 -17.64 9.76 23.10
C GLY A 106 -16.87 11.08 23.01
N GLN A 107 -17.58 12.18 22.73
CA GLN A 107 -17.00 13.50 22.59
C GLN A 107 -16.05 13.92 23.72
N PRO A 108 -16.30 13.56 25.01
CA PRO A 108 -15.38 13.93 26.06
C PRO A 108 -13.93 13.49 25.86
N LEU A 109 -13.70 12.41 25.11
CA LEU A 109 -12.34 12.00 24.82
C LEU A 109 -11.61 13.11 24.05
N VAL A 110 -12.33 13.73 23.11
CA VAL A 110 -11.78 14.82 22.32
C VAL A 110 -11.33 15.95 23.24
N ASP A 111 -12.26 16.44 24.05
CA ASP A 111 -11.97 17.67 24.75
C ASP A 111 -11.10 17.43 25.97
N ALA A 112 -11.16 16.22 26.54
CA ALA A 112 -10.22 15.83 27.57
C ALA A 112 -8.78 15.82 27.06
N ALA A 113 -8.59 15.47 25.77
CA ALA A 113 -7.27 15.51 25.18
C ALA A 113 -6.77 16.95 25.11
N TYR A 114 -7.67 17.92 24.84
CA TYR A 114 -7.27 19.32 24.86
C TYR A 114 -6.98 19.79 26.29
N ILE A 115 -7.72 19.32 27.28
CA ILE A 115 -7.35 19.58 28.66
C ILE A 115 -5.95 19.03 28.97
N ALA A 116 -5.71 17.76 28.58
CA ALA A 116 -4.41 17.15 28.78
C ALA A 116 -3.31 17.95 28.09
N SER A 117 -3.60 18.46 26.89
CA SER A 117 -2.68 19.32 26.17
C SER A 117 -2.30 20.53 27.00
N SER A 118 -3.30 21.15 27.66
CA SER A 118 -3.03 22.31 28.49
C SER A 118 -2.06 21.98 29.62
N PHE A 119 -2.26 20.82 30.28
CA PHE A 119 -1.36 20.41 31.35
C PHE A 119 0.04 20.05 30.86
N LEU A 120 0.14 19.42 29.68
CA LEU A 120 1.43 19.10 29.09
C LEU A 120 2.17 20.34 28.62
N ARG A 121 1.44 21.38 28.23
CA ARG A 121 2.05 22.61 27.75
C ARG A 121 2.44 23.57 28.87
N ALA A 122 1.80 23.47 30.05
CA ALA A 122 2.15 24.31 31.17
C ALA A 122 2.01 23.55 32.50
N PRO A 123 2.78 22.47 32.71
CA PRO A 123 2.59 21.61 33.88
C PRO A 123 2.83 22.33 35.20
N LYS A 124 3.88 23.14 35.27
CA LYS A 124 4.22 23.80 36.51
C LYS A 124 3.19 24.84 36.93
N GLN A 125 2.54 25.47 35.95
CA GLN A 125 1.63 26.57 36.21
C GLN A 125 0.17 26.14 36.29
N LEU A 126 -0.21 25.06 35.59
CA LEU A 126 -1.61 24.67 35.51
C LEU A 126 -1.95 23.34 36.15
N TRP A 127 -0.98 22.42 36.23
CA TRP A 127 -1.21 21.12 36.85
C TRP A 127 -0.73 21.10 38.29
N GLU A 128 0.57 21.38 38.49
CA GLU A 128 1.20 21.25 39.79
C GLU A 128 0.50 22.01 40.92
N PRO A 129 -0.02 23.24 40.71
CA PRO A 129 -0.70 23.97 41.78
C PRO A 129 -2.09 23.46 42.17
N LEU A 130 -2.67 22.55 41.38
CA LEU A 130 -3.96 21.99 41.74
C LEU A 130 -3.83 21.18 43.03
N ASP A 131 -4.86 21.24 43.88
CA ASP A 131 -4.81 20.49 45.13
C ASP A 131 -4.89 19.00 44.82
N GLU A 132 -4.48 18.19 45.80
CA GLU A 132 -4.33 16.77 45.60
C GLU A 132 -5.65 16.07 45.27
N VAL A 133 -6.76 16.54 45.87
CA VAL A 133 -8.07 15.98 45.56
C VAL A 133 -8.45 16.22 44.11
N THR A 134 -8.19 17.44 43.62
CA THR A 134 -8.44 17.77 42.23
C THR A 134 -7.57 16.94 41.28
N LYS A 135 -6.29 16.77 41.62
CA LYS A 135 -5.42 15.95 40.79
C LYS A 135 -5.93 14.52 40.69
N GLU A 136 -6.29 13.93 41.84
CA GLU A 136 -6.81 12.58 41.87
C GLU A 136 -8.09 12.45 41.05
N ARG A 137 -8.94 13.49 41.08
CA ARG A 137 -10.15 13.50 40.27
C ARG A 137 -9.85 13.54 38.77
N TYR A 138 -8.88 14.35 38.35
CA TYR A 138 -8.47 14.36 36.96
C TYR A 138 -7.97 12.99 36.50
N ILE A 139 -7.14 12.36 37.33
CA ILE A 139 -6.58 11.08 36.98
C ILE A 139 -7.69 10.06 36.78
N ALA A 140 -8.67 10.04 37.70
CA ALA A 140 -9.81 9.15 37.61
C ALA A 140 -10.68 9.45 36.38
N GLU A 141 -10.94 10.74 36.13
CA GLU A 141 -11.75 11.11 34.97
C GLU A 141 -11.04 10.77 33.66
N PHE A 142 -9.73 10.99 33.60
CA PHE A 142 -8.99 10.62 32.40
C PHE A 142 -8.97 9.11 32.17
N GLN A 143 -8.77 8.34 33.26
CA GLN A 143 -8.71 6.89 33.15
C GLN A 143 -10.03 6.27 32.67
N GLN A 144 -11.17 6.83 33.09
CA GLN A 144 -12.44 6.23 32.74
C GLN A 144 -12.80 6.47 31.28
N LEU A 145 -12.09 7.38 30.61
CA LEU A 145 -12.26 7.57 29.17
C LEU A 145 -11.87 6.37 28.32
N ARG A 146 -11.18 5.40 28.93
CA ARG A 146 -10.89 4.15 28.26
C ARG A 146 -12.14 3.36 27.87
N ARG A 147 -13.30 3.74 28.43
CA ARG A 147 -14.58 3.15 28.01
C ARG A 147 -14.92 3.45 26.55
N ILE A 148 -14.30 4.49 25.98
CA ILE A 148 -14.62 4.92 24.63
C ILE A 148 -13.84 4.12 23.59
N ASP A 149 -14.54 3.60 22.59
CA ASP A 149 -13.88 2.98 21.44
C ASP A 149 -13.73 4.03 20.35
N PRO A 150 -12.54 4.65 20.14
CA PRO A 150 -12.44 5.78 19.22
C PRO A 150 -12.60 5.41 17.74
N PRO A 151 -13.07 6.36 16.91
CA PRO A 151 -12.98 6.22 15.47
C PRO A 151 -11.52 5.99 15.07
N TYR A 152 -11.35 5.31 13.95
CA TYR A 152 -10.03 4.98 13.43
C TYR A 152 -9.51 6.15 12.61
N THR A 153 -9.26 7.25 13.33
CA THR A 153 -9.00 8.54 12.70
C THR A 153 -8.02 9.27 13.60
N ASN A 154 -7.94 10.59 13.39
CA ASN A 154 -7.19 11.45 14.29
C ASN A 154 -7.55 11.24 15.78
N TRP A 155 -8.75 10.71 16.07
CA TRP A 155 -9.12 10.47 17.46
C TRP A 155 -8.18 9.54 18.21
N LEU A 156 -7.44 8.68 17.50
CA LEU A 156 -6.45 7.85 18.19
C LEU A 156 -5.46 8.70 19.00
N LEU A 157 -5.16 9.91 18.51
CA LEU A 157 -4.24 10.79 19.20
C LEU A 157 -4.81 11.35 20.49
N PHE A 158 -6.13 11.44 20.60
CA PHE A 158 -6.75 11.92 21.83
C PHE A 158 -6.50 10.94 22.97
N SER A 159 -6.71 9.67 22.66
CA SER A 159 -6.42 8.60 23.60
C SER A 159 -4.95 8.60 23.97
N ALA A 160 -4.06 8.75 22.97
CA ALA A 160 -2.63 8.82 23.23
C ALA A 160 -2.26 10.01 24.11
N MET A 161 -2.85 11.18 23.83
CA MET A 161 -2.56 12.38 24.61
C MET A 161 -2.97 12.22 26.07
N VAL A 162 -4.16 11.67 26.31
CA VAL A 162 -4.60 11.47 27.67
C VAL A 162 -3.67 10.52 28.44
N GLU A 163 -3.30 9.41 27.80
CA GLU A 163 -2.45 8.41 28.44
C GLU A 163 -1.03 8.96 28.64
N THR A 164 -0.57 9.80 27.72
CA THR A 164 0.73 10.44 27.82
C THR A 164 0.77 11.37 29.03
N PHE A 165 -0.30 12.14 29.20
CA PHE A 165 -0.44 12.97 30.38
C PHE A 165 -0.41 12.12 31.66
N LEU A 166 -1.19 11.04 31.68
CA LEU A 166 -1.21 10.16 32.84
C LEU A 166 0.17 9.62 33.15
N MET A 167 0.91 9.22 32.11
CA MET A 167 2.26 8.73 32.26
C MET A 167 3.14 9.80 32.90
N LYS A 168 3.09 11.02 32.36
CA LYS A 168 3.89 12.12 32.86
C LYS A 168 3.50 12.52 34.28
N ALA A 169 2.21 12.41 34.61
CA ALA A 169 1.71 12.75 35.94
C ALA A 169 2.06 11.71 37.01
N GLY A 170 2.60 10.56 36.60
CA GLY A 170 2.95 9.49 37.51
C GLY A 170 1.79 8.57 37.87
N ALA A 171 0.73 8.61 37.06
CA ALA A 171 -0.45 7.77 37.29
C ALA A 171 -0.33 6.50 36.46
N GLN A 172 -1.26 5.56 36.68
CA GLN A 172 -1.36 4.35 35.88
C GLN A 172 -1.81 4.75 34.47
N TYR A 173 -1.04 4.32 33.46
CA TYR A 173 -1.30 4.67 32.08
C TYR A 173 -1.26 3.43 31.20
N ASP A 174 -1.83 3.56 30.01
CA ASP A 174 -1.96 2.45 29.08
C ASP A 174 -1.05 2.69 27.89
N MET A 175 0.12 2.03 27.90
CA MET A 175 1.11 2.24 26.86
C MET A 175 0.56 1.78 25.51
N TYR A 176 -0.29 0.75 25.53
CA TYR A 176 -0.85 0.24 24.28
C TYR A 176 -1.60 1.32 23.50
N ARG A 177 -2.40 2.12 24.21
CA ARG A 177 -3.09 3.23 23.58
C ARG A 177 -2.15 4.26 22.96
N ILE A 178 -1.02 4.52 23.62
CA ILE A 178 -0.05 5.46 23.09
C ILE A 178 0.63 4.87 21.85
N HIS A 179 1.11 3.64 21.99
CA HIS A 179 1.94 3.04 20.96
C HIS A 179 1.11 2.75 19.70
N SER A 180 -0.11 2.23 19.88
CA SER A 180 -0.94 1.93 18.72
C SER A 180 -1.25 3.19 17.92
N ALA A 181 -1.48 4.30 18.62
CA ALA A 181 -1.76 5.57 17.99
C ALA A 181 -0.58 6.08 17.17
N ILE A 182 0.62 6.09 17.76
CA ILE A 182 1.75 6.64 17.03
C ILE A 182 2.11 5.78 15.82
N ARG A 183 1.90 4.46 15.92
CA ARG A 183 2.08 3.59 14.75
C ARG A 183 1.12 3.98 13.62
N LYS A 184 -0.16 4.17 13.94
CA LYS A 184 -1.14 4.48 12.91
C LYS A 184 -0.88 5.85 12.28
N ILE A 185 -0.54 6.85 13.12
CA ILE A 185 -0.31 8.18 12.58
C ILE A 185 0.85 8.13 11.59
N ASP A 186 1.92 7.41 11.93
CA ASP A 186 3.03 7.25 11.00
C ASP A 186 2.62 6.53 9.72
N GLU A 187 1.80 5.47 9.86
CA GLU A 187 1.27 4.75 8.71
C GLU A 187 0.41 5.64 7.81
N TRP A 188 -0.20 6.66 8.40
CA TRP A 188 -1.07 7.57 7.66
C TRP A 188 -0.35 8.76 7.06
N TYR A 189 0.98 8.82 7.16
CA TYR A 189 1.72 9.87 6.48
C TYR A 189 1.66 9.62 4.98
N VAL A 190 1.21 10.62 4.23
CA VAL A 190 1.04 10.49 2.80
C VAL A 190 2.28 10.98 2.08
N GLY A 191 2.82 12.12 2.48
CA GLY A 191 4.03 12.64 1.88
C GLY A 191 3.97 14.16 1.82
N ASP A 192 5.14 14.73 1.56
CA ASP A 192 5.34 16.17 1.46
C ASP A 192 4.58 16.98 2.51
N GLY A 193 4.68 16.52 3.76
CA GLY A 193 4.13 17.20 4.91
C GLY A 193 2.70 16.83 5.32
N TRP A 194 2.02 15.99 4.52
CA TRP A 194 0.60 15.70 4.71
C TRP A 194 0.37 14.30 5.25
N TYR A 195 -0.57 14.20 6.22
CA TYR A 195 -1.08 12.94 6.72
C TYR A 195 -2.54 12.74 6.33
N SER A 196 -2.98 11.47 6.26
CA SER A 196 -4.40 11.14 6.12
C SER A 196 -5.05 11.10 7.51
N ASP A 197 -6.29 11.58 7.57
CA ASP A 197 -7.10 11.54 8.77
C ASP A 197 -7.81 10.19 8.80
N GLY A 198 -7.07 9.15 9.18
CA GLY A 198 -7.54 7.80 9.04
C GLY A 198 -7.07 7.16 7.74
N GLU A 199 -7.73 6.08 7.34
CA GLU A 199 -7.24 5.26 6.25
C GLU A 199 -7.40 5.94 4.90
N HIS A 200 -8.31 6.93 4.81
CA HIS A 200 -8.59 7.63 3.56
C HIS A 200 -8.14 9.08 3.70
N PHE A 201 -7.39 9.56 2.71
CA PHE A 201 -6.92 10.93 2.74
C PHE A 201 -8.10 11.89 2.58
N ALA A 202 -8.11 12.93 3.40
CA ALA A 202 -9.06 14.02 3.30
C ALA A 202 -8.24 15.31 3.19
N PHE A 203 -8.59 16.13 2.20
CA PHE A 203 -7.92 17.41 2.05
C PHE A 203 -8.63 18.41 2.95
N ASP A 204 -8.10 18.57 4.17
CA ASP A 204 -8.71 19.44 5.16
C ASP A 204 -7.64 19.84 6.16
N TYR A 205 -8.02 20.62 7.17
CA TYR A 205 -7.08 21.16 8.11
C TYR A 205 -6.94 20.36 9.41
N TYR A 206 -7.41 19.10 9.43
CA TYR A 206 -7.20 18.27 10.61
C TYR A 206 -5.74 17.96 10.86
N ASN A 207 -4.89 18.07 9.83
CA ASN A 207 -3.45 18.05 10.02
C ASN A 207 -3.01 19.13 11.02
N SER A 208 -3.70 20.28 10.97
CA SER A 208 -3.47 21.39 11.87
C SER A 208 -4.19 21.28 13.21
N TYR A 209 -5.47 20.89 13.15
CA TYR A 209 -6.30 20.91 14.34
C TYR A 209 -5.85 19.89 15.38
N VAL A 210 -5.37 18.74 14.88
CA VAL A 210 -5.09 17.59 15.71
C VAL A 210 -3.78 16.92 15.35
N ILE A 211 -3.63 16.46 14.09
CA ILE A 211 -2.70 15.38 13.82
C ILE A 211 -1.26 15.76 14.14
N GLN A 212 -0.73 16.79 13.50
CA GLN A 212 0.69 17.02 13.63
C GLN A 212 1.04 17.56 15.01
N PRO A 213 0.31 18.55 15.56
CA PRO A 213 0.63 19.04 16.91
C PRO A 213 0.57 17.97 17.99
N MET A 214 -0.45 17.12 17.96
CA MET A 214 -0.55 16.09 18.98
C MET A 214 0.43 14.94 18.78
N TYR A 215 0.70 14.56 17.52
CA TYR A 215 1.68 13.53 17.24
C TYR A 215 3.05 13.97 17.76
N VAL A 216 3.43 15.21 17.45
CA VAL A 216 4.70 15.74 17.92
C VAL A 216 4.77 15.80 19.45
N GLN A 217 3.68 16.28 20.08
CA GLN A 217 3.64 16.34 21.54
C GLN A 217 3.78 14.98 22.21
N VAL A 218 3.08 13.97 21.68
CA VAL A 218 3.18 12.63 22.25
C VAL A 218 4.60 12.09 22.10
N LEU A 219 5.17 12.20 20.91
CA LEU A 219 6.51 11.71 20.67
C LEU A 219 7.55 12.44 21.53
N GLN A 220 7.33 13.73 21.76
CA GLN A 220 8.26 14.52 22.54
C GLN A 220 8.33 14.00 23.98
N VAL A 221 7.17 13.69 24.57
CA VAL A 221 7.14 13.14 25.92
C VAL A 221 7.80 11.77 25.97
N LEU A 222 7.50 10.90 25.00
CA LEU A 222 8.14 9.59 24.93
C LEU A 222 9.66 9.71 24.82
N ALA A 223 10.12 10.64 23.97
CA ALA A 223 11.54 10.83 23.77
C ALA A 223 12.20 11.39 25.03
N ASP A 224 11.55 12.36 25.68
CA ASP A 224 12.10 12.99 26.87
C ASP A 224 12.20 12.04 28.05
N ARG A 225 11.23 11.13 28.16
CA ARG A 225 11.27 10.15 29.24
C ARG A 225 12.18 8.97 28.91
N ASP A 226 12.52 8.79 27.64
CA ASP A 226 13.29 7.65 27.18
C ASP A 226 12.45 6.40 27.47
N ALA A 227 11.15 6.50 27.13
CA ALA A 227 10.23 5.40 27.30
C ALA A 227 10.73 4.19 26.49
N ALA A 228 10.79 3.03 27.14
CA ALA A 228 11.15 1.78 26.47
C ALA A 228 9.87 1.26 25.81
N LEU A 229 9.80 1.41 24.48
CA LEU A 229 8.66 0.92 23.72
C LEU A 229 8.98 -0.43 23.09
N ARG A 230 7.97 -1.31 23.06
CA ARG A 230 8.11 -2.63 22.45
C ARG A 230 8.73 -2.58 21.04
N ASP A 231 9.82 -3.33 20.87
CA ASP A 231 10.52 -3.47 19.59
C ASP A 231 11.01 -2.16 18.98
N LYS A 232 11.20 -1.14 19.81
CA LYS A 232 11.81 0.10 19.36
C LYS A 232 13.21 0.05 19.98
N ALA A 233 14.23 -0.07 19.12
CA ALA A 233 15.61 -0.03 19.56
C ALA A 233 15.94 1.33 20.17
N PRO A 234 17.01 1.44 20.98
CA PRO A 234 17.50 2.74 21.43
C PRO A 234 17.69 3.71 20.26
N GLY A 235 17.16 4.91 20.41
CA GLY A 235 17.20 5.91 19.36
C GLY A 235 16.03 5.87 18.38
N ALA A 236 15.18 4.82 18.43
CA ALA A 236 14.08 4.72 17.48
C ALA A 236 13.01 5.80 17.73
N VAL A 237 12.69 6.02 19.01
CA VAL A 237 11.69 7.01 19.35
C VAL A 237 12.20 8.41 18.96
N GLN A 238 13.48 8.67 19.21
CA GLN A 238 14.09 9.94 18.88
C GLN A 238 14.04 10.18 17.38
N LYS A 239 14.32 9.13 16.60
CA LYS A 239 14.26 9.23 15.14
C LYS A 239 12.84 9.55 14.70
N GLU A 240 11.83 8.90 15.32
CA GLU A 240 10.43 9.17 14.97
C GLU A 240 10.06 10.62 15.28
N LEU A 241 10.51 11.12 16.43
CA LEU A 241 10.29 12.52 16.79
C LEU A 241 10.93 13.47 15.79
N ASP A 242 12.19 13.20 15.44
CA ASP A 242 12.89 14.02 14.47
C ASP A 242 12.16 14.07 13.11
N THR A 243 11.71 12.92 12.62
CA THR A 243 10.92 12.86 11.41
C THR A 243 9.60 13.61 11.53
N ALA A 244 8.93 13.48 12.67
CA ALA A 244 7.65 14.13 12.89
C ALA A 244 7.83 15.65 12.85
N LYS A 245 8.91 16.14 13.47
CA LYS A 245 9.21 17.56 13.47
C LYS A 245 9.51 18.06 12.05
N LYS A 246 10.29 17.30 11.28
CA LYS A 246 10.61 17.69 9.91
C LYS A 246 9.37 17.73 9.02
N ARG A 247 8.46 16.77 9.21
CA ARG A 247 7.20 16.79 8.49
C ARG A 247 6.38 18.03 8.86
N MET A 248 6.36 18.38 10.14
CA MET A 248 5.58 19.53 10.55
C MET A 248 6.22 20.83 10.09
N GLN A 249 7.56 20.86 10.00
CA GLN A 249 8.25 22.00 9.40
C GLN A 249 7.80 22.24 7.97
N ARG A 250 7.69 21.15 7.19
CA ARG A 250 7.23 21.26 5.83
C ARG A 250 5.79 21.73 5.77
N PHE A 251 4.94 21.18 6.63
CA PHE A 251 3.55 21.61 6.69
C PHE A 251 3.46 23.10 7.06
N GLY A 252 4.32 23.55 7.97
CA GLY A 252 4.42 24.97 8.31
C GLY A 252 4.76 25.86 7.12
N ILE A 253 5.71 25.43 6.29
CA ILE A 253 6.06 26.15 5.07
C ILE A 253 4.84 26.25 4.16
N ILE A 254 4.10 25.15 4.03
CA ILE A 254 2.87 25.16 3.25
C ILE A 254 1.85 26.13 3.82
N LEU A 255 1.64 26.09 5.15
CA LEU A 255 0.65 26.98 5.77
C LEU A 255 1.00 28.45 5.56
N GLU A 256 2.29 28.81 5.63
CA GLU A 256 2.68 30.18 5.43
C GLU A 256 2.38 30.62 3.99
N ARG A 257 2.57 29.70 3.05
CA ARG A 257 2.29 29.97 1.64
C ARG A 257 0.79 29.98 1.30
N PHE A 258 -0.04 29.54 2.24
CA PHE A 258 -1.50 29.67 2.14
C PHE A 258 -2.02 31.06 2.46
N ILE A 259 -1.24 31.86 3.19
CA ILE A 259 -1.68 33.18 3.60
C ILE A 259 -1.51 34.14 2.42
N SER A 260 -2.63 34.74 2.02
CA SER A 260 -2.68 35.64 0.89
C SER A 260 -2.07 37.00 1.24
N PRO A 261 -1.79 37.86 0.23
CA PRO A 261 -1.23 39.19 0.49
C PRO A 261 -2.09 40.02 1.42
N GLU A 262 -3.42 39.79 1.40
CA GLU A 262 -4.35 40.53 2.22
C GLU A 262 -4.85 39.74 3.44
N GLY A 263 -4.08 38.72 3.84
CA GLY A 263 -4.35 38.02 5.10
C GLY A 263 -5.51 37.03 5.09
N THR A 264 -5.84 36.46 3.92
CA THR A 264 -6.81 35.38 3.86
C THR A 264 -6.06 34.06 3.61
N PHE A 265 -6.82 32.97 3.54
CA PHE A 265 -6.28 31.66 3.28
C PHE A 265 -7.37 30.77 2.69
N PRO A 266 -7.03 29.61 2.10
CA PRO A 266 -8.04 28.75 1.47
C PRO A 266 -9.00 28.16 2.50
N LEU A 267 -10.24 28.01 2.07
CA LEU A 267 -11.30 27.43 2.88
C LEU A 267 -11.71 26.11 2.22
N PHE A 268 -11.34 25.00 2.87
CA PHE A 268 -11.63 23.69 2.33
C PHE A 268 -11.70 22.72 3.51
N GLY A 269 -12.40 21.61 3.27
CA GLY A 269 -12.54 20.55 4.25
C GLY A 269 -13.55 20.91 5.34
N ARG A 270 -13.82 19.92 6.19
CA ARG A 270 -14.81 20.11 7.25
C ARG A 270 -14.22 20.92 8.39
N SER A 271 -15.12 21.37 9.28
CA SER A 271 -14.75 22.13 10.47
C SER A 271 -13.99 23.42 10.15
N MET A 272 -14.48 24.13 9.13
CA MET A 272 -13.93 25.43 8.77
C MET A 272 -14.28 26.50 9.81
N THR A 273 -15.25 26.20 10.69
CA THR A 273 -15.53 27.07 11.83
C THR A 273 -14.43 27.17 12.89
N TYR A 274 -13.35 26.40 12.74
CA TYR A 274 -12.25 26.48 13.70
C TYR A 274 -11.32 27.67 13.47
N ARG A 275 -11.62 28.50 12.46
CA ARG A 275 -10.98 29.80 12.30
C ARG A 275 -9.46 29.68 12.27
N LEU A 276 -8.73 30.30 13.24
CA LEU A 276 -7.29 30.33 13.15
C LEU A 276 -6.62 29.08 13.70
N GLY A 277 -7.44 28.10 14.12
CA GLY A 277 -6.94 26.79 14.48
C GLY A 277 -6.16 26.14 13.34
N VAL A 278 -6.43 26.56 12.10
CA VAL A 278 -5.69 26.07 10.94
C VAL A 278 -4.18 26.32 11.04
N PHE A 279 -3.76 27.29 11.86
CA PHE A 279 -2.36 27.66 11.96
C PHE A 279 -1.63 27.04 13.14
N GLN A 280 -2.28 26.13 13.86
CA GLN A 280 -1.66 25.54 15.03
C GLN A 280 -0.23 25.02 14.76
N PRO A 281 0.07 24.29 13.65
CA PRO A 281 1.43 23.84 13.38
C PRO A 281 2.45 24.97 13.28
N LEU A 282 2.08 26.05 12.59
CA LEU A 282 2.94 27.21 12.44
C LEU A 282 3.16 27.91 13.78
N SER A 283 2.10 28.05 14.57
CA SER A 283 2.22 28.57 15.92
C SER A 283 3.06 27.69 16.83
N MET A 284 2.94 26.37 16.67
CA MET A 284 3.74 25.47 17.48
C MET A 284 5.22 25.53 17.10
N LEU A 285 5.50 25.51 15.79
CA LEU A 285 6.88 25.66 15.31
C LEU A 285 7.50 26.92 15.89
N SER A 286 6.71 27.99 15.95
CA SER A 286 7.18 29.27 16.43
C SER A 286 7.47 29.21 17.93
N TRP A 287 6.48 28.74 18.71
CA TRP A 287 6.62 28.63 20.14
C TRP A 287 7.80 27.75 20.58
N LYS A 288 7.95 26.59 19.91
CA LYS A 288 8.99 25.64 20.27
C LYS A 288 10.30 25.94 19.54
N GLU A 289 10.32 27.01 18.74
CA GLU A 289 11.53 27.50 18.10
C GLU A 289 12.17 26.46 17.17
N PHE A 290 11.36 25.80 16.35
CA PHE A 290 11.96 25.02 15.28
C PHE A 290 11.31 25.32 13.93
N LEU A 291 11.12 26.62 13.66
CA LEU A 291 10.79 27.07 12.33
C LEU A 291 11.93 26.61 11.42
N PRO A 292 11.65 26.11 10.20
CA PRO A 292 12.72 25.75 9.27
C PRO A 292 13.39 27.03 8.78
N GLU A 293 14.60 26.90 8.24
CA GLU A 293 15.35 28.06 7.79
C GLU A 293 14.63 28.86 6.70
N GLU A 294 13.74 28.20 5.95
CA GLU A 294 12.92 28.88 4.95
C GLU A 294 11.99 29.97 5.52
N LEU A 295 11.69 29.90 6.83
CA LEU A 295 10.75 30.81 7.47
C LEU A 295 11.44 31.62 8.56
N THR A 296 11.33 32.95 8.48
CA THR A 296 11.84 33.79 9.56
C THR A 296 10.71 34.03 10.55
N GLU A 297 11.08 34.30 11.81
CA GLU A 297 10.08 34.61 12.82
C GLU A 297 9.25 35.83 12.41
N GLY A 298 9.93 36.85 11.89
CA GLY A 298 9.28 38.08 11.48
C GLY A 298 8.21 37.85 10.42
N GLN A 299 8.49 36.99 9.44
CA GLN A 299 7.54 36.76 8.35
C GLN A 299 6.34 35.99 8.90
N VAL A 300 6.61 35.01 9.77
CA VAL A 300 5.53 34.23 10.35
C VAL A 300 4.64 35.08 11.25
N ARG A 301 5.27 35.85 12.15
CA ARG A 301 4.49 36.74 13.00
C ARG A 301 3.64 37.71 12.18
N SER A 302 4.25 38.29 11.13
CA SER A 302 3.55 39.27 10.33
C SER A 302 2.36 38.67 9.57
N ALA A 303 2.57 37.48 8.98
CA ALA A 303 1.53 36.81 8.22
C ALA A 303 0.37 36.41 9.13
N LEU A 304 0.71 35.81 10.28
CA LEU A 304 -0.32 35.39 11.22
C LEU A 304 -1.09 36.57 11.76
N THR A 305 -0.40 37.68 12.07
CA THR A 305 -1.06 38.86 12.56
C THR A 305 -2.03 39.42 11.52
N ALA A 306 -1.60 39.47 10.26
CA ALA A 306 -2.46 39.94 9.19
C ALA A 306 -3.73 39.10 9.08
N ALA A 307 -3.59 37.78 9.13
CA ALA A 307 -4.73 36.87 9.05
C ALA A 307 -5.65 37.05 10.27
N MET A 308 -5.04 37.20 11.44
CA MET A 308 -5.78 37.34 12.68
C MET A 308 -6.56 38.65 12.72
N LYS A 309 -5.90 39.76 12.36
CA LYS A 309 -6.58 41.05 12.33
C LYS A 309 -7.74 41.08 11.34
N ARG A 310 -7.57 40.42 10.19
CA ARG A 310 -8.61 40.47 9.19
C ARG A 310 -9.82 39.63 9.62
N LEU A 311 -9.58 38.45 10.21
CA LEU A 311 -10.67 37.59 10.61
C LEU A 311 -11.41 38.13 11.82
N PHE A 312 -10.67 38.66 12.80
CA PHE A 312 -11.29 39.13 14.02
C PHE A 312 -11.66 40.62 13.99
N ALA A 313 -11.58 41.25 12.83
CA ALA A 313 -12.26 42.53 12.62
C ALA A 313 -13.79 42.37 12.58
N HIS A 314 -14.27 41.14 12.35
CA HIS A 314 -15.70 40.90 12.30
C HIS A 314 -16.25 40.81 13.74
N GLU A 315 -16.98 41.84 14.15
CA GLU A 315 -17.54 41.88 15.49
C GLU A 315 -18.50 40.73 15.76
N ALA A 316 -19.13 40.23 14.70
CA ALA A 316 -20.13 39.18 14.84
C ALA A 316 -19.52 37.82 15.17
N ASN A 317 -18.19 37.74 15.30
CA ASN A 317 -17.54 36.54 15.85
C ASN A 317 -17.91 36.28 17.32
N PHE A 318 -18.34 37.34 18.02
CA PHE A 318 -18.69 37.25 19.43
C PHE A 318 -20.16 37.58 19.64
N ASN A 319 -20.77 36.91 20.60
CA ASN A 319 -22.15 37.21 20.98
C ASN A 319 -22.14 38.24 22.12
N GLU A 320 -23.33 38.63 22.55
CA GLU A 320 -23.52 39.64 23.57
C GLU A 320 -22.81 39.31 24.87
N GLY A 321 -22.80 38.02 25.24
CA GLY A 321 -22.11 37.56 26.44
C GLY A 321 -20.57 37.53 26.33
N GLY A 322 -20.03 37.76 25.13
CA GLY A 322 -18.60 37.74 24.91
C GLY A 322 -18.05 36.37 24.48
N PHE A 323 -18.95 35.43 24.16
CA PHE A 323 -18.55 34.09 23.75
C PHE A 323 -18.47 34.04 22.23
N LEU A 324 -17.61 33.15 21.72
CA LEU A 324 -17.52 32.92 20.29
C LEU A 324 -18.82 32.39 19.71
N ARG A 325 -19.16 32.82 18.50
CA ARG A 325 -20.32 32.32 17.79
C ARG A 325 -19.92 31.34 16.70
N LEU A 326 -20.90 30.56 16.23
CA LEU A 326 -20.71 29.65 15.12
C LEU A 326 -20.47 30.47 13.84
N GLY A 327 -19.32 30.24 13.21
CA GLY A 327 -18.97 30.93 11.99
C GLY A 327 -17.48 30.89 11.70
N PHE A 328 -17.09 31.72 10.73
CA PHE A 328 -15.72 31.82 10.31
C PHE A 328 -15.31 33.29 10.42
N ALA A 329 -15.86 34.13 9.53
CA ALA A 329 -15.66 35.56 9.61
C ALA A 329 -17.02 36.15 9.98
N GLY A 330 -17.30 36.18 11.27
CA GLY A 330 -18.62 36.58 11.72
C GLY A 330 -19.51 35.41 12.07
N HIS A 331 -20.82 35.61 11.91
CA HIS A 331 -21.83 34.66 12.33
C HIS A 331 -22.34 33.93 11.09
N GLN A 332 -21.89 32.69 10.90
CA GLN A 332 -22.20 31.90 9.72
C GLN A 332 -22.56 30.50 10.22
N PRO A 333 -23.73 30.36 10.86
CA PRO A 333 -24.04 29.14 11.61
C PRO A 333 -24.23 27.90 10.73
N ASP A 334 -24.61 28.09 9.47
CA ASP A 334 -24.78 26.94 8.58
C ASP A 334 -23.45 26.30 8.17
N LEU A 335 -22.33 26.96 8.47
CA LEU A 335 -21.01 26.39 8.27
C LEU A 335 -20.69 25.31 9.32
N ALA A 336 -21.45 25.30 10.42
CA ALA A 336 -21.22 24.35 11.49
C ALA A 336 -21.71 22.96 11.10
N ASP A 337 -20.84 21.96 11.32
CA ASP A 337 -21.16 20.56 11.05
C ASP A 337 -22.13 20.07 12.12
N TRP A 338 -22.68 18.87 11.92
CA TRP A 338 -23.66 18.31 12.85
C TRP A 338 -23.11 18.07 14.27
N TYR A 339 -21.79 17.99 14.40
CA TYR A 339 -21.14 17.75 15.69
C TYR A 339 -20.66 19.02 16.39
N THR A 340 -21.02 20.20 15.85
CA THR A 340 -20.44 21.47 16.26
C THR A 340 -21.36 22.36 17.11
N ASN A 341 -20.80 22.93 18.18
CA ASN A 341 -21.46 23.89 19.03
C ASN A 341 -20.49 25.06 19.26
N ASN A 342 -20.91 26.12 19.95
CA ASN A 342 -20.03 27.27 20.03
C ASN A 342 -18.83 27.04 20.97
N GLY A 343 -18.91 26.03 21.85
CA GLY A 343 -17.76 25.57 22.59
C GLY A 343 -16.64 25.05 21.68
N SER A 344 -17.03 24.35 20.62
CA SER A 344 -16.09 23.85 19.62
C SER A 344 -15.22 24.96 19.02
N MET A 345 -15.76 26.18 18.94
CA MET A 345 -15.10 27.30 18.31
C MET A 345 -13.79 27.68 18.99
N TYR A 346 -13.62 27.28 20.26
CA TYR A 346 -12.46 27.69 21.04
C TYR A 346 -11.17 27.01 20.59
N LEU A 347 -11.25 26.10 19.63
CA LEU A 347 -10.05 25.59 18.98
C LEU A 347 -9.26 26.71 18.27
N THR A 348 -9.91 27.84 17.95
CA THR A 348 -9.19 28.97 17.38
C THR A 348 -8.11 29.53 18.30
N SER A 349 -8.16 29.18 19.60
CA SER A 349 -7.14 29.58 20.56
CA SER A 349 -7.14 29.58 20.56
C SER A 349 -5.76 29.02 20.25
N GLU A 350 -5.71 27.96 19.44
CA GLU A 350 -4.46 27.28 19.13
C GLU A 350 -3.48 28.12 18.33
N VAL A 351 -3.94 29.24 17.76
CA VAL A 351 -3.02 30.16 17.11
C VAL A 351 -2.09 30.87 18.11
N PHE A 352 -2.49 30.94 19.39
CA PHE A 352 -1.80 31.79 20.34
C PHE A 352 -0.53 31.21 20.96
N LEU A 353 -0.12 30.02 20.52
CA LEU A 353 0.99 29.34 21.18
C LEU A 353 2.24 30.22 21.34
N PRO A 354 2.67 31.04 20.35
CA PRO A 354 3.91 31.80 20.54
C PRO A 354 3.84 32.93 21.56
N LEU A 355 2.67 33.22 22.13
CA LEU A 355 2.59 34.05 23.31
C LEU A 355 3.33 33.41 24.50
N GLY A 356 3.62 32.11 24.42
CA GLY A 356 4.47 31.45 25.40
C GLY A 356 5.94 31.80 25.33
N LEU A 357 6.35 32.47 24.25
CA LEU A 357 7.65 33.11 24.18
C LEU A 357 7.53 34.47 24.85
N PRO A 358 8.51 34.89 25.66
CA PRO A 358 8.45 36.20 26.32
C PRO A 358 8.28 37.37 25.35
N ALA A 359 7.78 38.49 25.89
CA ALA A 359 7.60 39.72 25.11
C ALA A 359 8.90 40.23 24.50
N ASP A 360 10.04 39.92 25.13
CA ASP A 360 11.34 40.36 24.63
C ASP A 360 12.08 39.32 23.79
N HIS A 361 11.37 38.24 23.41
CA HIS A 361 11.93 37.23 22.54
C HIS A 361 11.95 37.74 21.09
N SER A 362 12.94 37.28 20.32
CA SER A 362 13.09 37.67 18.92
C SER A 362 11.83 37.47 18.08
N PHE A 363 11.01 36.46 18.40
CA PHE A 363 9.78 36.24 17.66
C PHE A 363 8.90 37.49 17.68
N TRP A 364 8.88 38.17 18.84
CA TRP A 364 8.05 39.34 19.05
C TRP A 364 8.75 40.66 18.74
N THR A 365 10.07 40.72 18.89
CA THR A 365 10.78 41.99 18.74
C THR A 365 11.42 42.16 17.36
N SER A 366 11.59 41.08 16.61
CA SER A 366 12.21 41.17 15.30
C SER A 366 11.38 42.04 14.36
N PRO A 367 12.01 42.72 13.38
CA PRO A 367 11.26 43.51 12.41
C PRO A 367 10.23 42.68 11.64
N ALA A 368 9.10 43.31 11.30
CA ALA A 368 8.12 42.73 10.41
C ALA A 368 8.79 42.37 9.09
N GLU A 369 8.32 41.30 8.45
CA GLU A 369 8.83 40.89 7.16
C GLU A 369 7.63 40.56 6.30
N GLU A 370 7.82 40.67 4.98
CA GLU A 370 6.78 40.29 4.04
C GLU A 370 6.77 38.78 3.88
N TRP A 371 5.56 38.23 3.85
CA TRP A 371 5.37 36.80 3.65
C TRP A 371 5.39 36.48 2.15
N THR A 372 5.41 35.19 1.84
CA THR A 372 5.71 34.74 0.50
C THR A 372 4.79 35.31 -0.57
N THR A 373 3.47 35.16 -0.38
CA THR A 373 2.53 35.63 -1.41
C THR A 373 2.55 37.14 -1.54
N LYS A 374 2.79 37.83 -0.42
CA LYS A 374 2.87 39.28 -0.43
C LYS A 374 4.02 39.76 -1.31
N LYS A 375 5.19 39.12 -1.15
CA LYS A 375 6.32 39.41 -2.03
C LYS A 375 5.97 39.08 -3.49
N ALA A 376 5.38 37.90 -3.70
CA ALA A 376 5.11 37.40 -5.03
C ALA A 376 4.23 38.36 -5.83
N TRP A 377 3.09 38.76 -5.24
CA TRP A 377 2.16 39.62 -5.94
C TRP A 377 2.59 41.08 -6.07
N GLN A 378 3.63 41.48 -5.31
CA GLN A 378 4.27 42.77 -5.51
C GLN A 378 5.21 42.77 -6.72
N GLY A 379 5.47 41.59 -7.29
CA GLY A 379 6.44 41.46 -8.36
C GLY A 379 7.89 41.37 -7.90
N ASP A 380 8.08 41.14 -6.60
CA ASP A 380 9.39 41.07 -5.98
C ASP A 380 9.92 39.65 -5.96
N PRO A 381 11.25 39.45 -5.78
CA PRO A 381 11.79 38.08 -5.62
C PRO A 381 11.13 37.35 -4.47
N PHE A 382 10.84 36.07 -4.68
CA PHE A 382 10.39 35.20 -3.61
C PHE A 382 10.93 33.80 -3.88
N PRO A 383 11.12 32.97 -2.84
CA PRO A 383 11.78 31.69 -3.02
C PRO A 383 10.99 30.62 -3.78
N LYS A 384 11.73 29.82 -4.54
CA LYS A 384 11.26 28.56 -5.08
C LYS A 384 10.86 27.65 -3.93
N ASP A 385 9.81 26.85 -4.14
CA ASP A 385 9.41 25.84 -3.19
C ASP A 385 9.82 24.46 -3.74
N HIS A 386 10.06 23.51 -2.85
CA HIS A 386 10.47 22.17 -3.25
C HIS A 386 9.78 21.16 -2.31
N ALA A 387 9.40 20.03 -2.86
CA ALA A 387 8.87 18.92 -2.09
C ALA A 387 9.94 18.38 -1.16
N VAL A 388 9.51 17.86 -0.01
CA VAL A 388 10.36 17.00 0.79
C VAL A 388 9.77 15.59 0.67
N ARG A 389 10.45 14.72 -0.06
CA ARG A 389 9.89 13.44 -0.44
C ARG A 389 10.48 12.26 0.37
N TYR A 390 11.35 12.56 1.33
CA TYR A 390 12.22 11.57 1.95
C TYR A 390 11.87 11.23 3.40
N LEU A 391 10.68 11.61 3.85
CA LEU A 391 10.31 11.49 5.25
C LEU A 391 9.32 10.32 5.49
N GLU B 2 -15.09 45.22 -22.43
CA GLU B 2 -16.11 45.47 -21.41
C GLU B 2 -16.40 44.22 -20.61
N ASN B 3 -16.89 43.16 -21.29
CA ASN B 3 -17.31 41.96 -20.58
C ASN B 3 -16.08 41.12 -20.22
N ASP B 4 -16.23 40.10 -19.37
CA ASP B 4 -15.10 39.29 -19.00
C ASP B 4 -14.42 38.68 -20.23
N ARG B 5 -15.22 38.23 -21.20
CA ARG B 5 -14.67 37.54 -22.36
C ARG B 5 -13.65 38.40 -23.10
N ALA B 6 -13.94 39.69 -23.27
CA ALA B 6 -13.06 40.60 -23.97
C ALA B 6 -11.71 40.76 -23.29
N TYR B 7 -11.69 40.74 -21.96
CA TYR B 7 -10.43 40.71 -21.24
C TYR B 7 -9.63 39.44 -21.56
N TRP B 8 -10.31 38.28 -21.51
CA TRP B 8 -9.66 37.00 -21.77
C TRP B 8 -9.10 36.91 -23.19
N THR B 9 -9.89 37.30 -24.19
CA THR B 9 -9.46 37.20 -25.58
C THR B 9 -8.33 38.19 -25.86
N GLY B 10 -8.40 39.39 -25.26
CA GLY B 10 -7.33 40.36 -25.39
C GLY B 10 -6.00 39.80 -24.85
N LEU B 11 -6.05 39.15 -23.68
CA LEU B 11 -4.85 38.58 -23.11
C LEU B 11 -4.36 37.37 -23.91
N ALA B 12 -5.26 36.47 -24.31
CA ALA B 12 -4.86 35.31 -25.09
C ALA B 12 -4.21 35.73 -26.40
N TYR B 13 -4.80 36.75 -27.05
CA TYR B 13 -4.22 37.29 -28.28
C TYR B 13 -2.83 37.88 -28.06
N ARG B 14 -2.70 38.67 -26.99
CA ARG B 14 -1.42 39.27 -26.63
C ARG B 14 -0.33 38.23 -26.37
N ILE B 15 -0.70 37.11 -25.74
CA ILE B 15 0.25 36.03 -25.51
C ILE B 15 0.57 35.30 -26.80
N ALA B 16 -0.46 34.98 -27.59
CA ALA B 16 -0.30 34.14 -28.76
C ALA B 16 0.36 34.81 -29.96
N ALA B 17 0.01 36.08 -30.22
CA ALA B 17 0.34 36.68 -31.51
C ALA B 17 1.83 36.82 -31.80
N PRO B 18 2.69 37.24 -30.84
CA PRO B 18 4.14 37.32 -31.10
C PRO B 18 4.76 35.97 -31.46
N VAL B 19 4.27 34.90 -30.83
CA VAL B 19 4.76 33.56 -31.13
C VAL B 19 4.33 33.17 -32.55
N LEU B 20 3.02 33.22 -32.81
CA LEU B 20 2.47 32.64 -34.01
C LEU B 20 2.79 33.46 -35.26
N GLU B 21 2.79 34.78 -35.14
CA GLU B 21 3.13 35.61 -36.28
C GLU B 21 4.57 35.36 -36.72
N ASN B 22 5.49 35.27 -35.77
CA ASN B 22 6.88 35.00 -36.08
C ASN B 22 7.11 33.60 -36.62
N MET B 23 6.50 32.60 -35.96
CA MET B 23 6.71 31.23 -36.37
C MET B 23 6.06 30.93 -37.71
N SER B 24 4.97 31.63 -38.04
CA SER B 24 4.27 31.42 -39.30
CA SER B 24 4.28 31.41 -39.29
C SER B 24 5.16 31.70 -40.51
N LYS B 25 6.14 32.58 -40.33
CA LYS B 25 7.06 32.91 -41.42
C LYS B 25 8.48 32.41 -41.15
N GLY B 26 8.60 31.41 -40.28
CA GLY B 26 9.87 30.80 -39.95
C GLY B 26 10.87 31.75 -39.29
N GLU B 27 10.38 32.70 -38.47
CA GLU B 27 11.26 33.63 -37.77
C GLU B 27 11.13 33.61 -36.24
N LEU B 28 10.61 32.52 -35.68
CA LEU B 28 10.51 32.45 -34.22
C LEU B 28 11.90 32.41 -33.59
N LYS B 29 12.75 31.48 -34.06
CA LYS B 29 14.11 31.39 -33.52
C LYS B 29 14.88 32.67 -33.83
N LYS B 30 14.64 33.27 -35.00
CA LYS B 30 15.30 34.51 -35.36
C LYS B 30 14.94 35.67 -34.43
N ASN B 31 13.66 35.82 -34.09
CA ASN B 31 13.17 37.02 -33.42
C ASN B 31 12.84 36.87 -31.95
N MET B 32 12.63 35.64 -31.47
CA MET B 32 12.15 35.47 -30.10
C MET B 32 13.26 35.82 -29.12
N GLN B 33 12.94 36.77 -28.23
CA GLN B 33 13.81 37.12 -27.12
C GLN B 33 13.67 36.01 -26.08
N VAL B 34 14.73 35.18 -25.98
CA VAL B 34 14.80 33.96 -25.20
C VAL B 34 15.52 34.16 -23.87
N GLU B 35 14.98 33.52 -22.81
CA GLU B 35 15.50 33.67 -21.46
C GLU B 35 15.52 32.27 -20.82
N VAL B 36 16.65 31.92 -20.21
CA VAL B 36 16.74 30.67 -19.47
C VAL B 36 16.90 30.94 -17.98
N SER B 37 16.54 29.93 -17.18
CA SER B 37 16.70 29.97 -15.74
C SER B 37 18.11 30.38 -15.34
N PRO B 38 18.28 31.18 -14.26
CA PRO B 38 19.62 31.39 -13.69
C PRO B 38 20.33 30.10 -13.26
N THR B 39 19.58 29.01 -13.00
CA THR B 39 20.19 27.72 -12.67
C THR B 39 20.04 26.69 -13.80
N TRP B 40 20.04 27.18 -15.05
CA TRP B 40 19.85 26.35 -16.23
C TRP B 40 20.86 25.22 -16.26
N ASP B 41 20.38 23.97 -16.43
CA ASP B 41 21.21 22.79 -16.34
C ASP B 41 22.15 22.50 -17.51
N GLY B 42 22.17 23.40 -18.52
CA GLY B 42 23.08 23.26 -19.65
C GLY B 42 22.53 22.50 -20.86
N ARG B 43 21.26 22.07 -20.81
CA ARG B 43 20.65 21.38 -21.94
C ARG B 43 20.57 22.32 -23.15
N ASP B 44 20.32 21.74 -24.32
CA ASP B 44 20.20 22.51 -25.55
C ASP B 44 19.04 23.50 -25.43
N LYS B 45 19.34 24.80 -25.60
CA LYS B 45 18.37 25.87 -25.47
C LYS B 45 17.28 25.90 -26.54
N ASP B 46 17.48 25.16 -27.63
CA ASP B 46 16.48 25.05 -28.66
C ASP B 46 15.21 24.34 -28.20
N VAL B 47 15.25 23.65 -27.05
CA VAL B 47 14.03 23.12 -26.45
C VAL B 47 13.00 24.22 -26.23
N THR B 48 13.46 25.46 -26.05
CA THR B 48 12.60 26.60 -25.77
C THR B 48 11.46 26.76 -26.76
N TYR B 49 11.75 26.55 -28.05
CA TYR B 49 10.79 26.88 -29.10
C TYR B 49 9.63 25.89 -29.13
N MET B 50 9.89 24.60 -28.89
CA MET B 50 8.79 23.65 -28.81
C MET B 50 7.97 23.86 -27.53
N GLU B 51 8.63 24.22 -26.43
CA GLU B 51 7.91 24.51 -25.20
C GLU B 51 6.91 25.64 -25.44
N CYS B 52 7.42 26.70 -26.06
CA CYS B 52 6.62 27.86 -26.38
C CYS B 52 5.42 27.50 -27.24
N PHE B 53 5.71 26.92 -28.41
CA PHE B 53 4.67 26.66 -29.40
C PHE B 53 3.65 25.62 -28.93
N GLY B 54 4.15 24.51 -28.38
CA GLY B 54 3.28 23.43 -27.97
C GLY B 54 2.36 23.81 -26.81
N ARG B 55 2.93 24.47 -25.79
CA ARG B 55 2.13 24.84 -24.62
C ARG B 55 1.10 25.90 -25.00
N LEU B 56 1.50 26.84 -25.88
CA LEU B 56 0.56 27.85 -26.37
C LEU B 56 -0.62 27.19 -27.07
N MET B 57 -0.32 26.30 -28.03
CA MET B 57 -1.36 25.74 -28.86
C MET B 57 -2.32 24.88 -28.04
N SER B 58 -1.79 24.16 -27.05
CA SER B 58 -2.64 23.37 -26.18
C SER B 58 -3.73 24.24 -25.54
N GLY B 59 -3.32 25.41 -25.03
CA GLY B 59 -4.23 26.28 -24.29
C GLY B 59 -5.24 27.06 -25.14
N ILE B 60 -4.84 27.45 -26.34
CA ILE B 60 -5.72 28.23 -27.20
C ILE B 60 -6.48 27.38 -28.23
N ALA B 61 -6.19 26.08 -28.29
CA ALA B 61 -6.85 25.22 -29.27
C ALA B 61 -8.38 25.26 -29.12
N PRO B 62 -8.96 25.19 -27.91
CA PRO B 62 -10.42 25.29 -27.78
C PRO B 62 -10.99 26.58 -28.38
N TRP B 63 -10.37 27.72 -28.04
CA TRP B 63 -10.78 28.99 -28.62
C TRP B 63 -10.82 28.93 -30.14
N LEU B 64 -9.74 28.41 -30.74
CA LEU B 64 -9.63 28.38 -32.19
C LEU B 64 -10.52 27.31 -32.83
N SER B 65 -11.12 26.43 -32.01
CA SER B 65 -12.06 25.44 -32.52
C SER B 65 -13.45 26.00 -32.81
N LEU B 66 -13.72 27.24 -32.39
CA LEU B 66 -15.02 27.83 -32.61
C LEU B 66 -15.33 28.04 -34.10
N PRO B 67 -16.61 27.95 -34.51
CA PRO B 67 -17.02 28.33 -35.86
C PRO B 67 -16.64 29.77 -36.18
N ASP B 68 -16.32 30.01 -37.45
CA ASP B 68 -15.89 31.33 -37.89
C ASP B 68 -17.05 32.30 -37.91
N ASP B 69 -16.73 33.57 -37.66
CA ASP B 69 -17.64 34.68 -37.84
C ASP B 69 -16.74 35.88 -38.10
N ASP B 70 -17.37 37.00 -38.47
CA ASP B 70 -16.64 38.21 -38.81
C ASP B 70 -16.73 39.31 -37.77
N THR B 71 -16.97 38.95 -36.49
CA THR B 71 -16.81 39.87 -35.38
C THR B 71 -15.33 40.17 -35.16
N ASP B 72 -15.00 41.18 -34.35
CA ASP B 72 -13.61 41.45 -34.01
C ASP B 72 -12.91 40.21 -33.44
N GLU B 73 -13.56 39.52 -32.49
CA GLU B 73 -12.98 38.30 -31.95
C GLU B 73 -12.82 37.23 -33.03
N GLY B 74 -13.83 37.08 -33.89
CA GLY B 74 -13.79 36.15 -35.01
C GLY B 74 -12.59 36.38 -35.94
N ARG B 75 -12.29 37.65 -36.21
CA ARG B 75 -11.12 38.01 -37.00
C ARG B 75 -9.83 37.61 -36.32
N GLN B 76 -9.71 37.83 -35.00
CA GLN B 76 -8.56 37.38 -34.24
C GLN B 76 -8.38 35.87 -34.26
N ARG B 77 -9.48 35.13 -34.11
CA ARG B 77 -9.42 33.68 -34.18
C ARG B 77 -8.89 33.20 -35.54
N LYS B 78 -9.44 33.78 -36.61
CA LYS B 78 -9.00 33.42 -37.96
C LYS B 78 -7.51 33.70 -38.15
N GLN B 79 -7.06 34.86 -37.67
CA GLN B 79 -5.67 35.26 -37.85
C GLN B 79 -4.74 34.34 -37.07
N LEU B 80 -5.08 34.06 -35.82
CA LEU B 80 -4.30 33.16 -35.00
C LEU B 80 -4.24 31.76 -35.60
N ARG B 81 -5.39 31.27 -36.08
CA ARG B 81 -5.44 29.95 -36.68
C ARG B 81 -4.61 29.88 -37.95
N ALA B 82 -4.69 30.90 -38.82
CA ALA B 82 -3.90 30.94 -40.04
C ALA B 82 -2.41 30.87 -39.74
N TRP B 83 -1.96 31.66 -38.77
CA TRP B 83 -0.59 31.65 -38.34
C TRP B 83 -0.18 30.31 -37.73
N ALA B 84 -1.07 29.71 -36.95
CA ALA B 84 -0.80 28.44 -36.30
C ALA B 84 -0.61 27.34 -37.35
N LEU B 85 -1.47 27.31 -38.38
CA LEU B 85 -1.35 26.30 -39.42
C LEU B 85 0.00 26.34 -40.15
N LYS B 86 0.48 27.54 -40.47
CA LYS B 86 1.80 27.70 -41.07
C LYS B 86 2.89 27.32 -40.08
N SER B 87 2.70 27.67 -38.82
CA SER B 87 3.65 27.33 -37.76
C SER B 87 3.80 25.82 -37.57
N TYR B 88 2.67 25.10 -37.56
CA TYR B 88 2.71 23.64 -37.47
C TYR B 88 3.56 23.04 -38.60
N ALA B 89 3.41 23.59 -39.81
CA ALA B 89 4.15 23.11 -40.95
C ALA B 89 5.65 23.34 -40.81
N HIS B 90 6.04 24.55 -40.38
CA HIS B 90 7.44 24.88 -40.16
C HIS B 90 8.06 23.99 -39.09
N ALA B 91 7.28 23.70 -38.04
CA ALA B 91 7.80 22.99 -36.89
C ALA B 91 8.36 21.61 -37.22
N VAL B 92 7.85 20.99 -38.28
CA VAL B 92 8.27 19.65 -38.67
C VAL B 92 8.95 19.60 -40.03
N ASP B 93 9.16 20.74 -40.65
CA ASP B 93 9.87 20.78 -41.93
C ASP B 93 11.37 20.84 -41.64
N PRO B 94 12.15 19.78 -41.95
CA PRO B 94 13.56 19.75 -41.56
C PRO B 94 14.39 20.87 -42.17
N GLU B 95 13.92 21.44 -43.29
CA GLU B 95 14.58 22.57 -43.94
C GLU B 95 14.14 23.95 -43.44
N SER B 96 13.09 24.03 -42.62
CA SER B 96 12.65 25.31 -42.10
C SER B 96 13.62 25.83 -41.03
N PRO B 97 13.90 27.15 -40.98
CA PRO B 97 14.62 27.74 -39.86
C PRO B 97 13.99 27.45 -38.50
N ASP B 98 12.67 27.21 -38.48
CA ASP B 98 11.95 26.97 -37.24
C ASP B 98 11.63 25.49 -36.96
N TYR B 99 12.32 24.59 -37.67
CA TYR B 99 12.25 23.17 -37.35
C TYR B 99 12.55 22.99 -35.86
N LEU B 100 11.68 22.29 -35.14
CA LEU B 100 11.84 22.14 -33.70
C LEU B 100 12.84 21.04 -33.37
N LEU B 101 13.28 21.03 -32.12
CA LEU B 101 14.19 20.01 -31.63
C LEU B 101 13.43 18.73 -31.28
N TRP B 102 13.27 17.85 -32.27
CA TRP B 102 12.50 16.63 -32.13
C TRP B 102 13.32 15.41 -31.70
N ARG B 103 14.56 15.37 -32.15
CA ARG B 103 15.31 14.12 -32.24
C ARG B 103 16.37 13.93 -31.16
N ASN B 104 16.61 14.95 -30.33
CA ASN B 104 17.57 14.86 -29.26
C ASN B 104 16.88 15.36 -28.00
N GLU B 105 17.39 14.93 -26.83
CA GLU B 105 16.88 15.32 -25.53
C GLU B 105 15.62 14.53 -25.20
N GLY B 106 15.27 14.52 -23.91
CA GLY B 106 14.02 13.93 -23.43
C GLY B 106 12.87 14.94 -23.39
N GLN B 107 13.20 16.22 -23.16
CA GLN B 107 12.22 17.29 -23.06
C GLN B 107 11.21 17.34 -24.22
N PRO B 108 11.58 17.03 -25.49
CA PRO B 108 10.59 17.05 -26.56
C PRO B 108 9.36 16.19 -26.34
N LEU B 109 9.48 15.11 -25.54
CA LEU B 109 8.31 14.32 -25.23
C LEU B 109 7.26 15.16 -24.51
N VAL B 110 7.73 16.02 -23.60
CA VAL B 110 6.84 16.91 -22.86
C VAL B 110 6.06 17.78 -23.83
N ASP B 111 6.80 18.51 -24.66
CA ASP B 111 6.15 19.57 -25.41
C ASP B 111 5.42 19.01 -26.63
N ALA B 112 5.88 17.86 -27.14
CA ALA B 112 5.13 17.14 -28.15
C ALA B 112 3.76 16.71 -27.63
N ALA B 113 3.67 16.37 -26.33
CA ALA B 113 2.41 16.00 -25.74
C ALA B 113 1.46 17.21 -25.74
N TYR B 114 1.98 18.42 -25.53
CA TYR B 114 1.17 19.62 -25.60
C TYR B 114 0.75 19.91 -27.05
N ILE B 115 1.64 19.68 -28.02
CA ILE B 115 1.22 19.73 -29.41
C ILE B 115 0.08 18.73 -29.69
N ALA B 116 0.25 17.48 -29.23
CA ALA B 116 -0.76 16.46 -29.41
C ALA B 116 -2.07 16.89 -28.76
N SER B 117 -1.98 17.52 -27.58
CA SER B 117 -3.14 18.07 -26.90
C SER B 117 -3.89 19.05 -27.80
N SER B 118 -3.14 19.93 -28.49
CA SER B 118 -3.76 20.91 -29.36
C SER B 118 -4.55 20.24 -30.47
N PHE B 119 -3.99 19.18 -31.08
CA PHE B 119 -4.67 18.44 -32.13
C PHE B 119 -5.88 17.66 -31.63
N LEU B 120 -5.78 17.09 -30.42
CA LEU B 120 -6.91 16.40 -29.80
C LEU B 120 -8.04 17.36 -29.41
N ARG B 121 -7.69 18.60 -29.07
CA ARG B 121 -8.68 19.57 -28.65
C ARG B 121 -9.35 20.30 -29.79
N ALA B 122 -8.68 20.39 -30.95
CA ALA B 122 -9.25 21.03 -32.12
C ALA B 122 -8.84 20.32 -33.42
N PRO B 123 -9.21 19.04 -33.60
CA PRO B 123 -8.74 18.26 -34.75
C PRO B 123 -9.18 18.85 -36.09
N LYS B 124 -10.44 19.30 -36.18
CA LYS B 124 -10.95 19.78 -37.45
C LYS B 124 -10.28 21.08 -37.90
N GLN B 125 -9.88 21.90 -36.93
CA GLN B 125 -9.36 23.23 -37.21
C GLN B 125 -7.84 23.27 -37.27
N LEU B 126 -7.15 22.38 -36.53
CA LEU B 126 -5.70 22.45 -36.41
C LEU B 126 -4.94 21.28 -37.02
N TRP B 127 -5.58 20.11 -37.10
CA TRP B 127 -4.94 18.94 -37.68
C TRP B 127 -5.36 18.72 -39.12
N GLU B 128 -6.67 18.59 -39.34
CA GLU B 128 -7.21 18.24 -40.64
C GLU B 128 -6.76 19.13 -41.78
N PRO B 129 -6.66 20.48 -41.62
CA PRO B 129 -6.22 21.35 -42.71
C PRO B 129 -4.73 21.28 -43.07
N LEU B 130 -3.92 20.62 -42.25
CA LEU B 130 -2.50 20.48 -42.58
C LEU B 130 -2.35 19.65 -43.84
N ASP B 131 -1.37 20.00 -44.68
CA ASP B 131 -1.13 19.23 -45.89
C ASP B 131 -0.62 17.84 -45.53
N GLU B 132 -0.73 16.92 -46.50
CA GLU B 132 -0.43 15.52 -46.27
C GLU B 132 1.03 15.28 -45.88
N VAL B 133 1.95 16.05 -46.47
CA VAL B 133 3.37 15.94 -46.13
C VAL B 133 3.62 16.34 -44.68
N THR B 134 2.99 17.43 -44.24
CA THR B 134 3.08 17.87 -42.86
C THR B 134 2.51 16.83 -41.90
N LYS B 135 1.36 16.24 -42.24
CA LYS B 135 0.76 15.22 -41.40
C LYS B 135 1.70 14.03 -41.24
N GLU B 136 2.26 13.56 -42.36
CA GLU B 136 3.19 12.44 -42.36
C GLU B 136 4.41 12.74 -41.49
N ARG B 137 4.90 13.99 -41.56
CA ARG B 137 6.01 14.42 -40.74
C ARG B 137 5.69 14.40 -39.24
N TYR B 138 4.50 14.87 -38.87
CA TYR B 138 4.08 14.81 -37.48
C TYR B 138 4.02 13.37 -36.98
N ILE B 139 3.43 12.49 -37.79
CA ILE B 139 3.30 11.10 -37.38
C ILE B 139 4.68 10.49 -37.12
N ALA B 140 5.63 10.74 -38.04
CA ALA B 140 6.98 10.24 -37.89
C ALA B 140 7.70 10.86 -36.69
N GLU B 141 7.54 12.18 -36.49
CA GLU B 141 8.17 12.84 -35.35
C GLU B 141 7.59 12.35 -34.02
N PHE B 142 6.26 12.14 -33.97
CA PHE B 142 5.67 11.62 -32.76
C PHE B 142 6.12 10.18 -32.47
N GLN B 143 6.18 9.34 -33.51
CA GLN B 143 6.57 7.96 -33.34
C GLN B 143 8.02 7.80 -32.84
N GLN B 144 8.93 8.68 -33.30
CA GLN B 144 10.33 8.53 -32.91
C GLN B 144 10.56 8.93 -31.45
N LEU B 145 9.60 9.61 -30.82
CA LEU B 145 9.68 9.91 -29.40
C LEU B 145 9.67 8.67 -28.51
N ARG B 146 9.30 7.52 -29.07
CA ARG B 146 9.41 6.26 -28.34
C ARG B 146 10.83 5.89 -27.94
N ARG B 147 11.83 6.60 -28.50
CA ARG B 147 13.21 6.45 -28.07
C ARG B 147 13.43 6.89 -26.62
N ILE B 148 12.51 7.71 -26.08
CA ILE B 148 12.67 8.28 -24.76
C ILE B 148 12.15 7.31 -23.69
N ASP B 149 12.97 7.06 -22.67
CA ASP B 149 12.55 6.29 -21.51
C ASP B 149 12.08 7.29 -20.46
N PRO B 150 10.77 7.50 -20.26
CA PRO B 150 10.32 8.62 -19.42
C PRO B 150 10.57 8.39 -17.93
N PRO B 151 10.72 9.48 -17.14
CA PRO B 151 10.65 9.37 -15.69
C PRO B 151 9.33 8.71 -15.28
N TYR B 152 9.37 8.05 -14.13
CA TYR B 152 8.23 7.35 -13.58
C TYR B 152 7.36 8.33 -12.81
N THR B 153 6.79 9.27 -13.56
CA THR B 153 6.13 10.41 -12.99
C THR B 153 4.96 10.76 -13.90
N ASN B 154 4.47 11.99 -13.75
CA ASN B 154 3.50 12.54 -14.69
C ASN B 154 3.93 12.40 -16.15
N TRP B 155 5.23 12.27 -16.43
CA TRP B 155 5.68 12.11 -17.81
C TRP B 155 5.08 10.90 -18.54
N LEU B 156 4.65 9.89 -17.79
CA LEU B 156 3.98 8.76 -18.44
C LEU B 156 2.79 9.22 -19.28
N LEU B 157 2.11 10.29 -18.84
CA LEU B 157 0.96 10.80 -19.56
C LEU B 157 1.33 11.47 -20.88
N PHE B 158 2.57 11.97 -20.99
CA PHE B 158 3.01 12.57 -22.24
C PHE B 158 3.08 11.53 -23.35
N SER B 159 3.70 10.40 -23.00
CA SER B 159 3.74 9.26 -23.88
C SER B 159 2.33 8.78 -24.26
N ALA B 160 1.45 8.68 -23.25
CA ALA B 160 0.07 8.29 -23.49
C ALA B 160 -0.65 9.26 -24.43
N MET B 161 -0.45 10.57 -24.22
CA MET B 161 -1.08 11.58 -25.04
C MET B 161 -0.64 11.51 -26.49
N VAL B 162 0.67 11.36 -26.71
CA VAL B 162 1.17 11.24 -28.07
C VAL B 162 0.59 10.02 -28.78
N GLU B 163 0.57 8.88 -28.10
CA GLU B 163 0.06 7.65 -28.68
C GLU B 163 -1.45 7.72 -28.92
N THR B 164 -2.15 8.42 -28.03
CA THR B 164 -3.59 8.61 -28.18
C THR B 164 -3.89 9.44 -29.42
N PHE B 165 -3.10 10.50 -29.63
CA PHE B 165 -3.19 11.27 -30.85
C PHE B 165 -2.95 10.40 -32.08
N LEU B 166 -1.87 9.61 -32.06
CA LEU B 166 -1.57 8.73 -33.19
C LEU B 166 -2.72 7.78 -33.47
N MET B 167 -3.33 7.24 -32.40
CA MET B 167 -4.47 6.36 -32.53
C MET B 167 -5.62 7.08 -33.23
N LYS B 168 -5.94 8.28 -32.75
CA LYS B 168 -7.03 9.08 -33.29
C LYS B 168 -6.76 9.51 -34.73
N ALA B 169 -5.48 9.77 -35.06
CA ALA B 169 -5.10 10.18 -36.41
C ALA B 169 -5.12 9.04 -37.42
N GLY B 170 -5.28 7.80 -36.95
CA GLY B 170 -5.27 6.64 -37.84
C GLY B 170 -3.86 6.12 -38.15
N ALA B 171 -2.87 6.52 -37.35
CA ALA B 171 -1.50 6.07 -37.54
C ALA B 171 -1.23 4.85 -36.65
N GLN B 172 -0.06 4.24 -36.83
CA GLN B 172 0.39 3.16 -35.96
C GLN B 172 0.67 3.73 -34.57
N TYR B 173 0.05 3.13 -33.55
CA TYR B 173 0.16 3.61 -32.18
C TYR B 173 0.48 2.44 -31.25
N ASP B 174 0.96 2.80 -30.05
CA ASP B 174 1.38 1.80 -29.07
C ASP B 174 0.42 1.82 -27.88
N MET B 175 -0.51 0.85 -27.87
CA MET B 175 -1.52 0.79 -26.83
C MET B 175 -0.86 0.53 -25.47
N TYR B 176 0.26 -0.19 -25.45
CA TYR B 176 0.93 -0.48 -24.18
C TYR B 176 1.33 0.80 -23.45
N ARG B 177 1.86 1.77 -24.19
CA ARG B 177 2.19 3.06 -23.62
C ARG B 177 0.98 3.79 -23.02
N ILE B 178 -0.16 3.67 -23.71
CA ILE B 178 -1.38 4.28 -23.19
C ILE B 178 -1.84 3.57 -21.92
N HIS B 179 -1.94 2.25 -22.01
CA HIS B 179 -2.54 1.47 -20.94
C HIS B 179 -1.67 1.48 -19.69
N SER B 180 -0.35 1.33 -19.85
CA SER B 180 0.53 1.35 -18.69
C SER B 180 0.47 2.69 -17.95
N ALA B 181 0.36 3.79 -18.71
CA ALA B 181 0.27 5.11 -18.14
C ALA B 181 -1.00 5.30 -17.32
N ILE B 182 -2.15 4.93 -17.90
CA ILE B 182 -3.40 5.15 -17.19
C ILE B 182 -3.50 4.27 -15.94
N ARG B 183 -2.91 3.07 -15.97
CA ARG B 183 -2.85 2.24 -14.78
C ARG B 183 -2.03 2.92 -13.68
N LYS B 184 -0.86 3.47 -14.03
CA LYS B 184 -0.04 4.11 -13.01
C LYS B 184 -0.72 5.34 -12.42
N ILE B 185 -1.33 6.16 -13.29
CA ILE B 185 -1.98 7.36 -12.81
C ILE B 185 -3.07 7.00 -11.81
N ASP B 186 -3.87 5.98 -12.13
CA ASP B 186 -4.90 5.52 -11.21
C ASP B 186 -4.31 5.00 -9.89
N GLU B 187 -3.20 4.24 -9.98
CA GLU B 187 -2.50 3.76 -8.80
C GLU B 187 -1.94 4.90 -7.94
N TRP B 188 -1.67 6.04 -8.57
CA TRP B 188 -1.14 7.21 -7.87
C TRP B 188 -2.21 8.16 -7.31
N TYR B 189 -3.48 7.78 -7.43
CA TYR B 189 -4.53 8.56 -6.79
C TYR B 189 -4.39 8.40 -5.28
N VAL B 190 -4.29 9.53 -4.58
CA VAL B 190 -4.10 9.53 -3.14
C VAL B 190 -5.45 9.61 -2.44
N GLY B 191 -6.31 10.49 -2.90
CA GLY B 191 -7.62 10.62 -2.30
C GLY B 191 -8.06 12.08 -2.32
N ASP B 192 -9.35 12.26 -2.07
CA ASP B 192 -10.00 13.55 -2.02
C ASP B 192 -9.56 14.53 -3.11
N GLY B 193 -9.50 13.99 -4.34
CA GLY B 193 -9.19 14.77 -5.52
C GLY B 193 -7.72 14.89 -5.92
N TRP B 194 -6.82 14.32 -5.10
CA TRP B 194 -5.38 14.50 -5.30
C TRP B 194 -4.68 13.23 -5.78
N TYR B 195 -3.75 13.40 -6.72
CA TYR B 195 -2.85 12.36 -7.19
C TYR B 195 -1.41 12.67 -6.80
N SER B 196 -0.58 11.61 -6.65
CA SER B 196 0.86 11.77 -6.51
C SER B 196 1.50 11.85 -7.90
N ASP B 197 2.52 12.70 -7.98
CA ASP B 197 3.32 12.85 -9.18
C ASP B 197 4.43 11.80 -9.15
N GLY B 198 4.05 10.57 -9.50
CA GLY B 198 4.93 9.44 -9.30
C GLY B 198 4.67 8.75 -7.97
N GLU B 199 5.65 7.96 -7.54
CA GLU B 199 5.44 7.08 -6.41
C GLU B 199 5.42 7.85 -5.09
N HIS B 200 5.95 9.08 -5.06
CA HIS B 200 5.98 9.90 -3.86
C HIS B 200 5.06 11.10 -4.04
N PHE B 201 4.19 11.35 -3.06
CA PHE B 201 3.30 12.49 -3.14
C PHE B 201 4.11 13.78 -3.01
N ALA B 202 3.80 14.75 -3.88
CA ALA B 202 4.37 16.08 -3.79
C ALA B 202 3.19 17.04 -3.76
N PHE B 203 3.26 17.99 -2.83
CA PHE B 203 2.20 18.98 -2.74
C PHE B 203 2.55 20.11 -3.70
N ASP B 204 2.00 20.04 -4.90
CA ASP B 204 2.30 21.02 -5.94
C ASP B 204 1.17 21.03 -6.95
N TYR B 205 1.30 21.85 -8.00
CA TYR B 205 0.23 22.01 -8.95
C TYR B 205 0.35 21.15 -10.21
N TYR B 206 1.18 20.10 -10.18
CA TYR B 206 1.26 19.20 -11.31
C TYR B 206 -0.04 18.42 -11.53
N ASN B 207 -0.88 18.30 -10.51
CA ASN B 207 -2.24 17.82 -10.71
C ASN B 207 -2.98 18.66 -11.74
N SER B 208 -2.70 19.97 -11.74
CA SER B 208 -3.27 20.90 -12.72
C SER B 208 -2.51 20.97 -14.03
N TYR B 209 -1.18 21.02 -13.95
CA TYR B 209 -0.39 21.23 -15.15
C TYR B 209 -0.48 20.07 -16.13
N VAL B 210 -0.56 18.86 -15.58
CA VAL B 210 -0.45 17.63 -16.35
C VAL B 210 -1.50 16.59 -15.97
N ILE B 211 -1.49 16.17 -14.70
CA ILE B 211 -2.02 14.86 -14.39
C ILE B 211 -3.52 14.75 -14.71
N GLN B 212 -4.35 15.59 -14.11
CA GLN B 212 -5.77 15.35 -14.24
C GLN B 212 -6.26 15.70 -15.65
N PRO B 213 -5.88 16.85 -16.25
CA PRO B 213 -6.33 17.15 -17.61
C PRO B 213 -5.91 16.12 -18.65
N MET B 214 -4.66 15.64 -18.59
CA MET B 214 -4.23 14.65 -19.56
C MET B 214 -4.81 13.26 -19.32
N TYR B 215 -4.96 12.87 -18.04
CA TYR B 215 -5.55 11.60 -17.72
C TYR B 215 -6.99 11.56 -18.26
N VAL B 216 -7.76 12.62 -17.97
CA VAL B 216 -9.12 12.71 -18.47
C VAL B 216 -9.19 12.67 -19.99
N GLN B 217 -8.32 13.43 -20.66
CA GLN B 217 -8.30 13.47 -22.12
C GLN B 217 -8.01 12.11 -22.74
N VAL B 218 -7.02 11.39 -22.18
CA VAL B 218 -6.68 10.07 -22.69
C VAL B 218 -7.87 9.11 -22.52
N LEU B 219 -8.45 9.11 -21.31
CA LEU B 219 -9.58 8.24 -21.04
C LEU B 219 -10.78 8.56 -21.92
N GLN B 220 -10.98 9.84 -22.20
CA GLN B 220 -12.10 10.26 -23.03
C GLN B 220 -12.00 9.65 -24.44
N VAL B 221 -10.79 9.69 -25.02
CA VAL B 221 -10.59 9.11 -26.34
C VAL B 221 -10.80 7.59 -26.33
N LEU B 222 -10.24 6.92 -25.31
CA LEU B 222 -10.46 5.49 -25.18
C LEU B 222 -11.93 5.13 -25.00
N ALA B 223 -12.65 5.93 -24.20
CA ALA B 223 -14.06 5.69 -23.95
C ALA B 223 -14.88 5.93 -25.20
N ASP B 224 -14.56 6.99 -25.96
CA ASP B 224 -15.28 7.29 -27.21
C ASP B 224 -15.11 6.20 -28.26
N ARG B 225 -13.93 5.59 -28.31
CA ARG B 225 -13.66 4.47 -29.20
C ARG B 225 -14.35 3.17 -28.76
N ASP B 226 -14.47 3.03 -27.43
CA ASP B 226 -15.11 1.85 -26.87
C ASP B 226 -16.59 1.98 -27.22
N ALA B 227 -17.13 3.18 -27.07
CA ALA B 227 -18.55 3.42 -27.22
C ALA B 227 -18.94 3.24 -28.68
N ALA B 228 -18.01 3.47 -29.62
CA ALA B 228 -18.27 3.35 -31.04
C ALA B 228 -18.38 1.92 -31.59
N LEU B 229 -18.30 0.90 -30.72
CA LEU B 229 -18.31 -0.49 -31.16
C LEU B 229 -19.71 -1.12 -31.11
N LYS B 232 -20.87 -3.93 -28.44
CA LYS B 232 -19.97 -4.77 -27.64
C LYS B 232 -20.33 -4.86 -26.16
N ALA B 233 -21.29 -4.05 -25.68
CA ALA B 233 -21.57 -3.92 -24.26
C ALA B 233 -20.59 -2.94 -23.61
N PRO B 234 -21.06 -2.03 -22.71
CA PRO B 234 -20.18 -1.02 -22.13
C PRO B 234 -18.91 -1.61 -21.51
N GLY B 235 -17.76 -1.04 -21.89
CA GLY B 235 -16.49 -1.35 -21.26
C GLY B 235 -16.19 -0.73 -19.89
N ALA B 236 -15.19 -1.30 -19.20
CA ALA B 236 -14.67 -0.80 -17.95
C ALA B 236 -14.01 0.58 -18.08
N VAL B 237 -13.53 0.91 -19.28
CA VAL B 237 -12.98 2.21 -19.54
C VAL B 237 -13.97 3.32 -19.26
N GLN B 238 -15.27 3.11 -19.53
CA GLN B 238 -16.26 4.13 -19.21
C GLN B 238 -16.29 4.47 -17.71
N LYS B 239 -16.22 3.40 -16.91
CA LYS B 239 -16.20 3.57 -15.46
C LYS B 239 -14.94 4.31 -15.02
N GLU B 240 -13.78 3.99 -15.63
CA GLU B 240 -12.54 4.69 -15.33
C GLU B 240 -12.64 6.18 -15.65
N LEU B 241 -13.24 6.50 -16.79
CA LEU B 241 -13.44 7.89 -17.19
C LEU B 241 -14.37 8.60 -16.22
N ASP B 242 -15.48 7.96 -15.85
CA ASP B 242 -16.41 8.52 -14.88
C ASP B 242 -15.72 8.86 -13.55
N THR B 243 -14.91 7.93 -13.04
CA THR B 243 -14.14 8.18 -11.82
C THR B 243 -13.14 9.32 -11.99
N ALA B 244 -12.44 9.35 -13.13
CA ALA B 244 -11.47 10.40 -13.39
C ALA B 244 -12.13 11.77 -13.42
N LYS B 245 -13.31 11.85 -14.03
CA LYS B 245 -14.06 13.09 -14.07
C LYS B 245 -14.52 13.54 -12.69
N LYS B 246 -15.01 12.60 -11.88
CA LYS B 246 -15.44 12.91 -10.52
C LYS B 246 -14.28 13.39 -9.65
N ARG B 247 -13.12 12.77 -9.81
CA ARG B 247 -11.93 13.22 -9.10
C ARG B 247 -11.56 14.63 -9.52
N MET B 248 -11.62 14.91 -10.82
CA MET B 248 -11.25 16.23 -11.28
C MET B 248 -12.28 17.29 -10.86
N GLN B 249 -13.56 16.89 -10.77
CA GLN B 249 -14.58 17.77 -10.23
C GLN B 249 -14.24 18.19 -8.80
N ARG B 250 -13.82 17.23 -7.97
CA ARG B 250 -13.41 17.54 -6.62
C ARG B 250 -12.20 18.46 -6.59
N PHE B 251 -11.20 18.18 -7.44
CA PHE B 251 -10.03 19.02 -7.51
C PHE B 251 -10.41 20.45 -7.95
N GLY B 252 -11.37 20.56 -8.87
CA GLY B 252 -11.91 21.86 -9.28
C GLY B 252 -12.52 22.65 -8.12
N ILE B 253 -13.31 21.96 -7.27
CA ILE B 253 -13.87 22.59 -6.07
C ILE B 253 -12.75 23.10 -5.17
N ILE B 254 -11.70 22.31 -5.00
CA ILE B 254 -10.55 22.73 -4.22
C ILE B 254 -9.88 23.96 -4.84
N LEU B 255 -9.65 23.95 -6.16
CA LEU B 255 -9.01 25.07 -6.82
C LEU B 255 -9.82 26.37 -6.67
N GLU B 256 -11.14 26.28 -6.76
CA GLU B 256 -11.96 27.46 -6.61
C GLU B 256 -11.83 28.02 -5.20
N ARG B 257 -11.73 27.12 -4.21
CA ARG B 257 -11.55 27.53 -2.82
C ARG B 257 -10.15 28.05 -2.48
N PHE B 258 -9.21 27.87 -3.41
CA PHE B 258 -7.88 28.47 -3.32
C PHE B 258 -7.85 29.95 -3.70
N ILE B 259 -8.83 30.39 -4.49
CA ILE B 259 -8.85 31.77 -4.96
C ILE B 259 -9.33 32.66 -3.82
N SER B 260 -8.47 33.62 -3.46
CA SER B 260 -8.73 34.55 -2.38
C SER B 260 -9.73 35.61 -2.80
N PRO B 261 -10.30 36.37 -1.84
CA PRO B 261 -11.25 37.43 -2.18
C PRO B 261 -10.68 38.46 -3.14
N GLU B 262 -9.36 38.66 -3.11
CA GLU B 262 -8.70 39.64 -3.97
C GLU B 262 -7.95 39.00 -5.14
N GLY B 263 -8.32 37.77 -5.49
CA GLY B 263 -7.85 37.14 -6.71
C GLY B 263 -6.43 36.58 -6.67
N THR B 264 -5.98 36.18 -5.48
CA THR B 264 -4.71 35.49 -5.35
C THR B 264 -4.97 34.02 -5.02
N PHE B 265 -3.90 33.24 -4.90
CA PHE B 265 -3.99 31.83 -4.59
C PHE B 265 -2.68 31.39 -3.96
N PRO B 266 -2.63 30.21 -3.29
CA PRO B 266 -1.41 29.76 -2.64
C PRO B 266 -0.30 29.46 -3.64
N LEU B 267 0.93 29.76 -3.22
CA LEU B 267 2.11 29.50 -4.03
C LEU B 267 2.93 28.41 -3.34
N PHE B 268 2.95 27.21 -3.94
CA PHE B 268 3.65 26.09 -3.35
C PHE B 268 4.05 25.15 -4.47
N GLY B 269 5.07 24.35 -4.18
CA GLY B 269 5.57 23.36 -5.10
C GLY B 269 6.42 23.96 -6.21
N ARG B 270 7.01 23.09 -7.01
CA ARG B 270 7.86 23.50 -8.10
C ARG B 270 7.04 24.05 -9.27
N SER B 271 7.74 24.72 -10.18
CA SER B 271 7.17 25.27 -11.39
C SER B 271 6.03 26.27 -11.12
N MET B 272 6.27 27.14 -10.13
CA MET B 272 5.32 28.21 -9.84
C MET B 272 5.31 29.29 -10.92
N THR B 273 6.32 29.28 -11.81
CA THR B 273 6.33 30.14 -12.98
C THR B 273 5.28 29.82 -14.03
N TYR B 274 4.50 28.75 -13.86
CA TYR B 274 3.44 28.44 -14.80
C TYR B 274 2.18 29.29 -14.61
N ARG B 275 2.19 30.21 -13.64
CA ARG B 275 1.16 31.25 -13.54
C ARG B 275 -0.24 30.65 -13.49
N LEU B 276 -1.11 30.97 -14.46
CA LEU B 276 -2.50 30.53 -14.37
C LEU B 276 -2.72 29.11 -14.87
N GLY B 277 -1.62 28.43 -15.25
CA GLY B 277 -1.67 27.01 -15.56
C GLY B 277 -2.20 26.19 -14.39
N VAL B 278 -2.11 26.73 -13.17
CA VAL B 278 -2.68 26.08 -11.99
C VAL B 278 -4.18 25.82 -12.10
N PHE B 279 -4.87 26.57 -12.96
CA PHE B 279 -6.31 26.46 -13.08
C PHE B 279 -6.79 25.58 -14.22
N GLN B 280 -5.86 24.91 -14.92
CA GLN B 280 -6.27 24.10 -16.05
C GLN B 280 -7.45 23.17 -15.75
N PRO B 281 -7.51 22.43 -14.62
CA PRO B 281 -8.67 21.56 -14.34
C PRO B 281 -10.00 22.31 -14.28
N LEU B 282 -9.99 23.48 -13.62
CA LEU B 282 -11.19 24.30 -13.51
C LEU B 282 -11.61 24.84 -14.88
N SER B 283 -10.63 25.28 -15.67
CA SER B 283 -10.90 25.70 -17.05
C SER B 283 -11.40 24.56 -17.93
N MET B 284 -10.89 23.35 -17.71
CA MET B 284 -11.34 22.21 -18.48
C MET B 284 -12.76 21.80 -18.09
N LEU B 285 -13.05 21.75 -16.79
CA LEU B 285 -14.40 21.47 -16.31
C LEU B 285 -15.38 22.44 -16.95
N SER B 286 -14.97 23.71 -17.05
CA SER B 286 -15.81 24.76 -17.59
C SER B 286 -16.05 24.56 -19.09
N TRP B 287 -14.96 24.39 -19.83
CA TRP B 287 -15.03 24.19 -21.27
C TRP B 287 -15.85 22.96 -21.66
N LYS B 288 -15.64 21.85 -20.94
CA LYS B 288 -16.31 20.59 -21.26
C LYS B 288 -17.66 20.48 -20.55
N GLU B 289 -18.04 21.52 -19.81
CA GLU B 289 -19.35 21.62 -19.19
C GLU B 289 -19.62 20.47 -18.22
N PHE B 290 -18.67 20.13 -17.35
CA PHE B 290 -19.01 19.25 -16.26
C PHE B 290 -18.49 19.80 -14.92
N LEU B 291 -18.71 21.09 -14.71
CA LEU B 291 -18.53 21.66 -13.38
C LEU B 291 -19.48 20.91 -12.45
N PRO B 292 -19.05 20.57 -11.21
CA PRO B 292 -19.96 19.93 -10.27
C PRO B 292 -21.01 20.93 -9.83
N GLU B 293 -22.13 20.43 -9.29
CA GLU B 293 -23.23 21.28 -8.86
C GLU B 293 -22.81 22.31 -7.82
N GLU B 294 -21.74 22.02 -7.04
CA GLU B 294 -21.21 22.98 -6.07
C GLU B 294 -20.72 24.29 -6.69
N LEU B 295 -20.38 24.27 -7.99
CA LEU B 295 -19.79 25.41 -8.67
C LEU B 295 -20.70 25.90 -9.80
N THR B 296 -21.04 27.19 -9.80
CA THR B 296 -21.75 27.78 -10.92
C THR B 296 -20.75 28.33 -11.93
N GLU B 297 -21.17 28.42 -13.20
CA GLU B 297 -20.31 28.99 -14.22
C GLU B 297 -19.94 30.43 -13.87
N GLY B 298 -20.91 31.19 -13.39
CA GLY B 298 -20.70 32.58 -13.04
C GLY B 298 -19.62 32.75 -11.96
N GLN B 299 -19.63 31.88 -10.94
CA GLN B 299 -18.66 32.03 -9.86
C GLN B 299 -17.27 31.66 -10.37
N VAL B 300 -17.19 30.62 -11.22
CA VAL B 300 -15.92 30.20 -11.76
C VAL B 300 -15.35 31.26 -12.70
N ARG B 301 -16.17 31.75 -13.63
CA ARG B 301 -15.73 32.82 -14.51
C ARG B 301 -15.25 34.04 -13.71
N SER B 302 -16.02 34.42 -12.70
CA SER B 302 -15.69 35.60 -11.91
C SER B 302 -14.38 35.45 -11.15
N ALA B 303 -14.19 34.28 -10.51
CA ALA B 303 -13.00 34.02 -9.73
C ALA B 303 -11.76 33.97 -10.63
N LEU B 304 -11.88 33.26 -11.76
CA LEU B 304 -10.76 33.14 -12.67
C LEU B 304 -10.40 34.50 -13.29
N THR B 305 -11.41 35.28 -13.65
CA THR B 305 -11.16 36.62 -14.17
C THR B 305 -10.43 37.50 -13.15
N ALA B 306 -10.87 37.45 -11.88
CA ALA B 306 -10.21 38.20 -10.84
C ALA B 306 -8.73 37.84 -10.71
N ALA B 307 -8.44 36.53 -10.71
CA ALA B 307 -7.07 36.06 -10.63
C ALA B 307 -6.24 36.49 -11.85
N MET B 308 -6.87 36.39 -13.01
CA MET B 308 -6.20 36.73 -14.26
C MET B 308 -5.88 38.23 -14.34
N LYS B 309 -6.87 39.07 -14.01
CA LYS B 309 -6.66 40.51 -14.04
C LYS B 309 -5.56 40.96 -13.07
N ARG B 310 -5.52 40.33 -11.90
CA ARG B 310 -4.54 40.75 -10.91
C ARG B 310 -3.13 40.34 -11.31
N LEU B 311 -2.97 39.12 -11.84
CA LEU B 311 -1.66 38.62 -12.22
C LEU B 311 -1.12 39.33 -13.46
N PHE B 312 -1.99 39.55 -14.44
CA PHE B 312 -1.53 40.14 -15.69
C PHE B 312 -1.66 41.66 -15.73
N ALA B 313 -1.95 42.28 -14.58
CA ALA B 313 -1.71 43.72 -14.44
C ALA B 313 -0.22 44.04 -14.39
N HIS B 314 0.65 43.05 -14.12
CA HIS B 314 2.09 43.28 -14.08
C HIS B 314 2.64 43.31 -15.51
N GLU B 315 3.02 44.51 -15.97
CA GLU B 315 3.55 44.69 -17.31
C GLU B 315 4.84 43.88 -17.52
N ALA B 316 5.58 43.65 -16.43
CA ALA B 316 6.87 42.98 -16.51
C ALA B 316 6.73 41.48 -16.80
N ASN B 317 5.50 40.97 -16.92
CA ASN B 317 5.27 39.61 -17.41
C ASN B 317 5.73 39.42 -18.87
N PHE B 318 5.80 40.52 -19.62
CA PHE B 318 6.19 40.50 -21.02
C PHE B 318 7.47 41.28 -21.25
N ASN B 319 8.30 40.79 -22.17
CA ASN B 319 9.51 41.50 -22.56
C ASN B 319 9.21 42.41 -23.75
N GLU B 320 10.24 43.13 -24.21
CA GLU B 320 10.09 44.09 -25.30
C GLU B 320 9.54 43.49 -26.58
N GLY B 321 9.93 42.25 -26.87
CA GLY B 321 9.42 41.53 -28.02
C GLY B 321 7.97 41.04 -27.91
N GLY B 322 7.38 41.14 -26.71
CA GLY B 322 6.03 40.69 -26.47
C GLY B 322 5.93 39.24 -25.96
N PHE B 323 7.07 38.66 -25.60
CA PHE B 323 7.12 37.28 -25.13
C PHE B 323 7.04 37.27 -23.61
N LEU B 324 6.50 36.18 -23.07
CA LEU B 324 6.45 35.98 -21.63
C LEU B 324 7.87 35.91 -21.05
N ARG B 325 8.02 36.47 -19.86
CA ARG B 325 9.28 36.42 -19.13
C ARG B 325 9.20 35.39 -18.00
N LEU B 326 10.37 35.00 -17.52
CA LEU B 326 10.46 34.13 -16.34
C LEU B 326 9.95 34.87 -15.11
N GLY B 327 8.93 34.29 -14.46
CA GLY B 327 8.37 34.90 -13.27
C GLY B 327 6.96 34.39 -12.98
N PHE B 328 6.31 35.09 -12.05
CA PHE B 328 4.97 34.75 -11.64
C PHE B 328 4.12 36.02 -11.83
N ALA B 329 4.35 37.02 -10.98
CA ALA B 329 3.69 38.31 -11.14
C ALA B 329 4.80 39.29 -11.54
N GLY B 330 5.09 39.35 -12.83
CA GLY B 330 6.20 40.14 -13.30
C GLY B 330 7.43 39.30 -13.61
N HIS B 331 8.59 39.90 -13.44
CA HIS B 331 9.87 39.32 -13.81
C HIS B 331 10.56 38.87 -12.52
N GLN B 332 10.53 37.56 -12.27
CA GLN B 332 11.06 36.98 -11.05
C GLN B 332 11.88 35.78 -11.48
N PRO B 333 13.05 36.00 -12.13
CA PRO B 333 13.74 34.92 -12.83
C PRO B 333 14.29 33.83 -11.91
N ASP B 334 14.59 34.16 -10.66
CA ASP B 334 15.11 33.18 -9.73
C ASP B 334 14.06 32.16 -9.28
N LEU B 335 12.79 32.42 -9.59
CA LEU B 335 11.72 31.44 -9.39
C LEU B 335 11.79 30.26 -10.37
N ALA B 336 12.53 30.44 -11.47
CA ALA B 336 12.63 29.44 -12.50
C ALA B 336 13.52 28.28 -12.04
N ASP B 337 13.00 27.06 -12.20
CA ASP B 337 13.73 25.83 -11.89
C ASP B 337 14.82 25.62 -12.94
N TRP B 338 15.72 24.66 -12.68
CA TRP B 338 16.84 24.41 -13.57
C TRP B 338 16.43 23.95 -14.97
N TYR B 339 15.20 23.44 -15.12
CA TYR B 339 14.68 22.96 -16.39
C TYR B 339 13.82 23.98 -17.14
N THR B 340 13.78 25.23 -16.64
CA THR B 340 12.83 26.24 -17.10
C THR B 340 13.45 27.33 -17.99
N ASN B 341 12.73 27.65 -19.08
CA ASN B 341 13.08 28.75 -19.99
C ASN B 341 11.80 29.53 -20.25
N ASN B 342 11.85 30.63 -21.01
CA ASN B 342 10.66 31.45 -21.12
C ASN B 342 9.62 30.80 -22.05
N GLY B 343 10.03 29.83 -22.88
CA GLY B 343 9.08 29.00 -23.60
C GLY B 343 8.19 28.19 -22.67
N SER B 344 8.76 27.70 -21.56
CA SER B 344 8.02 26.94 -20.54
C SER B 344 6.83 27.74 -20.01
N MET B 345 6.96 29.08 -19.99
CA MET B 345 5.95 29.95 -19.40
C MET B 345 4.58 29.84 -20.09
N TYR B 346 4.58 29.36 -21.35
CA TYR B 346 3.36 29.34 -22.15
C TYR B 346 2.35 28.31 -21.67
N LEU B 347 2.71 27.50 -20.68
CA LEU B 347 1.71 26.67 -20.00
C LEU B 347 0.60 27.49 -19.34
N THR B 348 0.85 28.77 -19.08
CA THR B 348 -0.21 29.63 -18.54
C THR B 348 -1.40 29.79 -19.50
N SER B 349 -1.22 29.41 -20.77
CA SER B 349 -2.30 29.44 -21.74
CA SER B 349 -2.30 29.44 -21.75
C SER B 349 -3.44 28.47 -21.42
N GLU B 350 -3.15 27.48 -20.56
CA GLU B 350 -4.12 26.45 -20.23
C GLU B 350 -5.33 26.97 -19.45
N VAL B 351 -5.27 28.20 -18.92
CA VAL B 351 -6.44 28.81 -18.31
C VAL B 351 -7.53 29.14 -19.33
N PHE B 352 -7.15 29.29 -20.61
CA PHE B 352 -8.06 29.85 -21.60
C PHE B 352 -9.07 28.87 -22.20
N LEU B 353 -9.08 27.63 -21.72
CA LEU B 353 -9.91 26.62 -22.34
C LEU B 353 -11.38 27.05 -22.54
N PRO B 354 -12.07 27.71 -21.58
CA PRO B 354 -13.48 28.03 -21.79
C PRO B 354 -13.76 29.09 -22.88
N LEU B 355 -12.72 29.71 -23.45
CA LEU B 355 -12.91 30.47 -24.67
C LEU B 355 -13.39 29.59 -25.83
N GLY B 356 -13.26 28.26 -25.69
CA GLY B 356 -13.83 27.32 -26.64
C GLY B 356 -15.36 27.20 -26.58
N LEU B 357 -15.97 27.76 -25.54
CA LEU B 357 -17.40 27.95 -25.50
C LEU B 357 -17.70 29.26 -26.23
N PRO B 358 -18.76 29.33 -27.07
CA PRO B 358 -19.12 30.56 -27.75
C PRO B 358 -19.34 31.76 -26.84
N ALA B 359 -19.20 32.96 -27.41
CA ALA B 359 -19.41 34.20 -26.69
C ALA B 359 -20.82 34.31 -26.10
N ASP B 360 -21.80 33.64 -26.73
CA ASP B 360 -23.18 33.68 -26.25
C ASP B 360 -23.56 32.48 -25.38
N HIS B 361 -22.57 31.69 -24.95
CA HIS B 361 -22.80 30.57 -24.06
C HIS B 361 -22.99 31.10 -22.63
N SER B 362 -23.79 30.37 -21.84
CA SER B 362 -24.07 30.74 -20.46
C SER B 362 -22.82 30.97 -19.61
N PHE B 363 -21.72 30.27 -19.89
CA PHE B 363 -20.51 30.49 -19.13
C PHE B 363 -20.08 31.96 -19.20
N TRP B 364 -20.25 32.56 -20.38
CA TRP B 364 -19.84 33.92 -20.65
C TRP B 364 -20.90 34.97 -20.41
N THR B 365 -22.18 34.60 -20.55
CA THR B 365 -23.26 35.57 -20.44
C THR B 365 -23.93 35.58 -19.07
N SER B 366 -23.76 34.52 -18.28
CA SER B 366 -24.42 34.44 -16.98
C SER B 366 -23.93 35.56 -16.05
N PRO B 367 -24.77 36.02 -15.10
CA PRO B 367 -24.33 37.03 -14.13
C PRO B 367 -23.08 36.62 -13.35
N ALA B 368 -22.25 37.61 -13.02
CA ALA B 368 -21.13 37.41 -12.12
C ALA B 368 -21.67 36.87 -10.78
N GLU B 369 -20.89 36.02 -10.12
CA GLU B 369 -21.26 35.51 -8.82
C GLU B 369 -20.05 35.59 -7.92
N GLU B 370 -20.30 35.65 -6.61
CA GLU B 370 -19.21 35.67 -5.65
C GLU B 370 -18.67 34.27 -5.44
N TRP B 371 -17.35 34.16 -5.37
CA TRP B 371 -16.70 32.90 -5.12
C TRP B 371 -16.62 32.65 -3.61
N THR B 372 -16.22 31.44 -3.24
CA THR B 372 -16.37 30.98 -1.88
C THR B 372 -15.70 31.87 -0.85
N THR B 373 -14.40 32.15 -1.02
CA THR B 373 -13.68 32.94 -0.04
C THR B 373 -14.18 34.38 0.02
N LYS B 374 -14.63 34.90 -1.13
CA LYS B 374 -15.19 36.24 -1.19
C LYS B 374 -16.44 36.34 -0.32
N LYS B 375 -17.32 35.34 -0.43
CA LYS B 375 -18.49 35.28 0.45
C LYS B 375 -18.07 35.15 1.91
N ALA B 376 -17.11 34.25 2.17
CA ALA B 376 -16.70 33.95 3.53
C ALA B 376 -16.18 35.19 4.25
N TRP B 377 -15.24 35.92 3.63
CA TRP B 377 -14.64 37.08 4.27
C TRP B 377 -15.55 38.32 4.30
N GLN B 378 -16.65 38.31 3.55
CA GLN B 378 -17.69 39.32 3.68
C GLN B 378 -18.57 39.07 4.92
N GLY B 379 -18.41 37.91 5.56
CA GLY B 379 -19.27 37.53 6.66
C GLY B 379 -20.61 36.94 6.24
N ASP B 380 -20.73 36.56 4.95
CA ASP B 380 -21.95 36.05 4.39
C ASP B 380 -21.98 34.52 4.45
N PRO B 381 -23.18 33.89 4.28
CA PRO B 381 -23.25 32.44 4.16
C PRO B 381 -22.35 31.92 3.05
N PHE B 382 -21.66 30.80 3.32
CA PHE B 382 -20.95 30.10 2.27
C PHE B 382 -21.00 28.61 2.62
N PRO B 383 -20.92 27.72 1.61
CA PRO B 383 -21.14 26.29 1.86
C PRO B 383 -20.04 25.59 2.64
N LYS B 384 -20.47 24.62 3.45
CA LYS B 384 -19.60 23.62 4.03
C LYS B 384 -18.96 22.82 2.91
N ASP B 385 -17.70 22.42 3.10
CA ASP B 385 -17.00 21.56 2.16
C ASP B 385 -16.96 20.15 2.73
N HIS B 386 -16.94 19.15 1.83
CA HIS B 386 -16.98 17.76 2.24
C HIS B 386 -15.94 16.99 1.45
N ALA B 387 -15.21 16.11 2.13
CA ALA B 387 -14.28 15.21 1.46
C ALA B 387 -15.07 14.25 0.58
N VAL B 388 -14.47 13.84 -0.53
CA VAL B 388 -15.00 12.75 -1.33
C VAL B 388 -13.99 11.61 -1.17
N ARG B 389 -14.36 10.60 -0.39
CA ARG B 389 -13.41 9.58 0.06
C ARG B 389 -13.60 8.25 -0.67
N TYR B 390 -14.53 8.21 -1.63
CA TYR B 390 -15.04 6.97 -2.21
C TYR B 390 -14.58 6.71 -3.66
N LEU B 391 -13.58 7.47 -4.13
CA LEU B 391 -13.17 7.39 -5.53
C LEU B 391 -11.86 6.60 -5.72
N MET C 1 24.54 -46.50 -10.96
CA MET C 1 24.33 -46.67 -9.53
C MET C 1 24.32 -45.32 -8.85
N GLU C 2 25.38 -44.53 -9.09
CA GLU C 2 25.50 -43.19 -8.55
C GLU C 2 25.73 -42.15 -9.65
N ASN C 3 24.89 -42.15 -10.70
CA ASN C 3 25.06 -41.22 -11.81
C ASN C 3 23.76 -40.48 -12.09
N ASP C 4 23.48 -39.48 -11.25
CA ASP C 4 22.29 -38.68 -11.44
C ASP C 4 22.25 -38.03 -12.81
N ARG C 5 23.41 -37.56 -13.31
CA ARG C 5 23.45 -36.83 -14.56
C ARG C 5 22.88 -37.65 -15.71
N ALA C 6 23.24 -38.95 -15.75
CA ALA C 6 22.79 -39.83 -16.82
C ALA C 6 21.26 -39.98 -16.83
N TYR C 7 20.63 -39.99 -15.65
CA TYR C 7 19.18 -39.98 -15.60
C TYR C 7 18.62 -38.70 -16.21
N TRP C 8 19.19 -37.55 -15.83
CA TRP C 8 18.71 -36.27 -16.32
C TRP C 8 18.85 -36.11 -17.83
N THR C 9 20.03 -36.47 -18.37
CA THR C 9 20.26 -36.35 -19.80
C THR C 9 19.38 -37.32 -20.59
N GLY C 10 19.19 -38.53 -20.05
CA GLY C 10 18.28 -39.49 -20.65
C GLY C 10 16.86 -38.93 -20.77
N LEU C 11 16.38 -38.30 -19.70
CA LEU C 11 15.03 -37.75 -19.71
C LEU C 11 14.94 -36.53 -20.63
N ALA C 12 15.91 -35.62 -20.55
CA ALA C 12 15.89 -34.43 -21.38
C ALA C 12 15.92 -34.83 -22.87
N TYR C 13 16.74 -35.83 -23.20
CA TYR C 13 16.80 -36.31 -24.58
C TYR C 13 15.46 -36.90 -25.04
N ARG C 14 14.87 -37.73 -24.16
CA ARG C 14 13.57 -38.33 -24.42
C ARG C 14 12.47 -37.28 -24.67
N ILE C 15 12.50 -36.19 -23.92
CA ILE C 15 11.56 -35.11 -24.11
C ILE C 15 11.84 -34.33 -25.40
N ALA C 16 13.12 -34.01 -25.62
CA ALA C 16 13.51 -33.12 -26.71
C ALA C 16 13.48 -33.74 -28.09
N ALA C 17 13.90 -35.01 -28.21
CA ALA C 17 14.20 -35.57 -29.51
C ALA C 17 13.00 -35.68 -30.45
N PRO C 18 11.80 -36.13 -30.00
CA PRO C 18 10.63 -36.18 -30.86
C PRO C 18 10.22 -34.80 -31.42
N VAL C 19 10.37 -33.75 -30.61
CA VAL C 19 10.08 -32.40 -31.06
C VAL C 19 11.09 -31.97 -32.12
N LEU C 20 12.38 -32.03 -31.76
CA LEU C 20 13.40 -31.41 -32.58
C LEU C 20 13.69 -32.20 -33.85
N GLU C 21 13.64 -33.53 -33.78
CA GLU C 21 13.85 -34.31 -34.99
C GLU C 21 12.76 -34.04 -36.02
N ASN C 22 11.50 -33.97 -35.58
CA ASN C 22 10.41 -33.69 -36.48
C ASN C 22 10.44 -32.25 -37.00
N MET C 23 10.67 -31.28 -36.11
CA MET C 23 10.67 -29.89 -36.52
C MET C 23 11.85 -29.55 -37.42
N SER C 24 12.98 -30.26 -37.25
CA SER C 24 14.16 -30.01 -38.05
C SER C 24 13.90 -30.24 -39.54
N LYS C 25 12.94 -31.10 -39.85
CA LYS C 25 12.61 -31.37 -41.25
C LYS C 25 11.23 -30.86 -41.62
N GLY C 26 10.73 -29.88 -40.86
CA GLY C 26 9.42 -29.28 -41.11
C GLY C 26 8.25 -30.25 -40.98
N GLU C 27 8.33 -31.23 -40.08
CA GLU C 27 7.25 -32.18 -39.87
C GLU C 27 6.68 -32.24 -38.45
N LEU C 28 6.87 -31.17 -37.67
CA LEU C 28 6.31 -31.15 -36.33
C LEU C 28 4.78 -31.12 -36.40
N LYS C 29 4.23 -30.17 -37.16
CA LYS C 29 2.77 -30.10 -37.32
C LYS C 29 2.25 -31.36 -37.98
N LYS C 30 3.00 -31.93 -38.92
CA LYS C 30 2.59 -33.15 -39.58
C LYS C 30 2.48 -34.33 -38.62
N ASN C 31 3.47 -34.50 -37.74
CA ASN C 31 3.61 -35.72 -36.96
C ASN C 31 3.24 -35.63 -35.49
N MET C 32 3.22 -34.42 -34.92
CA MET C 32 3.02 -34.28 -33.49
C MET C 32 1.57 -34.64 -33.13
N GLN C 33 1.45 -35.62 -32.24
CA GLN C 33 0.17 -36.01 -31.68
C GLN C 33 -0.19 -34.94 -30.64
N VAL C 34 -1.19 -34.10 -31.01
CA VAL C 34 -1.61 -32.91 -30.31
C VAL C 34 -2.86 -33.14 -29.45
N GLU C 35 -2.88 -32.53 -28.26
CA GLU C 35 -3.94 -32.72 -27.28
C GLU C 35 -4.27 -31.38 -26.65
N VAL C 36 -5.56 -31.04 -26.59
CA VAL C 36 -5.99 -29.80 -25.94
C VAL C 36 -6.80 -30.10 -24.69
N SER C 37 -6.84 -29.13 -23.78
CA SER C 37 -7.62 -29.21 -22.56
C SER C 37 -9.06 -29.63 -22.84
N PRO C 38 -9.69 -30.46 -21.98
CA PRO C 38 -11.13 -30.67 -22.08
C PRO C 38 -11.97 -29.40 -21.97
N THR C 39 -11.43 -28.32 -21.38
CA THR C 39 -12.11 -27.03 -21.32
C THR C 39 -11.49 -25.97 -22.22
N TRP C 40 -10.91 -26.42 -23.35
CA TRP C 40 -10.21 -25.55 -24.29
C TRP C 40 -11.12 -24.40 -24.74
N ASP C 41 -10.60 -23.16 -24.64
CA ASP C 41 -11.41 -21.96 -24.90
C ASP C 41 -11.71 -21.65 -26.37
N GLY C 42 -11.28 -22.52 -27.29
CA GLY C 42 -11.58 -22.37 -28.71
C GLY C 42 -10.55 -21.59 -29.52
N ARG C 43 -9.44 -21.16 -28.89
CA ARG C 43 -8.40 -20.45 -29.62
C ARG C 43 -7.78 -21.35 -30.68
N ASP C 44 -7.03 -20.73 -31.60
CA ASP C 44 -6.38 -21.46 -32.68
C ASP C 44 -5.37 -22.47 -32.09
N LYS C 45 -5.56 -23.75 -32.42
CA LYS C 45 -4.73 -24.83 -31.89
C LYS C 45 -3.28 -24.82 -32.35
N ASP C 46 -2.98 -24.05 -33.39
CA ASP C 46 -1.60 -23.92 -33.86
C ASP C 46 -0.69 -23.23 -32.85
N VAL C 47 -1.26 -22.59 -31.81
CA VAL C 47 -0.44 -22.07 -30.71
C VAL C 47 0.40 -23.19 -30.08
N THR C 48 -0.09 -24.43 -30.17
CA THR C 48 0.56 -25.59 -29.57
C THR C 48 2.04 -25.71 -29.93
N TYR C 49 2.37 -25.45 -31.20
CA TYR C 49 3.69 -25.74 -31.72
C TYR C 49 4.73 -24.76 -31.19
N MET C 50 4.37 -23.47 -31.06
CA MET C 50 5.29 -22.53 -30.46
C MET C 50 5.47 -22.78 -28.96
N GLU C 51 4.38 -23.18 -28.27
CA GLU C 51 4.49 -23.52 -26.87
C GLU C 51 5.49 -24.65 -26.67
N CYS C 52 5.31 -25.69 -27.48
CA CYS C 52 6.18 -26.84 -27.44
C CYS C 52 7.64 -26.46 -27.67
N PHE C 53 7.90 -25.83 -28.82
CA PHE C 53 9.27 -25.54 -29.22
C PHE C 53 9.95 -24.53 -28.30
N GLY C 54 9.26 -23.42 -28.00
CA GLY C 54 9.82 -22.36 -27.18
C GLY C 54 10.14 -22.82 -25.76
N ARG C 55 9.18 -23.50 -25.13
CA ARG C 55 9.37 -23.95 -23.76
C ARG C 55 10.47 -25.01 -23.67
N LEU C 56 10.51 -25.91 -24.66
CA LEU C 56 11.57 -26.91 -24.73
C LEU C 56 12.94 -26.24 -24.79
N MET C 57 13.10 -25.30 -25.74
CA MET C 57 14.41 -24.73 -25.99
C MET C 57 14.86 -23.91 -24.79
N SER C 58 13.94 -23.23 -24.12
CA SER C 58 14.30 -22.48 -22.92
C SER C 58 14.98 -23.38 -21.90
N GLY C 59 14.40 -24.56 -21.67
CA GLY C 59 14.89 -25.46 -20.64
C GLY C 59 16.18 -26.22 -20.99
N ILE C 60 16.36 -26.58 -22.27
CA ILE C 60 17.55 -27.31 -22.67
C ILE C 60 18.67 -26.45 -23.21
N ALA C 61 18.43 -25.14 -23.35
CA ALA C 61 19.46 -24.25 -23.87
C ALA C 61 20.75 -24.31 -23.05
N PRO C 62 20.71 -24.29 -21.70
CA PRO C 62 21.96 -24.42 -20.93
C PRO C 62 22.74 -25.68 -21.26
N TRP C 63 22.06 -26.82 -21.29
CA TRP C 63 22.69 -28.07 -21.68
C TRP C 63 23.42 -27.95 -23.03
N LEU C 64 22.71 -27.40 -24.02
CA LEU C 64 23.28 -27.29 -25.36
C LEU C 64 24.34 -26.18 -25.48
N SER C 65 24.49 -25.35 -24.44
CA SER C 65 25.54 -24.35 -24.42
C SER C 65 26.91 -24.90 -24.06
N LEU C 66 26.99 -26.17 -23.63
CA LEU C 66 28.25 -26.77 -23.28
C LEU C 66 29.18 -26.88 -24.48
N PRO C 67 30.52 -26.80 -24.28
CA PRO C 67 31.47 -27.11 -25.35
C PRO C 67 31.28 -28.54 -25.88
N ASP C 68 31.54 -28.72 -27.17
CA ASP C 68 31.42 -30.03 -27.78
C ASP C 68 32.49 -30.98 -27.28
N ASP C 69 32.14 -32.26 -27.22
CA ASP C 69 33.09 -33.33 -26.97
C ASP C 69 32.47 -34.56 -27.63
N ASP C 70 33.23 -35.65 -27.67
CA ASP C 70 32.82 -36.88 -28.33
C ASP C 70 32.46 -38.01 -27.37
N THR C 71 32.04 -37.67 -26.14
CA THR C 71 31.42 -38.63 -25.25
C THR C 71 30.02 -38.96 -25.77
N ASP C 72 29.39 -40.00 -25.21
CA ASP C 72 28.01 -40.32 -25.57
C ASP C 72 27.08 -39.11 -25.37
N GLU C 73 27.20 -38.44 -24.22
CA GLU C 73 26.39 -37.26 -23.98
C GLU C 73 26.70 -36.15 -24.99
N GLY C 74 27.99 -35.96 -25.28
CA GLY C 74 28.44 -34.98 -26.27
C GLY C 74 27.80 -35.19 -27.65
N ARG C 75 27.70 -36.46 -28.06
CA ARG C 75 27.05 -36.81 -29.32
C ARG C 75 25.56 -36.46 -29.31
N GLN C 76 24.87 -36.71 -28.19
CA GLN C 76 23.48 -36.32 -28.05
C GLN C 76 23.29 -34.81 -28.13
N ARG C 77 24.17 -34.05 -27.45
CA ARG C 77 24.10 -32.60 -27.51
C ARG C 77 24.26 -32.09 -28.94
N LYS C 78 25.26 -32.63 -29.67
CA LYS C 78 25.46 -32.22 -31.05
C LYS C 78 24.24 -32.50 -31.91
N GLN C 79 23.65 -33.68 -31.73
CA GLN C 79 22.48 -34.05 -32.52
C GLN C 79 21.30 -33.13 -32.24
N LEU C 80 21.02 -32.90 -30.95
CA LEU C 80 19.94 -32.02 -30.53
C LEU C 80 20.17 -30.61 -31.06
N ARG C 81 21.41 -30.11 -30.95
CA ARG C 81 21.71 -28.76 -31.37
C ARG C 81 21.54 -28.59 -32.88
N ALA C 82 22.02 -29.57 -33.66
CA ALA C 82 21.87 -29.53 -35.10
C ALA C 82 20.39 -29.47 -35.50
N TRP C 83 19.58 -30.34 -34.89
CA TRP C 83 18.13 -30.32 -35.10
C TRP C 83 17.49 -28.98 -34.69
N ALA C 84 17.94 -28.43 -33.56
CA ALA C 84 17.38 -27.19 -33.04
C ALA C 84 17.65 -26.04 -34.01
N LEU C 85 18.87 -25.98 -34.56
CA LEU C 85 19.21 -24.90 -35.48
C LEU C 85 18.33 -24.91 -36.73
N LYS C 86 18.07 -26.10 -37.29
CA LYS C 86 17.16 -26.22 -38.41
C LYS C 86 15.73 -25.87 -38.01
N SER C 87 15.34 -26.28 -36.80
CA SER C 87 14.02 -25.97 -36.27
C SER C 87 13.79 -24.47 -36.11
N TYR C 88 14.78 -23.76 -35.56
CA TYR C 88 14.68 -22.31 -35.43
C TYR C 88 14.43 -21.65 -36.78
N ALA C 89 15.12 -22.13 -37.82
CA ALA C 89 14.95 -21.60 -39.16
C ALA C 89 13.55 -21.84 -39.72
N HIS C 90 13.03 -23.06 -39.56
CA HIS C 90 11.67 -23.39 -39.99
C HIS C 90 10.63 -22.55 -39.26
N ALA C 91 10.86 -22.29 -37.99
CA ALA C 91 9.86 -21.63 -37.15
C ALA C 91 9.48 -20.24 -37.66
N VAL C 92 10.41 -19.58 -38.36
CA VAL C 92 10.19 -18.22 -38.84
C VAL C 92 10.21 -18.11 -40.35
N ASP C 93 10.31 -19.24 -41.05
CA ASP C 93 10.25 -19.21 -42.50
C ASP C 93 8.79 -19.28 -42.91
N PRO C 94 8.21 -18.20 -43.51
CA PRO C 94 6.77 -18.18 -43.80
C PRO C 94 6.32 -19.29 -44.76
N GLU C 95 7.27 -19.81 -45.56
CA GLU C 95 7.00 -20.91 -46.48
C GLU C 95 7.19 -22.31 -45.89
N SER C 96 7.74 -22.42 -44.68
CA SER C 96 7.90 -23.73 -44.06
C SER C 96 6.56 -24.27 -43.56
N PRO C 97 6.30 -25.58 -43.69
CA PRO C 97 5.14 -26.20 -43.03
C PRO C 97 5.11 -25.97 -41.52
N ASP C 98 6.27 -25.75 -40.90
CA ASP C 98 6.35 -25.53 -39.46
C ASP C 98 6.48 -24.08 -39.02
N TYR C 99 6.17 -23.15 -39.92
CA TYR C 99 6.08 -21.74 -39.57
C TYR C 99 5.13 -21.61 -38.38
N LEU C 100 5.59 -20.95 -37.31
CA LEU C 100 4.78 -20.85 -36.10
C LEU C 100 3.73 -19.76 -36.21
N LEU C 101 2.76 -19.79 -35.30
CA LEU C 101 1.71 -18.79 -35.27
C LEU C 101 2.22 -17.54 -34.55
N TRP C 102 2.81 -16.62 -35.33
CA TRP C 102 3.41 -15.41 -34.80
C TRP C 102 2.47 -14.22 -34.77
N ARG C 103 1.55 -14.16 -35.75
CA ARG C 103 0.91 -12.91 -36.14
C ARG C 103 -0.53 -12.76 -35.65
N ASN C 104 -1.07 -13.81 -35.04
CA ASN C 104 -2.43 -13.77 -34.53
C ASN C 104 -2.37 -14.29 -33.09
N GLU C 105 -3.37 -13.88 -32.29
CA GLU C 105 -3.50 -14.30 -30.90
C GLU C 105 -2.54 -13.52 -30.01
N GLY C 106 -2.81 -13.55 -28.69
CA GLY C 106 -1.93 -12.98 -27.68
C GLY C 106 -0.88 -13.98 -27.16
N GLN C 107 -1.24 -15.27 -27.16
CA GLN C 107 -0.40 -16.33 -26.67
C GLN C 107 1.03 -16.35 -27.25
N PRO C 108 1.27 -15.99 -28.53
CA PRO C 108 2.65 -15.96 -29.04
C PRO C 108 3.62 -15.10 -28.24
N LEU C 109 3.13 -14.07 -27.55
CA LEU C 109 4.03 -13.28 -26.70
C LEU C 109 4.64 -14.17 -25.62
N VAL C 110 3.82 -15.06 -25.06
CA VAL C 110 4.28 -15.98 -24.04
C VAL C 110 5.42 -16.83 -24.58
N ASP C 111 5.14 -17.53 -25.67
CA ASP C 111 6.07 -18.56 -26.08
C ASP C 111 7.27 -17.96 -26.81
N ALA C 112 7.09 -16.78 -27.43
CA ALA C 112 8.22 -16.04 -27.96
C ALA C 112 9.20 -15.63 -26.86
N ALA C 113 8.68 -15.35 -25.66
CA ALA C 113 9.55 -15.03 -24.54
C ALA C 113 10.39 -16.24 -24.15
N TYR C 114 9.83 -17.45 -24.24
CA TYR C 114 10.60 -18.67 -23.99
C TYR C 114 11.62 -18.92 -25.10
N ILE C 115 11.27 -18.63 -26.35
CA ILE C 115 12.28 -18.65 -27.41
C ILE C 115 13.41 -17.66 -27.09
N ALA C 116 13.05 -16.43 -26.73
CA ALA C 116 14.04 -15.42 -26.38
C ALA C 116 14.91 -15.91 -25.23
N SER C 117 14.29 -16.57 -24.25
CA SER C 117 15.02 -17.17 -23.14
C SER C 117 16.11 -18.13 -23.64
N SER C 118 15.74 -18.97 -24.62
CA SER C 118 16.70 -19.93 -25.17
C SER C 118 17.91 -19.23 -25.78
N PHE C 119 17.68 -18.13 -26.52
CA PHE C 119 18.76 -17.37 -27.11
C PHE C 119 19.61 -16.64 -26.07
N LEU C 120 18.98 -16.10 -25.03
CA LEU C 120 19.70 -15.45 -23.93
C LEU C 120 20.50 -16.43 -23.09
N ARG C 121 20.04 -17.68 -23.01
CA ARG C 121 20.73 -18.69 -22.22
C ARG C 121 21.87 -19.37 -22.98
N ALA C 122 21.79 -19.39 -24.31
CA ALA C 122 22.84 -19.99 -25.12
C ALA C 122 23.07 -19.21 -26.42
N PRO C 123 23.49 -17.92 -26.34
CA PRO C 123 23.56 -17.08 -27.53
C PRO C 123 24.57 -17.58 -28.55
N LYS C 124 25.74 -18.03 -28.09
CA LYS C 124 26.78 -18.43 -29.02
C LYS C 124 26.42 -19.72 -29.75
N GLN C 125 25.64 -20.60 -29.11
CA GLN C 125 25.33 -21.90 -29.66
C GLN C 125 23.99 -21.96 -30.39
N LEU C 126 23.03 -21.09 -30.02
CA LEU C 126 21.69 -21.18 -30.60
C LEU C 126 21.26 -19.96 -31.42
N TRP C 127 21.81 -18.78 -31.12
CA TRP C 127 21.50 -17.58 -31.87
C TRP C 127 22.52 -17.29 -32.96
N GLU C 128 23.78 -17.15 -32.54
CA GLU C 128 24.84 -16.74 -33.46
C GLU C 128 24.97 -17.59 -34.72
N PRO C 129 24.83 -18.94 -34.66
CA PRO C 129 24.93 -19.79 -35.85
C PRO C 129 23.77 -19.70 -36.84
N LEU C 130 22.66 -19.07 -36.46
CA LEU C 130 21.55 -18.91 -37.40
C LEU C 130 21.98 -18.01 -38.55
N ASP C 131 21.52 -18.32 -39.77
CA ASP C 131 21.86 -17.49 -40.90
C ASP C 131 21.20 -16.11 -40.77
N GLU C 132 21.73 -15.15 -41.51
CA GLU C 132 21.32 -13.76 -41.39
C GLU C 132 19.84 -13.55 -41.73
N VAL C 133 19.31 -14.28 -42.70
CA VAL C 133 17.90 -14.18 -43.05
C VAL C 133 17.01 -14.65 -41.91
N THR C 134 17.38 -15.76 -41.28
CA THR C 134 16.68 -16.28 -40.12
C THR C 134 16.74 -15.29 -38.96
N LYS C 135 17.91 -14.70 -38.71
CA LYS C 135 18.04 -13.72 -37.63
C LYS C 135 17.12 -12.53 -37.88
N GLU C 136 17.13 -12.00 -39.10
CA GLU C 136 16.29 -10.86 -39.45
C GLU C 136 14.81 -11.21 -39.30
N ARG C 137 14.43 -12.45 -39.62
CA ARG C 137 13.06 -12.92 -39.42
C ARG C 137 12.67 -12.96 -37.95
N TYR C 138 13.56 -13.47 -37.09
CA TYR C 138 13.30 -13.44 -35.65
C TYR C 138 13.12 -12.03 -35.15
N ILE C 139 14.00 -11.12 -35.56
CA ILE C 139 13.92 -9.74 -35.11
C ILE C 139 12.57 -9.13 -35.50
N ALA C 140 12.15 -9.34 -36.75
CA ALA C 140 10.87 -8.84 -37.23
C ALA C 140 9.70 -9.50 -36.51
N GLU C 141 9.74 -10.82 -36.31
CA GLU C 141 8.68 -11.51 -35.61
C GLU C 141 8.59 -11.07 -34.14
N PHE C 142 9.72 -10.88 -33.49
CA PHE C 142 9.71 -10.38 -32.12
C PHE C 142 9.16 -8.95 -32.03
N GLN C 143 9.58 -8.09 -32.96
CA GLN C 143 9.13 -6.71 -32.96
C GLN C 143 7.63 -6.55 -33.19
N GLN C 144 7.02 -7.41 -34.02
CA GLN C 144 5.60 -7.27 -34.32
C GLN C 144 4.73 -7.72 -33.15
N LEU C 145 5.32 -8.42 -32.18
CA LEU C 145 4.60 -8.80 -30.97
C LEU C 145 4.21 -7.60 -30.12
N ARG C 146 4.77 -6.42 -30.41
CA ARG C 146 4.35 -5.19 -29.76
C ARG C 146 2.90 -4.83 -30.02
N ARG C 147 2.26 -5.50 -31.00
CA ARG C 147 0.82 -5.38 -31.22
C ARG C 147 0.00 -5.88 -30.03
N ILE C 148 0.59 -6.73 -29.19
CA ILE C 148 -0.12 -7.34 -28.08
C ILE C 148 -0.07 -6.41 -26.88
N ASP C 149 -1.24 -6.11 -26.31
CA ASP C 149 -1.32 -5.35 -25.07
C ASP C 149 -1.40 -6.37 -23.94
N PRO C 150 -0.31 -6.64 -23.19
CA PRO C 150 -0.32 -7.74 -22.24
C PRO C 150 -1.24 -7.52 -21.04
N PRO C 151 -1.74 -8.62 -20.44
CA PRO C 151 -2.34 -8.53 -19.11
C PRO C 151 -1.35 -7.91 -18.13
N TYR C 152 -1.89 -7.28 -17.10
CA TYR C 152 -1.12 -6.62 -16.06
C TYR C 152 -0.71 -7.65 -15.02
N THR C 153 0.13 -8.58 -15.46
CA THR C 153 0.46 -9.76 -14.70
C THR C 153 1.91 -10.12 -14.99
N ASN C 154 2.26 -11.37 -14.68
CA ASN C 154 3.56 -11.90 -15.09
C ASN C 154 3.86 -11.72 -16.58
N TRP C 155 2.82 -11.56 -17.42
CA TRP C 155 3.04 -11.33 -18.84
C TRP C 155 3.91 -10.11 -19.17
N LEU C 156 3.97 -9.13 -18.26
CA LEU C 156 4.86 -7.99 -18.50
C LEU C 156 6.29 -8.44 -18.72
N LEU C 157 6.70 -9.54 -18.07
CA LEU C 157 8.05 -10.05 -18.23
C LEU C 157 8.31 -10.65 -19.60
N PHE C 158 7.26 -11.12 -20.27
CA PHE C 158 7.42 -11.67 -21.61
C PHE C 158 7.84 -10.58 -22.59
N SER C 159 7.14 -9.45 -22.51
CA SER C 159 7.49 -8.29 -23.29
C SER C 159 8.90 -7.82 -22.96
N ALA C 160 9.25 -7.76 -21.67
CA ALA C 160 10.59 -7.38 -21.26
C ALA C 160 11.66 -8.33 -21.78
N MET C 161 11.38 -9.63 -21.73
CA MET C 161 12.33 -10.64 -22.20
C MET C 161 12.60 -10.50 -23.70
N VAL C 162 11.54 -10.32 -24.47
CA VAL C 162 11.69 -10.16 -25.90
C VAL C 162 12.52 -8.92 -26.24
N GLU C 163 12.22 -7.79 -25.59
CA GLU C 163 12.92 -6.56 -25.84
C GLU C 163 14.37 -6.63 -25.38
N THR C 164 14.62 -7.35 -24.28
CA THR C 164 15.96 -7.54 -23.76
C THR C 164 16.81 -8.33 -24.77
N PHE C 165 16.21 -9.37 -25.32
CA PHE C 165 16.83 -10.11 -26.40
C PHE C 165 17.16 -9.22 -27.60
N LEU C 166 16.19 -8.42 -28.04
CA LEU C 166 16.40 -7.52 -29.15
C LEU C 166 17.56 -6.56 -28.88
N MET C 167 17.61 -6.05 -27.64
CA MET C 167 18.71 -5.18 -27.23
C MET C 167 20.05 -5.90 -27.38
N LYS C 168 20.12 -7.12 -26.83
CA LYS C 168 21.34 -7.91 -26.87
C LYS C 168 21.73 -8.30 -28.30
N ALA C 169 20.73 -8.53 -29.17
CA ALA C 169 20.97 -8.89 -30.56
C ALA C 169 21.42 -7.73 -31.43
N GLY C 170 21.39 -6.51 -30.91
CA GLY C 170 21.74 -5.32 -31.68
C GLY C 170 20.61 -4.78 -32.54
N ALA C 171 19.37 -5.18 -32.26
CA ALA C 171 18.22 -4.72 -33.01
C ALA C 171 17.59 -3.52 -32.32
N GLN C 172 16.63 -2.89 -32.99
CA GLN C 172 15.81 -1.85 -32.39
C GLN C 172 14.96 -2.47 -31.29
N TYR C 173 15.06 -1.90 -30.08
CA TYR C 173 14.35 -2.41 -28.92
C TYR C 173 13.63 -1.28 -28.20
N ASP C 174 12.67 -1.65 -27.34
CA ASP C 174 11.84 -0.68 -26.65
C ASP C 174 12.17 -0.71 -25.16
N MET C 175 12.98 0.25 -24.71
CA MET C 175 13.43 0.29 -23.34
C MET C 175 12.23 0.47 -22.40
N TYR C 176 11.22 1.21 -22.86
CA TYR C 176 10.05 1.45 -22.01
C TYR C 176 9.39 0.14 -21.59
N ARG C 177 9.25 -0.80 -22.52
CA ARG C 177 8.72 -2.11 -22.20
C ARG C 177 9.54 -2.86 -21.16
N ILE C 178 10.86 -2.73 -21.24
CA ILE C 178 11.73 -3.37 -20.27
C ILE C 178 11.56 -2.71 -18.91
N HIS C 179 11.69 -1.38 -18.89
CA HIS C 179 11.77 -0.64 -17.65
C HIS C 179 10.43 -0.69 -16.91
N SER C 180 9.31 -0.52 -17.63
CA SER C 180 8.01 -0.57 -16.98
C SER C 180 7.76 -1.94 -16.34
N ALA C 181 8.21 -3.00 -17.01
CA ALA C 181 8.03 -4.34 -16.50
C ALA C 181 8.81 -4.57 -15.21
N ILE C 182 10.10 -4.20 -15.21
CA ILE C 182 10.91 -4.45 -14.02
C ILE C 182 10.43 -3.61 -12.83
N ARG C 183 9.92 -2.40 -13.08
CA ARG C 183 9.31 -1.63 -12.01
C ARG C 183 8.10 -2.34 -11.41
N LYS C 184 7.20 -2.87 -12.26
CA LYS C 184 6.01 -3.53 -11.74
C LYS C 184 6.36 -4.79 -10.98
N ILE C 185 7.30 -5.58 -11.50
CA ILE C 185 7.67 -6.81 -10.83
C ILE C 185 8.20 -6.51 -9.43
N ASP C 186 9.04 -5.48 -9.32
CA ASP C 186 9.54 -5.07 -8.03
C ASP C 186 8.42 -4.59 -7.10
N GLU C 187 7.47 -3.84 -7.64
CA GLU C 187 6.31 -3.37 -6.89
C GLU C 187 5.43 -4.53 -6.41
N TRP C 188 5.47 -5.64 -7.12
CA TRP C 188 4.70 -6.83 -6.79
C TRP C 188 5.40 -7.79 -5.84
N TYR C 189 6.59 -7.44 -5.36
CA TYR C 189 7.22 -8.25 -4.34
C TYR C 189 6.43 -8.15 -3.05
N VAL C 190 6.03 -9.29 -2.50
CA VAL C 190 5.21 -9.30 -1.30
C VAL C 190 6.11 -9.42 -0.07
N GLY C 191 7.05 -10.36 -0.12
CA GLY C 191 7.96 -10.52 1.01
C GLY C 191 8.37 -11.98 1.15
N ASP C 192 9.42 -12.17 1.94
CA ASP C 192 9.98 -13.48 2.23
C ASP C 192 10.05 -14.41 1.02
N GLY C 193 10.54 -13.84 -0.09
CA GLY C 193 10.81 -14.58 -1.31
C GLY C 193 9.67 -14.66 -2.33
N TRP C 194 8.50 -14.11 -1.99
CA TRP C 194 7.30 -14.27 -2.81
C TRP C 194 6.90 -12.96 -3.52
N TYR C 195 6.52 -13.08 -4.79
CA TYR C 195 5.91 -12.01 -5.57
C TYR C 195 4.44 -12.30 -5.86
N SER C 196 3.65 -11.24 -6.08
CA SER C 196 2.30 -11.37 -6.59
C SER C 196 2.35 -11.42 -8.13
N ASP C 197 1.46 -12.25 -8.68
CA ASP C 197 1.29 -12.36 -10.12
C ASP C 197 0.28 -11.30 -10.55
N GLY C 198 0.77 -10.06 -10.64
CA GLY C 198 -0.10 -8.91 -10.82
C GLY C 198 -0.45 -8.27 -9.49
N GLU C 199 -1.50 -7.47 -9.50
CA GLU C 199 -1.82 -6.63 -8.37
C GLU C 199 -2.36 -7.45 -7.19
N HIS C 200 -2.86 -8.66 -7.45
CA HIS C 200 -3.45 -9.50 -6.41
C HIS C 200 -2.57 -10.74 -6.22
N PHE C 201 -2.25 -11.06 -4.97
CA PHE C 201 -1.40 -12.20 -4.68
C PHE C 201 -2.15 -13.50 -5.02
N ALA C 202 -1.46 -14.42 -5.67
CA ALA C 202 -1.97 -15.76 -5.93
C ALA C 202 -0.97 -16.75 -5.35
N PHE C 203 -1.46 -17.71 -4.58
CA PHE C 203 -0.58 -18.74 -4.06
C PHE C 203 -0.49 -19.84 -5.10
N ASP C 204 0.56 -19.76 -5.94
CA ASP C 204 0.75 -20.70 -7.01
C ASP C 204 2.22 -20.68 -7.40
N TYR C 205 2.59 -21.46 -8.42
CA TYR C 205 3.98 -21.60 -8.81
C TYR C 205 4.43 -20.70 -9.95
N TYR C 206 3.65 -19.64 -10.26
CA TYR C 206 4.09 -18.71 -11.28
C TYR C 206 5.35 -17.93 -10.89
N ASN C 207 5.64 -17.85 -9.58
CA ASN C 207 6.94 -17.37 -9.15
C ASN C 207 8.07 -18.19 -9.76
N SER C 208 7.83 -19.50 -9.93
CA SER C 208 8.78 -20.40 -10.57
C SER C 208 8.69 -20.42 -12.09
N TYR C 209 7.47 -20.46 -12.61
CA TYR C 209 7.29 -20.64 -14.05
C TYR C 209 7.80 -19.44 -14.85
N VAL C 210 7.63 -18.26 -14.28
CA VAL C 210 7.87 -17.01 -14.99
C VAL C 210 8.64 -16.00 -14.14
N ILE C 211 8.08 -15.62 -13.00
CA ILE C 211 8.41 -14.33 -12.43
C ILE C 211 9.88 -14.21 -12.05
N GLN C 212 10.36 -15.09 -11.16
CA GLN C 212 11.69 -14.86 -10.64
C GLN C 212 12.76 -15.17 -11.69
N PRO C 213 12.69 -16.29 -12.43
CA PRO C 213 13.69 -16.56 -13.46
C PRO C 213 13.78 -15.48 -14.53
N MET C 214 12.65 -14.99 -15.01
CA MET C 214 12.68 -13.96 -16.05
C MET C 214 13.07 -12.58 -15.53
N TYR C 215 12.64 -12.23 -14.32
CA TYR C 215 13.04 -10.97 -13.71
C TYR C 215 14.57 -10.95 -13.55
N VAL C 216 15.12 -12.02 -13.00
CA VAL C 216 16.57 -12.11 -12.83
C VAL C 216 17.31 -12.05 -14.17
N GLN C 217 16.81 -12.77 -15.18
CA GLN C 217 17.45 -12.77 -16.48
C GLN C 217 17.44 -11.41 -17.16
N VAL C 218 16.33 -10.68 -17.06
CA VAL C 218 16.26 -9.33 -17.62
C VAL C 218 17.25 -8.40 -16.93
N LEU C 219 17.24 -8.42 -15.59
CA LEU C 219 18.13 -7.56 -14.83
C LEU C 219 19.59 -7.91 -15.10
N GLN C 220 19.88 -9.19 -15.30
CA GLN C 220 21.25 -9.63 -15.55
C GLN C 220 21.81 -9.01 -16.82
N VAL C 221 20.99 -9.02 -17.89
CA VAL C 221 21.42 -8.43 -19.15
C VAL C 221 21.60 -6.93 -19.01
N LEU C 222 20.64 -6.25 -18.36
CA LEU C 222 20.75 -4.82 -18.14
C LEU C 222 22.01 -4.47 -17.33
N ALA C 223 22.29 -5.27 -16.29
CA ALA C 223 23.44 -5.02 -15.44
C ALA C 223 24.73 -5.26 -16.21
N ASP C 224 24.78 -6.36 -16.98
CA ASP C 224 25.97 -6.73 -17.73
C ASP C 224 26.31 -5.72 -18.83
N ARG C 225 25.29 -5.15 -19.44
CA ARG C 225 25.52 -4.16 -20.50
C ARG C 225 25.73 -2.78 -19.93
N ASP C 226 25.40 -2.56 -18.65
CA ASP C 226 25.45 -1.24 -18.05
C ASP C 226 24.46 -0.34 -18.79
N ALA C 227 23.27 -0.89 -19.04
CA ALA C 227 22.24 -0.20 -19.79
C ALA C 227 21.85 1.06 -19.02
N ALA C 228 21.75 2.18 -19.76
CA ALA C 228 21.33 3.45 -19.19
C ALA C 228 19.80 3.45 -19.10
N LEU C 229 19.29 3.24 -17.89
CA LEU C 229 17.88 3.37 -17.57
C LEU C 229 17.65 4.73 -16.90
N ARG C 230 16.50 5.33 -17.21
CA ARG C 230 16.07 6.57 -16.60
C ARG C 230 16.16 6.54 -15.08
N ASP C 231 16.88 7.52 -14.51
CA ASP C 231 17.03 7.72 -13.07
C ASP C 231 17.60 6.51 -12.35
N LYS C 232 18.39 5.69 -13.04
CA LYS C 232 19.18 4.66 -12.39
C LYS C 232 20.61 5.17 -12.49
N ALA C 233 21.18 5.56 -11.34
CA ALA C 233 22.58 5.94 -11.26
C ALA C 233 23.50 4.75 -11.60
N PRO C 234 24.80 5.00 -11.86
CA PRO C 234 25.80 3.91 -11.93
C PRO C 234 25.74 3.00 -10.71
N GLY C 235 25.64 1.69 -10.97
CA GLY C 235 25.50 0.69 -9.93
C GLY C 235 24.08 0.40 -9.46
N ALA C 236 23.10 1.23 -9.86
CA ALA C 236 21.75 1.06 -9.35
C ALA C 236 21.07 -0.18 -9.92
N VAL C 237 21.32 -0.45 -11.21
CA VAL C 237 20.76 -1.64 -11.84
C VAL C 237 21.31 -2.89 -11.17
N GLN C 238 22.62 -2.89 -10.89
CA GLN C 238 23.25 -4.01 -10.22
C GLN C 238 22.65 -4.21 -8.82
N LYS C 239 22.37 -3.13 -8.09
CA LYS C 239 21.67 -3.28 -6.81
C LYS C 239 20.30 -3.95 -6.93
N GLU C 240 19.54 -3.60 -7.97
CA GLU C 240 18.26 -4.26 -8.21
C GLU C 240 18.44 -5.75 -8.52
N LEU C 241 19.46 -6.07 -9.31
CA LEU C 241 19.80 -7.45 -9.61
C LEU C 241 20.23 -8.22 -8.37
N ASP C 242 21.06 -7.61 -7.52
CA ASP C 242 21.44 -8.20 -6.24
C ASP C 242 20.22 -8.54 -5.38
N THR C 243 19.27 -7.61 -5.27
CA THR C 243 18.03 -7.86 -4.54
C THR C 243 17.22 -9.00 -5.17
N ALA C 244 17.12 -8.99 -6.51
CA ALA C 244 16.37 -10.02 -7.22
C ALA C 244 16.97 -11.41 -6.96
N LYS C 245 18.30 -11.48 -6.97
CA LYS C 245 19.00 -12.73 -6.71
C LYS C 245 18.78 -13.22 -5.28
N LYS C 246 18.84 -12.30 -4.31
CA LYS C 246 18.63 -12.66 -2.92
C LYS C 246 17.21 -13.17 -2.69
N ARG C 247 16.23 -12.52 -3.33
CA ARG C 247 14.85 -12.97 -3.22
C ARG C 247 14.71 -14.37 -3.81
N MET C 248 15.37 -14.62 -4.95
CA MET C 248 15.24 -15.92 -5.57
C MET C 248 15.98 -17.00 -4.77
N GLN C 249 17.09 -16.63 -4.11
CA GLN C 249 17.76 -17.53 -3.19
C GLN C 249 16.81 -17.98 -2.07
N ARG C 250 16.06 -17.03 -1.51
CA ARG C 250 15.09 -17.37 -0.47
C ARG C 250 14.00 -18.29 -1.02
N PHE C 251 13.49 -17.98 -2.20
CA PHE C 251 12.48 -18.80 -2.83
C PHE C 251 13.01 -20.21 -3.09
N GLY C 252 14.28 -20.31 -3.48
CA GLY C 252 14.95 -21.59 -3.64
C GLY C 252 14.98 -22.43 -2.36
N ILE C 253 15.31 -21.79 -1.23
CA ILE C 253 15.28 -22.44 0.06
C ILE C 253 13.88 -22.99 0.36
N ILE C 254 12.86 -22.18 0.06
CA ILE C 254 11.49 -22.62 0.25
C ILE C 254 11.16 -23.81 -0.64
N LEU C 255 11.53 -23.75 -1.93
CA LEU C 255 11.26 -24.85 -2.84
C LEU C 255 11.93 -26.15 -2.39
N GLU C 256 13.15 -26.09 -1.87
CA GLU C 256 13.82 -27.30 -1.43
C GLU C 256 13.07 -27.90 -0.23
N ARG C 257 12.54 -27.04 0.63
CA ARG C 257 11.76 -27.47 1.79
C ARG C 257 10.35 -27.97 1.45
N PHE C 258 9.92 -27.76 0.19
CA PHE C 258 8.71 -28.34 -0.35
C PHE C 258 8.86 -29.81 -0.75
N ILE C 259 10.10 -30.25 -1.02
CA ILE C 259 10.32 -31.61 -1.49
C ILE C 259 10.24 -32.55 -0.28
N SER C 260 9.30 -33.50 -0.38
CA SER C 260 9.03 -34.46 0.68
C SER C 260 10.11 -35.53 0.74
N PRO C 261 10.18 -36.32 1.83
CA PRO C 261 11.18 -37.39 1.94
C PRO C 261 11.12 -38.38 0.79
N GLU C 262 9.92 -38.57 0.21
CA GLU C 262 9.74 -39.51 -0.88
C GLU C 262 9.64 -38.84 -2.25
N GLY C 263 10.14 -37.60 -2.36
CA GLY C 263 10.27 -36.94 -3.66
C GLY C 263 8.98 -36.36 -4.25
N THR C 264 8.02 -36.01 -3.40
CA THR C 264 6.83 -35.30 -3.86
C THR C 264 6.93 -33.84 -3.39
N PHE C 265 5.89 -33.06 -3.72
CA PHE C 265 5.83 -31.67 -3.33
C PHE C 265 4.37 -31.22 -3.34
N PRO C 266 4.04 -30.06 -2.73
CA PRO C 266 2.64 -29.62 -2.70
C PRO C 266 2.10 -29.26 -4.07
N LEU C 267 0.81 -29.54 -4.26
CA LEU C 267 0.11 -29.25 -5.49
C LEU C 267 -0.94 -28.19 -5.21
N PHE C 268 -0.69 -26.97 -5.71
CA PHE C 268 -1.60 -25.86 -5.48
C PHE C 268 -1.46 -24.86 -6.62
N GLY C 269 -2.50 -24.05 -6.78
CA GLY C 269 -2.52 -23.03 -7.81
C GLY C 269 -2.79 -23.59 -9.21
N ARG C 270 -2.96 -22.68 -10.15
CA ARG C 270 -3.23 -23.06 -11.53
C ARG C 270 -1.96 -23.56 -12.22
N SER C 271 -2.17 -24.20 -13.38
CA SER C 271 -1.09 -24.71 -14.22
C SER C 271 -0.22 -25.75 -13.50
N MET C 272 -0.86 -26.64 -12.73
CA MET C 272 -0.15 -27.74 -12.09
C MET C 272 0.36 -28.78 -13.09
N THR C 273 -0.15 -28.73 -14.33
CA THR C 273 0.38 -29.55 -15.42
C THR C 273 1.80 -29.22 -15.88
N TYR C 274 2.41 -28.16 -15.34
CA TYR C 274 3.78 -27.82 -15.69
C TYR C 274 4.83 -28.69 -15.00
N ARG C 275 4.39 -29.63 -14.17
CA ARG C 275 5.25 -30.68 -13.64
C ARG C 275 6.48 -30.08 -12.95
N LEU C 276 7.70 -30.39 -13.41
CA LEU C 276 8.90 -29.97 -12.70
C LEU C 276 9.31 -28.54 -12.99
N GLY C 277 8.52 -27.84 -13.81
CA GLY C 277 8.70 -26.42 -14.00
C GLY C 277 8.62 -25.63 -12.70
N VAL C 278 7.99 -26.21 -11.67
CA VAL C 278 7.95 -25.60 -10.35
C VAL C 278 9.33 -25.36 -9.75
N PHE C 279 10.34 -26.10 -10.24
CA PHE C 279 11.69 -26.00 -9.70
C PHE C 279 12.62 -25.10 -10.49
N GLN C 280 12.10 -24.37 -11.48
CA GLN C 280 12.96 -23.53 -12.30
C GLN C 280 13.89 -22.64 -11.46
N PRO C 281 13.43 -21.93 -10.40
CA PRO C 281 14.33 -21.11 -9.60
C PRO C 281 15.49 -21.87 -8.96
N LEU C 282 15.21 -23.06 -8.44
CA LEU C 282 16.22 -23.91 -7.83
C LEU C 282 17.23 -24.41 -8.87
N SER C 283 16.72 -24.79 -10.05
CA SER C 283 17.56 -25.18 -11.17
C SER C 283 18.42 -24.01 -11.67
N MET C 284 17.85 -22.80 -11.67
CA MET C 284 18.58 -21.63 -12.12
C MET C 284 19.68 -21.27 -11.11
N LEU C 285 19.35 -21.27 -9.81
CA LEU C 285 20.35 -21.03 -8.78
C LEU C 285 21.52 -21.99 -8.94
N SER C 286 21.20 -23.25 -9.25
CA SER C 286 22.21 -24.29 -9.39
C SER C 286 23.08 -24.03 -10.61
N TRP C 287 22.44 -23.81 -11.76
CA TRP C 287 23.15 -23.59 -13.01
C TRP C 287 24.06 -22.35 -12.95
N LYS C 288 23.54 -21.26 -12.38
CA LYS C 288 24.28 -20.01 -12.30
C LYS C 288 25.16 -19.94 -11.05
N GLU C 289 25.16 -21.01 -10.26
CA GLU C 289 26.06 -21.15 -9.12
C GLU C 289 25.89 -20.04 -8.09
N PHE C 290 24.64 -19.72 -7.73
CA PHE C 290 24.45 -18.86 -6.56
C PHE C 290 23.40 -19.45 -5.62
N LEU C 291 23.49 -20.76 -5.39
CA LEU C 291 22.72 -21.36 -4.31
C LEU C 291 23.15 -20.65 -3.02
N PRO C 292 22.22 -20.34 -2.10
CA PRO C 292 22.61 -19.74 -0.84
C PRO C 292 23.34 -20.78 0.02
N GLU C 293 24.08 -20.32 1.02
CA GLU C 293 24.88 -21.21 1.84
C GLU C 293 24.04 -22.27 2.56
N GLU C 294 22.75 -22.00 2.79
CA GLU C 294 21.84 -22.97 3.39
C GLU C 294 21.65 -24.24 2.55
N LEU C 295 21.94 -24.17 1.23
CA LEU C 295 21.72 -25.28 0.32
C LEU C 295 23.04 -25.73 -0.30
N THR C 296 23.35 -27.02 -0.17
CA THR C 296 24.50 -27.59 -0.86
C THR C 296 24.08 -28.10 -2.23
N GLU C 297 25.03 -28.14 -3.18
CA GLU C 297 24.73 -28.67 -4.50
C GLU C 297 24.24 -30.11 -4.40
N GLY C 298 24.89 -30.91 -3.56
CA GLY C 298 24.54 -32.31 -3.39
C GLY C 298 23.09 -32.50 -2.92
N GLN C 299 22.64 -31.67 -1.98
CA GLN C 299 21.29 -31.83 -1.46
C GLN C 299 20.27 -31.41 -2.51
N VAL C 300 20.57 -30.35 -3.27
CA VAL C 300 19.69 -29.90 -4.31
C VAL C 300 19.60 -30.92 -5.44
N ARG C 301 20.75 -31.40 -5.91
CA ARG C 301 20.76 -32.42 -6.95
C ARG C 301 19.99 -33.65 -6.50
N SER C 302 20.21 -34.10 -5.27
CA SER C 302 19.57 -35.30 -4.77
C SER C 302 18.05 -35.15 -4.66
N ALA C 303 17.60 -34.00 -4.14
CA ALA C 303 16.18 -33.77 -3.96
C ALA C 303 15.48 -33.66 -5.33
N LEU C 304 16.09 -32.91 -6.24
CA LEU C 304 15.51 -32.75 -7.57
C LEU C 304 15.47 -34.06 -8.33
N THR C 305 16.54 -34.87 -8.22
CA THR C 305 16.58 -36.16 -8.86
C THR C 305 15.47 -37.08 -8.32
N ALA C 306 15.31 -37.08 -6.99
CA ALA C 306 14.26 -37.89 -6.39
C ALA C 306 12.87 -37.50 -6.93
N ALA C 307 12.59 -36.20 -6.98
CA ALA C 307 11.32 -35.71 -7.50
C ALA C 307 11.15 -36.06 -8.97
N MET C 308 12.23 -35.92 -9.74
CA MET C 308 12.19 -36.18 -11.17
C MET C 308 11.95 -37.67 -11.45
N LYS C 309 12.70 -38.55 -10.76
CA LYS C 309 12.52 -39.98 -10.94
C LYS C 309 11.11 -40.45 -10.56
N ARG C 310 10.54 -39.87 -9.51
CA ARG C 310 9.24 -40.30 -9.07
C ARG C 310 8.16 -39.86 -10.04
N LEU C 311 8.25 -38.62 -10.54
CA LEU C 311 7.23 -38.10 -11.44
C LEU C 311 7.30 -38.77 -12.81
N PHE C 312 8.52 -38.97 -13.31
CA PHE C 312 8.69 -39.51 -14.65
C PHE C 312 8.83 -41.03 -14.69
N ALA C 313 8.57 -41.70 -13.56
CA ALA C 313 8.33 -43.14 -13.58
C ALA C 313 6.98 -43.49 -14.24
N HIS C 314 6.08 -42.50 -14.36
CA HIS C 314 4.77 -42.73 -14.96
C HIS C 314 4.93 -42.71 -16.48
N GLU C 315 4.81 -43.89 -17.11
CA GLU C 315 4.92 -43.99 -18.56
C GLU C 315 3.85 -43.18 -19.29
N ALA C 316 2.70 -42.98 -18.64
CA ALA C 316 1.60 -42.27 -19.27
C ALA C 316 1.84 -40.76 -19.42
N ASN C 317 3.00 -40.26 -18.96
CA ASN C 317 3.42 -38.90 -19.25
C ASN C 317 3.66 -38.66 -20.74
N PHE C 318 3.95 -39.74 -21.48
CA PHE C 318 4.24 -39.66 -22.91
C PHE C 318 3.20 -40.43 -23.72
N ASN C 319 2.88 -39.91 -24.90
CA ASN C 319 1.98 -40.61 -25.82
C ASN C 319 2.81 -41.48 -26.77
N GLU C 320 2.13 -42.18 -27.66
CA GLU C 320 2.74 -43.12 -28.59
C GLU C 320 3.82 -42.48 -29.46
N GLY C 321 3.58 -41.22 -29.87
CA GLY C 321 4.55 -40.47 -30.65
C GLY C 321 5.78 -39.98 -29.89
N GLY C 322 5.77 -40.13 -28.55
CA GLY C 322 6.87 -39.67 -27.72
C GLY C 322 6.70 -38.26 -27.17
N PHE C 323 5.52 -37.67 -27.35
CA PHE C 323 5.25 -36.32 -26.90
C PHE C 323 4.62 -36.35 -25.50
N LEU C 324 4.86 -35.27 -24.74
CA LEU C 324 4.24 -35.13 -23.43
C LEU C 324 2.72 -35.08 -23.55
N ARG C 325 2.04 -35.68 -22.57
CA ARG C 325 0.59 -35.62 -22.47
C ARG C 325 0.17 -34.63 -21.40
N LEU C 326 -1.11 -34.23 -21.48
CA LEU C 326 -1.71 -33.40 -20.45
C LEU C 326 -1.81 -34.18 -19.14
N GLY C 327 -1.20 -33.63 -18.09
CA GLY C 327 -1.21 -34.29 -16.80
C GLY C 327 -0.11 -33.81 -15.89
N PHE C 328 0.07 -34.53 -14.79
CA PHE C 328 1.07 -34.24 -13.80
C PHE C 328 1.91 -35.49 -13.62
N ALA C 329 1.35 -36.51 -12.98
CA ALA C 329 2.00 -37.81 -12.86
C ALA C 329 1.21 -38.77 -13.75
N GLY C 330 1.54 -38.79 -15.03
CA GLY C 330 0.76 -39.56 -15.99
C GLY C 330 -0.20 -38.67 -16.77
N HIS C 331 -1.32 -39.28 -17.16
CA HIS C 331 -2.28 -38.65 -18.04
C HIS C 331 -3.48 -38.25 -17.20
N GLN C 332 -3.58 -36.94 -16.93
CA GLN C 332 -4.60 -36.38 -16.07
C GLN C 332 -5.14 -35.14 -16.79
N PRO C 333 -5.90 -35.34 -17.88
CA PRO C 333 -6.22 -34.23 -18.79
C PRO C 333 -7.13 -33.17 -18.17
N ASP C 334 -7.95 -33.56 -17.20
CA ASP C 334 -8.85 -32.60 -16.58
C ASP C 334 -8.13 -31.60 -15.68
N LEU C 335 -6.85 -31.85 -15.39
CA LEU C 335 -6.00 -30.89 -14.69
C LEU C 335 -5.62 -29.70 -15.56
N ALA C 336 -5.78 -29.84 -16.88
CA ALA C 336 -5.42 -28.79 -17.82
C ALA C 336 -6.43 -27.64 -17.78
N ASP C 337 -5.91 -26.42 -17.65
CA ASP C 337 -6.72 -25.21 -17.66
C ASP C 337 -7.22 -24.95 -19.08
N TRP C 338 -8.15 -24.00 -19.24
CA TRP C 338 -8.75 -23.71 -20.53
C TRP C 338 -7.73 -23.21 -21.58
N TYR C 339 -6.58 -22.71 -21.13
CA TYR C 339 -5.54 -22.19 -22.02
C TYR C 339 -4.43 -23.21 -22.33
N THR C 340 -4.62 -24.47 -21.91
CA THR C 340 -3.57 -25.47 -21.94
C THR C 340 -3.71 -26.53 -23.04
N ASN C 341 -2.58 -26.82 -23.71
CA ASN C 341 -2.48 -27.88 -24.70
C ASN C 341 -1.21 -28.66 -24.38
N ASN C 342 -0.92 -29.74 -25.11
CA ASN C 342 0.22 -30.57 -24.70
C ASN C 342 1.55 -29.90 -25.03
N GLY C 343 1.56 -28.89 -25.92
CA GLY C 343 2.73 -28.05 -26.11
C GLY C 343 3.11 -27.28 -24.85
N SER C 344 2.09 -26.81 -24.12
CA SER C 344 2.29 -26.11 -22.86
C SER C 344 3.11 -26.92 -21.85
N MET C 345 3.00 -28.27 -21.94
CA MET C 345 3.64 -29.17 -20.99
C MET C 345 5.15 -29.05 -20.99
N TYR C 346 5.73 -28.54 -22.09
CA TYR C 346 7.17 -28.51 -22.24
C TYR C 346 7.85 -27.49 -21.33
N LEU C 347 7.08 -26.71 -20.56
CA LEU C 347 7.65 -25.91 -19.49
C LEU C 347 8.34 -26.78 -18.42
N THR C 348 8.02 -28.07 -18.35
CA THR C 348 8.74 -28.96 -17.44
C THR C 348 10.22 -29.09 -17.76
N SER C 349 10.64 -28.66 -18.96
CA SER C 349 12.03 -28.67 -19.36
CA SER C 349 12.03 -28.67 -19.36
C SER C 349 12.89 -27.72 -18.52
N GLU C 350 12.23 -26.76 -17.85
CA GLU C 350 12.94 -25.75 -17.07
C GLU C 350 13.67 -26.29 -15.85
N VAL C 351 13.38 -27.53 -15.45
CA VAL C 351 14.16 -28.18 -14.42
C VAL C 351 15.60 -28.49 -14.86
N PHE C 352 15.83 -28.60 -16.17
CA PHE C 352 17.09 -29.14 -16.66
C PHE C 352 18.26 -28.16 -16.71
N LEU C 353 18.06 -26.92 -16.23
CA LEU C 353 19.07 -25.90 -16.37
C LEU C 353 20.46 -26.35 -15.91
N PRO C 354 20.66 -27.05 -14.76
CA PRO C 354 22.02 -27.38 -14.33
C PRO C 354 22.77 -28.39 -15.21
N LEU C 355 22.10 -28.98 -16.20
CA LEU C 355 22.82 -29.70 -17.25
C LEU C 355 23.77 -28.79 -18.03
N GLY C 356 23.58 -27.47 -17.91
CA GLY C 356 24.53 -26.51 -18.48
C GLY C 356 25.85 -26.40 -17.72
N LEU C 357 25.93 -27.00 -16.53
CA LEU C 357 27.20 -27.21 -15.85
C LEU C 357 27.81 -28.50 -16.41
N PRO C 358 29.13 -28.53 -16.68
CA PRO C 358 29.78 -29.74 -17.20
C PRO C 358 29.57 -30.97 -16.34
N ALA C 359 29.72 -32.15 -16.95
CA ALA C 359 29.59 -33.42 -16.27
C ALA C 359 30.56 -33.57 -15.09
N ASP C 360 31.72 -32.89 -15.17
CA ASP C 360 32.72 -32.96 -14.12
C ASP C 360 32.66 -31.80 -13.12
N HIS C 361 31.57 -31.02 -13.16
CA HIS C 361 31.35 -29.95 -12.21
C HIS C 361 30.89 -30.53 -10.87
N SER C 362 31.25 -29.84 -9.78
CA SER C 362 30.89 -30.26 -8.43
C SER C 362 29.39 -30.51 -8.24
N PHE C 363 28.53 -29.78 -8.96
CA PHE C 363 27.10 -29.99 -8.84
C PHE C 363 26.76 -31.45 -9.15
N TRP C 364 27.44 -32.01 -10.16
CA TRP C 364 27.19 -33.35 -10.62
C TRP C 364 28.03 -34.43 -9.95
N THR C 365 29.23 -34.08 -9.49
CA THR C 365 30.15 -35.07 -8.95
C THR C 365 30.14 -35.15 -7.41
N SER C 366 29.62 -34.12 -6.74
CA SER C 366 29.64 -34.11 -5.28
C SER C 366 28.78 -35.25 -4.72
N PRO C 367 29.09 -35.76 -3.51
CA PRO C 367 28.26 -36.81 -2.90
C PRO C 367 26.81 -36.38 -2.74
N ALA C 368 25.90 -37.35 -2.88
CA ALA C 368 24.50 -37.18 -2.55
C ALA C 368 24.38 -36.70 -1.10
N GLU C 369 23.38 -35.85 -0.83
CA GLU C 369 23.12 -35.39 0.53
C GLU C 369 21.62 -35.50 0.75
N GLU C 370 21.24 -35.64 2.02
CA GLU C 370 19.83 -35.65 2.38
C GLU C 370 19.27 -34.23 2.40
N TRP C 371 18.06 -34.11 1.88
CA TRP C 371 17.37 -32.84 1.86
C TRP C 371 16.60 -32.63 3.17
N THR C 372 16.11 -31.42 3.38
CA THR C 372 15.62 -30.99 4.68
C THR C 372 14.56 -31.90 5.27
N THR C 373 13.49 -32.17 4.53
CA THR C 373 12.40 -32.97 5.06
C THR C 373 12.82 -34.42 5.30
N LYS C 374 13.73 -34.91 4.45
CA LYS C 374 14.25 -36.25 4.61
C LYS C 374 15.00 -36.39 5.94
N LYS C 375 15.83 -35.41 6.26
CA LYS C 375 16.49 -35.37 7.56
C LYS C 375 15.46 -35.28 8.70
N ALA C 376 14.49 -34.38 8.53
CA ALA C 376 13.53 -34.11 9.58
C ALA C 376 12.73 -35.34 9.97
N TRP C 377 12.17 -36.04 8.97
CA TRP C 377 11.34 -37.20 9.26
C TRP C 377 12.12 -38.45 9.65
N GLN C 378 13.44 -38.43 9.49
CA GLN C 378 14.31 -39.46 10.05
C GLN C 378 14.54 -39.24 11.54
N GLY C 379 14.14 -38.09 12.08
CA GLY C 379 14.43 -37.73 13.45
C GLY C 379 15.84 -37.17 13.67
N ASP C 380 16.50 -36.80 12.57
CA ASP C 380 17.86 -36.28 12.62
C ASP C 380 17.86 -34.75 12.73
N PRO C 381 18.99 -34.13 13.13
CA PRO C 381 19.10 -32.68 13.10
C PRO C 381 18.81 -32.12 11.72
N PHE C 382 18.07 -31.01 11.70
CA PHE C 382 17.87 -30.26 10.47
C PHE C 382 17.76 -28.80 10.85
N PRO C 383 18.13 -27.87 9.94
CA PRO C 383 18.22 -26.46 10.29
C PRO C 383 16.88 -25.77 10.53
N LYS C 384 16.91 -24.83 11.48
CA LYS C 384 15.90 -23.82 11.64
C LYS C 384 15.79 -23.00 10.36
N ASP C 385 14.58 -22.61 10.00
CA ASP C 385 14.34 -21.71 8.89
C ASP C 385 14.04 -20.32 9.45
N HIS C 386 14.40 -19.28 8.68
CA HIS C 386 14.26 -17.91 9.11
C HIS C 386 13.69 -17.11 7.93
N ALA C 387 12.75 -16.20 8.23
CA ALA C 387 12.24 -15.28 7.23
C ALA C 387 13.36 -14.34 6.82
N VAL C 388 13.30 -13.89 5.58
CA VAL C 388 14.17 -12.82 5.10
C VAL C 388 13.22 -11.64 4.86
N ARG C 389 13.26 -10.65 5.76
CA ARG C 389 12.23 -9.61 5.78
C ARG C 389 12.71 -8.28 5.23
N TYR C 390 13.97 -8.24 4.77
CA TYR C 390 14.68 -6.99 4.53
C TYR C 390 14.90 -6.67 3.05
N LEU C 391 14.19 -7.36 2.16
CA LEU C 391 14.44 -7.27 0.73
C LEU C 391 13.34 -6.47 0.00
N GLU D 2 -8.81 -49.12 16.53
CA GLU D 2 -8.90 -49.53 15.12
C GLU D 2 -9.22 -48.34 14.22
N ASN D 3 -10.34 -47.65 14.52
CA ASN D 3 -10.80 -46.55 13.70
C ASN D 3 -9.92 -45.32 13.94
N ASP D 4 -10.00 -44.33 13.07
CA ASP D 4 -9.11 -43.19 13.20
C ASP D 4 -9.29 -42.49 14.55
N ARG D 5 -10.54 -42.40 15.02
CA ARG D 5 -10.83 -41.68 16.25
C ARG D 5 -10.04 -42.23 17.44
N ALA D 6 -9.96 -43.57 17.53
CA ALA D 6 -9.26 -44.23 18.62
C ALA D 6 -7.77 -43.89 18.64
N TYR D 7 -7.15 -43.74 17.46
CA TYR D 7 -5.78 -43.29 17.40
C TYR D 7 -5.66 -41.86 17.95
N TRP D 8 -6.57 -40.97 17.55
CA TRP D 8 -6.53 -39.58 17.96
C TRP D 8 -6.74 -39.43 19.47
N THR D 9 -7.74 -40.13 20.03
CA THR D 9 -8.01 -40.02 21.45
C THR D 9 -6.88 -40.64 22.27
N GLY D 10 -6.31 -41.74 21.78
CA GLY D 10 -5.14 -42.33 22.43
C GLY D 10 -3.98 -41.35 22.53
N LEU D 11 -3.70 -40.65 21.43
CA LEU D 11 -2.61 -39.70 21.42
C LEU D 11 -2.92 -38.47 22.27
N ALA D 12 -4.15 -37.93 22.15
CA ALA D 12 -4.52 -36.77 22.95
C ALA D 12 -4.43 -37.08 24.44
N TYR D 13 -4.89 -38.28 24.83
CA TYR D 13 -4.82 -38.70 26.21
C TYR D 13 -3.36 -38.81 26.68
N ARG D 14 -2.53 -39.43 25.86
CA ARG D 14 -1.10 -39.57 26.15
C ARG D 14 -0.40 -38.22 26.35
N ILE D 15 -0.78 -37.23 25.53
CA ILE D 15 -0.23 -35.89 25.68
C ILE D 15 -0.76 -35.20 26.93
N ALA D 16 -2.08 -35.27 27.14
CA ALA D 16 -2.75 -34.53 28.19
C ALA D 16 -2.52 -35.06 29.60
N ALA D 17 -2.53 -36.39 29.77
CA ALA D 17 -2.64 -36.98 31.10
C ALA D 17 -1.49 -36.65 32.05
N PRO D 18 -0.21 -36.70 31.61
CA PRO D 18 0.90 -36.33 32.49
C PRO D 18 0.85 -34.89 32.99
N VAL D 19 0.38 -33.98 32.13
CA VAL D 19 0.22 -32.58 32.52
C VAL D 19 -0.89 -32.46 33.54
N LEU D 20 -2.09 -32.93 33.19
CA LEU D 20 -3.28 -32.67 33.99
C LEU D 20 -3.31 -33.45 35.29
N GLU D 21 -2.85 -34.70 35.28
CA GLU D 21 -2.82 -35.46 36.51
C GLU D 21 -1.90 -34.81 37.54
N ASN D 22 -0.72 -34.36 37.09
CA ASN D 22 0.22 -33.70 37.99
C ASN D 22 -0.27 -32.34 38.44
N MET D 23 -0.79 -31.53 37.52
CA MET D 23 -1.23 -30.20 37.86
C MET D 23 -2.47 -30.22 38.74
N SER D 24 -3.31 -31.25 38.60
CA SER D 24 -4.53 -31.36 39.40
C SER D 24 -4.23 -31.43 40.89
N LYS D 25 -3.04 -31.93 41.24
CA LYS D 25 -2.66 -32.04 42.65
C LYS D 25 -1.52 -31.10 43.00
N GLY D 26 -1.33 -30.04 42.20
CA GLY D 26 -0.30 -29.05 42.43
C GLY D 26 1.13 -29.59 42.34
N GLU D 27 1.37 -30.58 41.47
CA GLU D 27 2.71 -31.15 41.30
C GLU D 27 3.29 -31.07 39.90
N LEU D 28 2.77 -30.15 39.07
CA LEU D 28 3.31 -30.02 37.72
C LEU D 28 4.75 -29.50 37.79
N LYS D 29 4.97 -28.39 38.50
CA LYS D 29 6.32 -27.85 38.62
C LYS D 29 7.23 -28.84 39.33
N LYS D 30 6.69 -29.57 40.31
CA LYS D 30 7.46 -30.57 41.03
C LYS D 30 7.94 -31.70 40.12
N ASN D 31 7.05 -32.21 39.26
CA ASN D 31 7.31 -33.45 38.54
C ASN D 31 7.66 -33.30 37.06
N MET D 32 7.31 -32.16 36.44
CA MET D 32 7.50 -32.03 35.01
C MET D 32 8.98 -31.94 34.66
N GLN D 33 9.41 -32.87 33.81
CA GLN D 33 10.74 -32.86 33.24
C GLN D 33 10.74 -31.76 32.17
N VAL D 34 11.44 -30.65 32.50
CA VAL D 34 11.48 -29.42 31.72
C VAL D 34 12.74 -29.31 30.86
N GLU D 35 12.58 -28.75 29.65
CA GLU D 35 13.66 -28.64 28.68
C GLU D 35 13.55 -27.28 27.99
N VAL D 36 14.67 -26.55 27.90
CA VAL D 36 14.68 -25.27 27.21
C VAL D 36 15.57 -25.34 25.97
N SER D 37 15.32 -24.43 25.03
CA SER D 37 16.10 -24.31 23.82
C SER D 37 17.59 -24.24 24.11
N PRO D 38 18.46 -24.86 23.30
CA PRO D 38 19.91 -24.60 23.39
C PRO D 38 20.29 -23.13 23.23
N THR D 39 19.43 -22.32 22.59
CA THR D 39 19.67 -20.88 22.48
C THR D 39 18.73 -20.05 23.33
N TRP D 40 18.31 -20.60 24.47
CA TRP D 40 17.37 -19.97 25.39
C TRP D 40 17.86 -18.58 25.79
N ASP D 41 16.99 -17.58 25.65
CA ASP D 41 17.36 -16.18 25.85
C ASP D 41 17.54 -15.72 27.29
N GLY D 42 17.39 -16.65 28.26
CA GLY D 42 17.61 -16.35 29.66
C GLY D 42 16.37 -15.88 30.44
N ARG D 43 15.19 -15.87 29.80
CA ARG D 43 13.97 -15.49 30.48
C ARG D 43 13.65 -16.50 31.59
N ASP D 44 12.73 -16.12 32.49
CA ASP D 44 12.34 -16.97 33.59
C ASP D 44 11.72 -18.25 33.06
N LYS D 45 12.29 -19.40 33.45
CA LYS D 45 11.86 -20.70 32.97
C LYS D 45 10.47 -21.15 33.41
N ASP D 46 9.92 -20.47 34.43
CA ASP D 46 8.58 -20.77 34.90
C ASP D 46 7.50 -20.44 33.87
N VAL D 47 7.85 -19.69 32.80
CA VAL D 47 6.92 -19.51 31.69
C VAL D 47 6.48 -20.85 31.11
N THR D 48 7.34 -21.87 31.24
CA THR D 48 7.09 -23.19 30.69
C THR D 48 5.73 -23.78 31.07
N TYR D 49 5.32 -23.57 32.33
CA TYR D 49 4.16 -24.25 32.86
C TYR D 49 2.86 -23.68 32.30
N MET D 50 2.78 -22.35 32.12
CA MET D 50 1.61 -21.78 31.48
C MET D 50 1.55 -22.13 29.99
N GLU D 51 2.72 -22.19 29.33
CA GLU D 51 2.76 -22.60 27.93
C GLU D 51 2.16 -24.00 27.79
N CYS D 52 2.64 -24.89 28.64
CA CYS D 52 2.19 -26.26 28.65
C CYS D 52 0.68 -26.35 28.86
N PHE D 53 0.21 -25.80 29.99
CA PHE D 53 -1.17 -25.95 30.40
C PHE D 53 -2.13 -25.25 29.43
N GLY D 54 -1.82 -23.99 29.09
CA GLY D 54 -2.68 -23.19 28.23
C GLY D 54 -2.83 -23.76 26.83
N ARG D 55 -1.70 -24.13 26.23
CA ARG D 55 -1.72 -24.67 24.87
C ARG D 55 -2.43 -26.01 24.82
N LEU D 56 -2.19 -26.84 25.85
CA LEU D 56 -2.87 -28.12 25.96
C LEU D 56 -4.39 -27.92 25.99
N MET D 57 -4.85 -27.06 26.91
CA MET D 57 -6.28 -26.92 27.13
C MET D 57 -6.96 -26.32 25.91
N SER D 58 -6.28 -25.41 25.21
CA SER D 58 -6.85 -24.85 23.99
C SER D 58 -7.21 -25.96 22.99
N GLY D 59 -6.29 -26.91 22.81
CA GLY D 59 -6.44 -27.95 21.81
C GLY D 59 -7.43 -29.06 22.18
N ILE D 60 -7.50 -29.40 23.47
CA ILE D 60 -8.39 -30.48 23.90
C ILE D 60 -9.74 -29.98 24.41
N ALA D 61 -9.93 -28.67 24.51
CA ALA D 61 -11.19 -28.14 25.03
C ALA D 61 -12.40 -28.63 24.21
N PRO D 62 -12.38 -28.64 22.86
CA PRO D 62 -13.51 -29.19 22.11
C PRO D 62 -13.84 -30.63 22.49
N TRP D 63 -12.82 -31.49 22.55
CA TRP D 63 -13.02 -32.87 23.00
C TRP D 63 -13.76 -32.93 24.33
N LEU D 64 -13.28 -32.15 25.31
CA LEU D 64 -13.85 -32.18 26.64
C LEU D 64 -15.21 -31.48 26.73
N SER D 65 -15.62 -30.77 25.66
CA SER D 65 -16.94 -30.16 25.63
C SER D 65 -18.07 -31.15 25.31
N LEU D 66 -17.72 -32.38 24.91
CA LEU D 66 -18.74 -33.36 24.58
C LEU D 66 -19.60 -33.73 25.79
N PRO D 67 -20.90 -34.06 25.58
CA PRO D 67 -21.73 -34.63 26.64
C PRO D 67 -21.10 -35.89 27.23
N ASP D 68 -21.33 -36.10 28.53
CA ASP D 68 -20.79 -37.25 29.21
C ASP D 68 -21.50 -38.53 28.76
N ASP D 69 -20.74 -39.62 28.74
CA ASP D 69 -21.30 -40.95 28.52
C ASP D 69 -20.33 -41.89 29.21
N ASP D 70 -20.71 -43.18 29.28
CA ASP D 70 -19.93 -44.16 29.99
C ASP D 70 -19.22 -45.16 29.07
N THR D 71 -18.91 -44.75 27.83
CA THR D 71 -17.99 -45.48 26.98
C THR D 71 -16.57 -45.33 27.50
N ASP D 72 -15.63 -46.13 26.97
CA ASP D 72 -14.23 -45.99 27.32
C ASP D 72 -13.74 -44.55 27.10
N GLU D 73 -14.05 -43.99 25.93
CA GLU D 73 -13.66 -42.62 25.64
C GLU D 73 -14.32 -41.64 26.61
N GLY D 74 -15.60 -41.86 26.89
CA GLY D 74 -16.33 -41.05 27.86
C GLY D 74 -15.68 -41.00 29.24
N ARG D 75 -15.18 -42.16 29.70
CA ARG D 75 -14.46 -42.22 30.96
C ARG D 75 -13.16 -41.43 30.93
N GLN D 76 -12.42 -41.49 29.82
CA GLN D 76 -11.22 -40.69 29.65
C GLN D 76 -11.52 -39.19 29.67
N ARG D 77 -12.58 -38.78 28.96
CA ARG D 77 -12.98 -37.38 28.95
C ARG D 77 -13.30 -36.89 30.35
N LYS D 78 -14.08 -37.67 31.12
CA LYS D 78 -14.43 -37.29 32.47
C LYS D 78 -13.19 -37.16 33.35
N GLN D 79 -12.25 -38.10 33.22
CA GLN D 79 -11.03 -38.06 34.02
C GLN D 79 -10.19 -36.82 33.70
N LEU D 80 -9.99 -36.56 32.41
CA LEU D 80 -9.24 -35.41 31.96
C LEU D 80 -9.90 -34.12 32.41
N ARG D 81 -11.23 -34.04 32.27
CA ARG D 81 -11.96 -32.84 32.64
C ARG D 81 -11.88 -32.57 34.14
N ALA D 82 -12.05 -33.62 34.96
CA ALA D 82 -11.94 -33.47 36.40
C ALA D 82 -10.56 -32.94 36.81
N TRP D 83 -9.51 -33.52 36.22
CA TRP D 83 -8.14 -33.03 36.43
C TRP D 83 -7.95 -31.59 35.98
N ALA D 84 -8.53 -31.25 34.83
CA ALA D 84 -8.40 -29.91 34.27
C ALA D 84 -9.04 -28.87 35.20
N LEU D 85 -10.22 -29.19 35.73
CA LEU D 85 -10.90 -28.25 36.61
C LEU D 85 -10.09 -27.93 37.87
N LYS D 86 -9.47 -28.96 38.48
CA LYS D 86 -8.59 -28.75 39.62
C LYS D 86 -7.34 -27.96 39.20
N SER D 87 -6.82 -28.27 38.01
CA SER D 87 -5.67 -27.58 37.47
C SER D 87 -5.92 -26.09 37.26
N TYR D 88 -7.08 -25.74 36.69
CA TYR D 88 -7.44 -24.35 36.49
C TYR D 88 -7.43 -23.60 37.83
N ALA D 89 -7.94 -24.25 38.88
CA ALA D 89 -7.98 -23.63 40.21
C ALA D 89 -6.56 -23.37 40.77
N HIS D 90 -5.68 -24.37 40.65
CA HIS D 90 -4.30 -24.24 41.09
C HIS D 90 -3.58 -23.12 40.33
N ALA D 91 -3.85 -23.02 39.04
CA ALA D 91 -3.11 -22.10 38.18
C ALA D 91 -3.19 -20.64 38.62
N VAL D 92 -4.30 -20.28 39.29
CA VAL D 92 -4.52 -18.91 39.72
C VAL D 92 -4.59 -18.74 41.23
N ASP D 93 -4.33 -19.82 41.97
CA ASP D 93 -4.29 -19.72 43.42
C ASP D 93 -2.88 -19.29 43.83
N PRO D 94 -2.68 -18.06 44.37
CA PRO D 94 -1.32 -17.56 44.64
C PRO D 94 -0.54 -18.42 45.62
N GLU D 95 -1.25 -19.19 46.47
CA GLU D 95 -0.65 -20.10 47.42
C GLU D 95 -0.39 -21.51 46.91
N SER D 96 -0.88 -21.85 45.71
CA SER D 96 -0.63 -23.17 45.15
C SER D 96 0.81 -23.27 44.66
N PRO D 97 1.48 -24.43 44.85
CA PRO D 97 2.77 -24.69 44.20
C PRO D 97 2.75 -24.51 42.68
N ASP D 98 1.57 -24.70 42.06
CA ASP D 98 1.44 -24.60 40.62
C ASP D 98 0.84 -23.28 40.11
N TYR D 99 0.83 -22.26 40.97
CA TYR D 99 0.48 -20.92 40.56
C TYR D 99 1.35 -20.54 39.37
N LEU D 100 0.73 -20.08 38.27
CA LEU D 100 1.47 -19.80 37.06
C LEU D 100 2.14 -18.43 37.14
N LEU D 101 3.10 -18.20 36.23
CA LEU D 101 3.77 -16.91 36.14
C LEU D 101 2.90 -15.92 35.36
N TRP D 102 2.04 -15.22 36.08
CA TRP D 102 1.08 -14.28 35.51
C TRP D 102 1.60 -12.85 35.42
N ARG D 103 2.44 -12.46 36.39
CA ARG D 103 2.66 -11.07 36.71
C ARG D 103 3.99 -10.48 36.22
N ASN D 104 4.86 -11.33 35.65
CA ASN D 104 6.13 -10.88 35.13
C ASN D 104 6.26 -11.45 33.73
N GLU D 105 7.08 -10.79 32.91
CA GLU D 105 7.36 -11.20 31.54
C GLU D 105 6.22 -10.79 30.61
N GLY D 106 6.50 -10.79 29.30
CA GLY D 106 5.50 -10.59 28.27
C GLY D 106 4.84 -11.88 27.79
N GLN D 107 5.60 -12.97 27.84
CA GLN D 107 5.14 -14.28 27.40
C GLN D 107 3.78 -14.71 27.97
N PRO D 108 3.43 -14.41 29.24
CA PRO D 108 2.12 -14.80 29.76
C PRO D 108 0.93 -14.32 28.94
N LEU D 109 1.07 -13.22 28.21
CA LEU D 109 -0.02 -12.79 27.35
C LEU D 109 -0.33 -13.87 26.31
N VAL D 110 0.74 -14.47 25.76
CA VAL D 110 0.60 -15.52 24.78
C VAL D 110 -0.22 -16.67 25.36
N ASP D 111 0.26 -17.21 26.47
CA ASP D 111 -0.30 -18.45 26.94
C ASP D 111 -1.63 -18.24 27.66
N ALA D 112 -1.84 -17.04 28.23
CA ALA D 112 -3.15 -16.67 28.74
C ALA D 112 -4.19 -16.63 27.63
N ALA D 113 -3.78 -16.24 26.41
CA ALA D 113 -4.70 -16.24 25.29
C ALA D 113 -5.11 -17.68 24.93
N TYR D 114 -4.20 -18.65 25.08
CA TYR D 114 -4.55 -20.05 24.87
C TYR D 114 -5.45 -20.56 26.00
N ILE D 115 -5.22 -20.13 27.24
CA ILE D 115 -6.18 -20.42 28.30
C ILE D 115 -7.56 -19.86 27.96
N ALA D 116 -7.61 -18.58 27.55
CA ALA D 116 -8.86 -17.95 27.17
C ALA D 116 -9.53 -18.73 26.05
N SER D 117 -8.73 -19.20 25.08
CA SER D 117 -9.23 -20.03 24.00
C SER D 117 -9.94 -21.26 24.55
N SER D 118 -9.35 -21.92 25.55
CA SER D 118 -9.94 -23.10 26.15
C SER D 118 -11.33 -22.80 26.73
N PHE D 119 -11.46 -21.67 27.43
CA PHE D 119 -12.74 -21.27 28.00
C PHE D 119 -13.77 -20.90 26.94
N LEU D 120 -13.33 -20.21 25.88
CA LEU D 120 -14.21 -19.86 24.78
C LEU D 120 -14.67 -21.08 23.98
N ARG D 121 -13.83 -22.12 23.93
CA ARG D 121 -14.16 -23.32 23.19
C ARG D 121 -15.02 -24.32 23.97
N ALA D 122 -14.96 -24.26 25.31
CA ALA D 122 -15.78 -25.14 26.15
C ALA D 122 -16.26 -24.43 27.41
N PRO D 123 -17.06 -23.34 27.28
CA PRO D 123 -17.43 -22.53 28.44
C PRO D 123 -18.22 -23.28 29.49
N LYS D 124 -19.19 -24.09 29.05
CA LYS D 124 -20.06 -24.78 30.00
C LYS D 124 -19.32 -25.85 30.79
N GLN D 125 -18.29 -26.45 30.18
CA GLN D 125 -17.58 -27.57 30.78
C GLN D 125 -16.32 -27.16 31.53
N LEU D 126 -15.67 -26.06 31.11
CA LEU D 126 -14.38 -25.69 31.66
C LEU D 126 -14.38 -24.37 32.45
N TRP D 127 -15.29 -23.45 32.13
CA TRP D 127 -15.37 -22.18 32.83
C TRP D 127 -16.45 -22.20 33.90
N GLU D 128 -17.69 -22.50 33.49
CA GLU D 128 -18.84 -22.40 34.37
C GLU D 128 -18.71 -23.19 35.68
N PRO D 129 -18.16 -24.43 35.68
CA PRO D 129 -18.03 -25.19 36.92
C PRO D 129 -16.97 -24.70 37.91
N LEU D 130 -16.09 -23.79 37.49
CA LEU D 130 -15.10 -23.25 38.42
C LEU D 130 -15.80 -22.47 39.54
N ASP D 131 -15.26 -22.57 40.75
CA ASP D 131 -15.84 -21.85 41.86
C ASP D 131 -15.64 -20.35 41.67
N GLU D 132 -16.45 -19.57 42.40
CA GLU D 132 -16.50 -18.13 42.21
C GLU D 132 -15.18 -17.44 42.52
N VAL D 133 -14.45 -17.93 43.54
CA VAL D 133 -13.14 -17.39 43.86
C VAL D 133 -12.14 -17.58 42.71
N THR D 134 -12.16 -18.78 42.11
CA THR D 134 -11.32 -19.08 40.96
C THR D 134 -11.67 -18.20 39.76
N LYS D 135 -12.97 -18.01 39.51
CA LYS D 135 -13.39 -17.15 38.41
C LYS D 135 -12.89 -15.73 38.59
N GLU D 136 -13.07 -15.19 39.80
CA GLU D 136 -12.62 -13.84 40.12
C GLU D 136 -11.11 -13.70 39.93
N ARG D 137 -10.36 -14.75 40.30
CA ARG D 137 -8.92 -14.76 40.12
C ARG D 137 -8.52 -14.73 38.64
N TYR D 138 -9.21 -15.52 37.80
CA TYR D 138 -8.95 -15.48 36.37
C TYR D 138 -9.20 -14.09 35.80
N ILE D 139 -10.34 -13.49 36.19
CA ILE D 139 -10.66 -12.17 35.67
C ILE D 139 -9.56 -11.17 36.02
N ALA D 140 -9.11 -11.19 37.28
CA ALA D 140 -8.05 -10.29 37.75
C ALA D 140 -6.73 -10.57 37.03
N GLU D 141 -6.37 -11.86 36.88
CA GLU D 141 -5.13 -12.21 36.20
C GLU D 141 -5.16 -11.82 34.73
N PHE D 142 -6.30 -12.03 34.07
CA PHE D 142 -6.43 -11.60 32.67
C PHE D 142 -6.33 -10.08 32.52
N GLN D 143 -7.01 -9.35 33.41
CA GLN D 143 -7.01 -7.90 33.33
C GLN D 143 -5.63 -7.29 33.52
N GLN D 144 -4.81 -7.87 34.42
CA GLN D 144 -3.51 -7.27 34.69
C GLN D 144 -2.51 -7.46 33.55
N LEU D 145 -2.84 -8.35 32.60
CA LEU D 145 -2.03 -8.52 31.41
C LEU D 145 -2.01 -7.29 30.50
N ARG D 146 -2.91 -6.34 30.74
CA ARG D 146 -2.87 -5.07 30.02
C ARG D 146 -1.60 -4.27 30.27
N ARG D 147 -0.80 -4.66 31.28
CA ARG D 147 0.53 -4.09 31.50
C ARG D 147 1.48 -4.34 30.33
N ILE D 148 1.18 -5.35 29.51
CA ILE D 148 2.07 -5.74 28.42
C ILE D 148 1.77 -4.91 27.18
N ASP D 149 2.82 -4.33 26.60
CA ASP D 149 2.71 -3.64 25.32
C ASP D 149 3.09 -4.65 24.25
N PRO D 150 2.14 -5.25 23.50
CA PRO D 150 2.48 -6.37 22.62
C PRO D 150 3.28 -5.96 21.39
N PRO D 151 4.10 -6.88 20.83
CA PRO D 151 4.65 -6.70 19.50
C PRO D 151 3.52 -6.46 18.50
N TYR D 152 3.86 -5.74 17.43
CA TYR D 152 2.93 -5.37 16.38
C TYR D 152 2.88 -6.51 15.38
N THR D 153 2.34 -7.64 15.85
CA THR D 153 2.40 -8.90 15.13
C THR D 153 1.13 -9.66 15.45
N ASN D 154 1.16 -10.96 15.19
CA ASN D 154 0.10 -11.85 15.64
C ASN D 154 -0.23 -11.70 17.12
N TRP D 155 0.71 -11.20 17.95
CA TRP D 155 0.42 -11.00 19.37
C TRP D 155 -0.78 -10.09 19.65
N LEU D 156 -1.12 -9.19 18.71
CA LEU D 156 -2.30 -8.37 18.91
C LEU D 156 -3.55 -9.23 19.15
N LEU D 157 -3.60 -10.42 18.55
CA LEU D 157 -4.74 -11.30 18.72
C LEU D 157 -4.80 -11.91 20.12
N PHE D 158 -3.66 -12.02 20.80
CA PHE D 158 -3.66 -12.53 22.16
C PHE D 158 -4.38 -11.59 23.10
N SER D 159 -4.05 -10.31 22.97
CA SER D 159 -4.73 -9.26 23.70
C SER D 159 -6.22 -9.25 23.37
N ALA D 160 -6.57 -9.36 22.08
CA ALA D 160 -7.96 -9.42 21.67
C ALA D 160 -8.69 -10.64 22.25
N MET D 161 -8.03 -11.80 22.25
CA MET D 161 -8.62 -13.02 22.79
C MET D 161 -8.91 -12.90 24.28
N VAL D 162 -7.96 -12.36 25.03
CA VAL D 162 -8.17 -12.19 26.46
C VAL D 162 -9.35 -11.25 26.74
N GLU D 163 -9.39 -10.13 26.03
CA GLU D 163 -10.46 -9.15 26.24
C GLU D 163 -11.81 -9.69 25.77
N THR D 164 -11.80 -10.50 24.71
CA THR D 164 -13.01 -11.15 24.22
C THR D 164 -13.58 -12.10 25.25
N PHE D 165 -12.69 -12.87 25.88
CA PHE D 165 -13.09 -13.74 26.98
C PHE D 165 -13.69 -12.92 28.12
N LEU D 166 -13.02 -11.84 28.51
CA LEU D 166 -13.52 -10.99 29.59
C LEU D 166 -14.90 -10.45 29.26
N MET D 167 -15.09 -10.03 28.01
CA MET D 167 -16.37 -9.52 27.53
C MET D 167 -17.44 -10.61 27.70
N LYS D 168 -17.14 -11.81 27.21
CA LYS D 168 -18.08 -12.91 27.26
C LYS D 168 -18.37 -13.36 28.69
N ALA D 169 -17.36 -13.27 29.58
CA ALA D 169 -17.52 -13.65 30.97
C ALA D 169 -18.29 -12.64 31.81
N GLY D 170 -18.61 -11.48 31.23
CA GLY D 170 -19.35 -10.44 31.92
C GLY D 170 -18.47 -9.51 32.76
N ALA D 171 -17.16 -9.54 32.55
CA ALA D 171 -16.23 -8.71 33.29
C ALA D 171 -15.96 -7.42 32.53
N GLN D 172 -15.22 -6.51 33.17
CA GLN D 172 -14.77 -5.29 32.53
C GLN D 172 -13.73 -5.65 31.47
N TYR D 173 -13.98 -5.17 30.25
CA TYR D 173 -13.13 -5.49 29.11
C TYR D 173 -12.77 -4.21 28.34
N ASP D 174 -11.74 -4.31 27.51
CA ASP D 174 -11.24 -3.18 26.75
C ASP D 174 -11.52 -3.39 25.26
N MET D 175 -12.56 -2.74 24.77
CA MET D 175 -12.97 -2.92 23.37
C MET D 175 -11.88 -2.42 22.43
N TYR D 176 -11.14 -1.40 22.85
CA TYR D 176 -10.09 -0.85 22.00
C TYR D 176 -9.05 -1.90 21.63
N ARG D 177 -8.65 -2.72 22.61
CA ARG D 177 -7.74 -3.83 22.34
C ARG D 177 -8.30 -4.83 21.32
N ILE D 178 -9.59 -5.10 21.41
CA ILE D 178 -10.23 -6.01 20.47
C ILE D 178 -10.25 -5.40 19.07
N HIS D 179 -10.76 -4.17 19.00
CA HIS D 179 -11.05 -3.54 17.72
C HIS D 179 -9.74 -3.20 16.98
N SER D 180 -8.75 -2.69 17.71
CA SER D 180 -7.48 -2.37 17.07
C SER D 180 -6.82 -3.60 16.46
N ALA D 181 -6.93 -4.74 17.17
CA ALA D 181 -6.37 -5.98 16.70
C ALA D 181 -7.05 -6.47 15.43
N ILE D 182 -8.38 -6.49 15.40
CA ILE D 182 -9.06 -7.03 14.24
C ILE D 182 -8.86 -6.13 13.00
N ARG D 183 -8.74 -4.81 13.22
CA ARG D 183 -8.38 -3.93 12.11
C ARG D 183 -7.00 -4.28 11.54
N LYS D 184 -6.00 -4.47 12.41
CA LYS D 184 -4.66 -4.77 11.92
C LYS D 184 -4.61 -6.11 11.19
N ILE D 185 -5.26 -7.13 11.75
CA ILE D 185 -5.25 -8.44 11.12
C ILE D 185 -5.84 -8.36 9.71
N ASP D 186 -6.95 -7.63 9.57
CA ASP D 186 -7.54 -7.44 8.26
C ASP D 186 -6.60 -6.69 7.30
N GLU D 187 -5.94 -5.64 7.82
CA GLU D 187 -4.96 -4.89 7.05
C GLU D 187 -3.77 -5.74 6.61
N TRP D 188 -3.48 -6.80 7.38
CA TRP D 188 -2.38 -7.70 7.09
C TRP D 188 -2.74 -8.86 6.18
N TYR D 189 -3.99 -8.91 5.69
CA TYR D 189 -4.34 -9.94 4.71
C TYR D 189 -3.59 -9.64 3.41
N VAL D 190 -2.87 -10.63 2.91
CA VAL D 190 -2.07 -10.48 1.71
C VAL D 190 -2.87 -10.92 0.49
N GLY D 191 -3.51 -12.08 0.58
CA GLY D 191 -4.31 -12.55 -0.53
C GLY D 191 -4.26 -14.07 -0.61
N ASP D 192 -5.22 -14.62 -1.37
CA ASP D 192 -5.34 -16.04 -1.60
C ASP D 192 -5.11 -16.89 -0.36
N GLY D 193 -5.76 -16.46 0.74
CA GLY D 193 -5.77 -17.20 1.99
C GLY D 193 -4.67 -16.87 2.99
N TRP D 194 -3.73 -15.99 2.62
CA TRP D 194 -2.54 -15.73 3.43
C TRP D 194 -2.56 -14.35 4.09
N TYR D 195 -2.15 -14.30 5.36
CA TYR D 195 -1.92 -13.05 6.09
C TYR D 195 -0.44 -12.85 6.40
N SER D 196 -0.03 -11.59 6.58
CA SER D 196 1.29 -11.27 7.10
C SER D 196 1.24 -11.26 8.62
N ASP D 197 2.32 -11.76 9.22
CA ASP D 197 2.50 -11.76 10.66
C ASP D 197 3.12 -10.43 11.07
N GLY D 198 2.28 -9.39 11.09
CA GLY D 198 2.76 -8.04 11.23
C GLY D 198 2.93 -7.37 9.87
N GLU D 199 3.71 -6.29 9.87
CA GLU D 199 3.77 -5.43 8.70
C GLU D 199 4.53 -6.05 7.54
N HIS D 200 5.38 -7.05 7.82
CA HIS D 200 6.18 -7.71 6.78
C HIS D 200 5.71 -9.16 6.64
N PHE D 201 5.49 -9.60 5.40
CA PHE D 201 5.06 -10.96 5.17
C PHE D 201 6.16 -11.93 5.55
N ALA D 202 5.79 -12.99 6.26
CA ALA D 202 6.69 -14.08 6.58
C ALA D 202 6.04 -15.36 6.07
N PHE D 203 6.80 -16.15 5.33
CA PHE D 203 6.28 -17.41 4.84
C PHE D 203 6.52 -18.46 5.94
N ASP D 204 5.48 -18.65 6.78
CA ASP D 204 5.60 -19.57 7.90
C ASP D 204 4.21 -19.99 8.31
N TYR D 205 4.11 -20.81 9.37
CA TYR D 205 2.83 -21.37 9.77
C TYR D 205 2.12 -20.61 10.88
N TYR D 206 2.52 -19.36 11.14
CA TYR D 206 1.79 -18.56 12.13
C TYR D 206 0.36 -18.24 11.70
N ASN D 207 0.07 -18.34 10.39
CA ASN D 207 -1.30 -18.30 9.93
C ASN D 207 -2.13 -19.39 10.59
N SER D 208 -1.49 -20.56 10.84
CA SER D 208 -2.11 -21.68 11.51
C SER D 208 -2.05 -21.62 13.02
N TYR D 209 -0.88 -21.24 13.55
CA TYR D 209 -0.67 -21.29 14.99
C TYR D 209 -1.55 -20.29 15.73
N VAL D 210 -1.76 -19.13 15.10
CA VAL D 210 -2.39 -17.99 15.75
C VAL D 210 -3.41 -17.29 14.87
N ILE D 211 -2.97 -16.81 13.70
CA ILE D 211 -3.68 -15.71 13.07
C ILE D 211 -5.11 -16.08 12.70
N GLN D 212 -5.29 -17.10 11.86
CA GLN D 212 -6.61 -17.32 11.32
C GLN D 212 -7.55 -17.89 12.39
N PRO D 213 -7.14 -18.91 13.19
CA PRO D 213 -8.02 -19.43 14.23
C PRO D 213 -8.46 -18.40 15.27
N MET D 214 -7.54 -17.55 15.72
CA MET D 214 -7.91 -16.56 16.72
C MET D 214 -8.69 -15.40 16.14
N TYR D 215 -8.38 -14.98 14.90
CA TYR D 215 -9.12 -13.92 14.26
C TYR D 215 -10.57 -14.37 14.09
N VAL D 216 -10.79 -15.58 13.59
CA VAL D 216 -12.13 -16.11 13.44
C VAL D 216 -12.86 -16.21 14.78
N GLN D 217 -12.18 -16.71 15.82
CA GLN D 217 -12.79 -16.84 17.15
C GLN D 217 -13.21 -15.49 17.73
N VAL D 218 -12.35 -14.46 17.60
CA VAL D 218 -12.69 -13.13 18.08
C VAL D 218 -13.90 -12.57 17.34
N LEU D 219 -13.87 -12.66 16.02
CA LEU D 219 -14.97 -12.14 15.21
C LEU D 219 -16.27 -12.87 15.51
N GLN D 220 -16.18 -14.18 15.78
CA GLN D 220 -17.37 -14.98 16.05
C GLN D 220 -18.08 -14.47 17.32
N VAL D 221 -17.30 -14.20 18.36
CA VAL D 221 -17.87 -13.68 19.61
C VAL D 221 -18.47 -12.30 19.39
N LEU D 222 -17.76 -11.42 18.68
CA LEU D 222 -18.29 -10.10 18.38
C LEU D 222 -19.60 -10.18 17.59
N ALA D 223 -19.64 -11.07 16.59
CA ALA D 223 -20.84 -11.23 15.78
C ALA D 223 -21.99 -11.78 16.60
N ASP D 224 -21.71 -12.80 17.43
CA ASP D 224 -22.74 -13.45 18.23
C ASP D 224 -23.35 -12.52 19.27
N ARG D 225 -22.53 -11.64 19.83
CA ARG D 225 -23.00 -10.72 20.84
C ARG D 225 -23.63 -9.48 20.22
N ASP D 226 -23.40 -9.25 18.91
CA ASP D 226 -23.89 -8.07 18.24
C ASP D 226 -23.19 -6.88 18.90
N ALA D 227 -21.88 -7.04 19.15
CA ALA D 227 -21.10 -6.01 19.82
C ALA D 227 -21.11 -4.76 18.93
N ALA D 228 -21.38 -3.61 19.55
CA ALA D 228 -21.48 -2.34 18.84
C ALA D 228 -20.05 -1.83 18.65
N LEU D 229 -19.54 -1.96 17.42
CA LEU D 229 -18.20 -1.52 17.08
C LEU D 229 -18.32 -0.17 16.39
N ARG D 230 -17.43 0.75 16.82
CA ARG D 230 -17.33 2.08 16.26
C ARG D 230 -17.28 2.04 14.73
N ASP D 231 -18.22 2.77 14.09
CA ASP D 231 -18.28 2.94 12.65
C ASP D 231 -18.35 1.65 11.86
N LYS D 232 -18.96 0.62 12.46
CA LYS D 232 -19.31 -0.56 11.68
C LYS D 232 -20.78 -0.42 11.26
N ALA D 233 -21.01 -0.37 9.95
CA ALA D 233 -22.35 -0.29 9.40
C ALA D 233 -23.18 -1.53 9.75
N PRO D 234 -24.52 -1.47 9.63
CA PRO D 234 -25.34 -2.68 9.86
C PRO D 234 -24.87 -3.87 9.04
N GLY D 235 -24.69 -5.01 9.72
CA GLY D 235 -24.19 -6.21 9.10
C GLY D 235 -22.68 -6.34 8.97
N ALA D 236 -21.92 -5.29 9.34
CA ALA D 236 -20.52 -5.22 8.95
C ALA D 236 -19.68 -6.22 9.72
N VAL D 237 -19.95 -6.43 11.01
CA VAL D 237 -19.16 -7.39 11.78
C VAL D 237 -19.38 -8.80 11.23
N GLN D 238 -20.64 -9.11 10.90
CA GLN D 238 -20.95 -10.42 10.35
C GLN D 238 -20.26 -10.61 9.00
N LYS D 239 -20.24 -9.56 8.18
CA LYS D 239 -19.53 -9.61 6.91
C LYS D 239 -18.04 -9.85 7.11
N GLU D 240 -17.42 -9.21 8.11
CA GLU D 240 -16.01 -9.43 8.42
C GLU D 240 -15.76 -10.87 8.83
N LEU D 241 -16.65 -11.44 9.66
CA LEU D 241 -16.58 -12.84 10.05
C LEU D 241 -16.70 -13.77 8.85
N ASP D 242 -17.68 -13.50 7.97
CA ASP D 242 -17.87 -14.28 6.76
C ASP D 242 -16.62 -14.28 5.88
N THR D 243 -16.01 -13.12 5.68
CA THR D 243 -14.76 -13.02 4.93
C THR D 243 -13.63 -13.78 5.61
N ALA D 244 -13.52 -13.67 6.94
CA ALA D 244 -12.50 -14.36 7.69
C ALA D 244 -12.63 -15.88 7.53
N LYS D 245 -13.87 -16.37 7.58
CA LYS D 245 -14.12 -17.79 7.39
C LYS D 245 -13.77 -18.25 5.97
N LYS D 246 -14.13 -17.46 4.97
CA LYS D 246 -13.80 -17.79 3.58
C LYS D 246 -12.29 -17.82 3.33
N ARG D 247 -11.58 -16.86 3.94
CA ARG D 247 -10.12 -16.87 3.85
C ARG D 247 -9.55 -18.12 4.50
N MET D 248 -10.10 -18.52 5.65
CA MET D 248 -9.56 -19.69 6.32
C MET D 248 -9.93 -20.98 5.58
N GLN D 249 -11.09 -21.00 4.91
CA GLN D 249 -11.43 -22.10 4.03
C GLN D 249 -10.39 -22.28 2.92
N ARG D 250 -9.95 -21.17 2.33
CA ARG D 250 -8.93 -21.24 1.30
C ARG D 250 -7.61 -21.74 1.88
N PHE D 251 -7.24 -21.24 3.06
CA PHE D 251 -6.03 -21.68 3.71
C PHE D 251 -6.09 -23.17 4.03
N GLY D 252 -7.27 -23.66 4.44
CA GLY D 252 -7.49 -25.07 4.66
C GLY D 252 -7.27 -25.93 3.41
N ILE D 253 -7.76 -25.46 2.26
CA ILE D 253 -7.51 -26.13 0.98
C ILE D 253 -6.02 -26.23 0.70
N ILE D 254 -5.30 -25.12 0.96
CA ILE D 254 -3.86 -25.11 0.80
C ILE D 254 -3.18 -26.11 1.74
N LEU D 255 -3.57 -26.12 3.02
CA LEU D 255 -2.98 -27.03 3.98
C LEU D 255 -3.19 -28.49 3.59
N GLU D 256 -4.37 -28.85 3.09
CA GLU D 256 -4.61 -30.22 2.69
C GLU D 256 -3.70 -30.60 1.51
N ARG D 257 -3.45 -29.64 0.61
CA ARG D 257 -2.57 -29.87 -0.52
C ARG D 257 -1.09 -29.87 -0.18
N PHE D 258 -0.75 -29.47 1.04
CA PHE D 258 0.59 -29.61 1.59
C PHE D 258 0.91 -31.03 2.07
N ILE D 259 -0.11 -31.82 2.37
CA ILE D 259 0.11 -33.15 2.91
C ILE D 259 0.49 -34.09 1.77
N SER D 260 1.68 -34.68 1.89
CA SER D 260 2.25 -35.56 0.88
C SER D 260 1.57 -36.92 0.90
N PRO D 261 1.76 -37.75 -0.15
CA PRO D 261 1.16 -39.08 -0.18
C PRO D 261 1.55 -39.94 1.02
N GLU D 262 2.73 -39.69 1.61
CA GLU D 262 3.21 -40.46 2.74
C GLU D 262 3.10 -39.70 4.06
N GLY D 263 2.22 -38.70 4.10
CA GLY D 263 1.86 -38.05 5.36
C GLY D 263 2.87 -37.04 5.89
N THR D 264 3.68 -36.45 5.01
CA THR D 264 4.58 -35.38 5.41
C THR D 264 4.03 -34.06 4.87
N PHE D 265 4.73 -32.98 5.16
CA PHE D 265 4.34 -31.65 4.73
C PHE D 265 5.58 -30.77 4.71
N PRO D 266 5.54 -29.60 4.04
CA PRO D 266 6.72 -28.74 3.96
C PRO D 266 7.09 -28.18 5.33
N LEU D 267 8.40 -28.03 5.53
CA LEU D 267 8.95 -27.47 6.76
C LEU D 267 9.62 -26.15 6.41
N PHE D 268 8.98 -25.06 6.85
CA PHE D 268 9.48 -23.74 6.56
C PHE D 268 9.02 -22.81 7.68
N GLY D 269 9.75 -21.70 7.82
CA GLY D 269 9.42 -20.70 8.81
C GLY D 269 9.84 -21.09 10.22
N ARG D 270 9.71 -20.12 11.12
CA ARG D 270 10.10 -20.35 12.51
C ARG D 270 9.06 -21.22 13.24
N SER D 271 9.45 -21.69 14.42
CA SER D 271 8.59 -22.48 15.29
C SER D 271 8.08 -23.76 14.63
N MET D 272 8.99 -24.44 13.91
CA MET D 272 8.66 -25.72 13.30
C MET D 272 8.50 -26.83 14.35
N THR D 273 8.95 -26.56 15.58
CA THR D 273 8.71 -27.47 16.70
C THR D 273 7.26 -27.59 17.16
N TYR D 274 6.34 -26.80 16.56
CA TYR D 274 4.94 -26.91 16.93
C TYR D 274 4.21 -28.08 16.28
N ARG D 275 4.93 -28.88 15.48
CA ARG D 275 4.45 -30.17 15.01
C ARG D 275 3.11 -30.02 14.29
N LEU D 276 2.03 -30.67 14.78
CA LEU D 276 0.77 -30.69 14.07
C LEU D 276 -0.07 -29.44 14.30
N GLY D 277 0.47 -28.49 15.08
CA GLY D 277 -0.14 -27.18 15.21
C GLY D 277 -0.33 -26.48 13.86
N VAL D 278 0.46 -26.88 12.86
CA VAL D 278 0.31 -26.35 11.51
C VAL D 278 -1.07 -26.58 10.91
N PHE D 279 -1.80 -27.58 11.43
CA PHE D 279 -3.10 -27.93 10.89
C PHE D 279 -4.28 -27.35 11.65
N GLN D 280 -4.03 -26.45 12.62
CA GLN D 280 -5.12 -25.91 13.40
C GLN D 280 -6.27 -25.38 12.52
N PRO D 281 -6.03 -24.61 11.42
CA PRO D 281 -7.13 -24.14 10.58
C PRO D 281 -8.00 -25.25 10.00
N LEU D 282 -7.35 -26.31 9.52
CA LEU D 282 -8.06 -27.45 8.94
C LEU D 282 -8.84 -28.20 10.01
N SER D 283 -8.25 -28.37 11.20
CA SER D 283 -8.96 -28.94 12.34
C SER D 283 -10.12 -28.08 12.81
N MET D 284 -9.96 -26.75 12.75
CA MET D 284 -11.03 -25.86 13.16
C MET D 284 -12.18 -25.89 12.14
N LEU D 285 -11.85 -25.85 10.84
CA LEU D 285 -12.86 -25.98 9.80
C LEU D 285 -13.68 -27.24 10.01
N SER D 286 -12.98 -28.33 10.36
CA SER D 286 -13.61 -29.62 10.55
C SER D 286 -14.54 -29.62 11.77
N TRP D 287 -14.01 -29.16 12.91
CA TRP D 287 -14.77 -29.09 14.15
C TRP D 287 -16.02 -28.22 14.02
N LYS D 288 -15.87 -27.04 13.40
CA LYS D 288 -16.96 -26.10 13.28
C LYS D 288 -17.81 -26.36 12.03
N GLU D 289 -17.47 -27.41 11.28
CA GLU D 289 -18.27 -27.87 10.16
C GLU D 289 -18.43 -26.80 9.07
N PHE D 290 -17.34 -26.13 8.70
CA PHE D 290 -17.39 -25.30 7.51
C PHE D 290 -16.20 -25.58 6.59
N LEU D 291 -15.90 -26.86 6.41
CA LEU D 291 -14.99 -27.25 5.35
C LEU D 291 -15.58 -26.75 4.04
N PRO D 292 -14.78 -26.21 3.10
CA PRO D 292 -15.32 -25.81 1.80
C PRO D 292 -15.67 -27.06 1.01
N GLU D 293 -16.52 -26.90 -0.01
CA GLU D 293 -17.00 -28.02 -0.79
C GLU D 293 -15.87 -28.80 -1.47
N GLU D 294 -14.72 -28.14 -1.72
CA GLU D 294 -13.54 -28.81 -2.28
C GLU D 294 -12.98 -29.92 -1.39
N LEU D 295 -13.30 -29.90 -0.09
CA LEU D 295 -12.74 -30.84 0.87
C LEU D 295 -13.85 -31.67 1.51
N THR D 296 -13.73 -33.00 1.43
CA THR D 296 -14.64 -33.89 2.14
C THR D 296 -14.09 -34.17 3.53
N GLU D 297 -14.99 -34.49 4.47
CA GLU D 297 -14.55 -34.84 5.81
C GLU D 297 -13.62 -36.04 5.78
N GLY D 298 -13.98 -37.05 4.98
CA GLY D 298 -13.20 -38.26 4.87
C GLY D 298 -11.76 -38.01 4.42
N GLN D 299 -11.59 -37.12 3.44
CA GLN D 299 -10.25 -36.87 2.92
C GLN D 299 -9.43 -36.11 3.96
N VAL D 300 -10.07 -35.16 4.67
CA VAL D 300 -9.38 -34.39 5.67
C VAL D 300 -9.00 -35.27 6.86
N ARG D 301 -9.94 -36.08 7.35
CA ARG D 301 -9.63 -36.99 8.44
C ARG D 301 -8.49 -37.94 8.04
N SER D 302 -8.55 -38.49 6.83
CA SER D 302 -7.55 -39.44 6.39
C SER D 302 -6.16 -38.82 6.28
N ALA D 303 -6.09 -37.61 5.70
CA ALA D 303 -4.82 -36.94 5.52
C ALA D 303 -4.20 -36.56 6.87
N LEU D 304 -5.03 -36.00 7.74
CA LEU D 304 -4.55 -35.58 9.06
C LEU D 304 -4.10 -36.79 9.88
N THR D 305 -4.86 -37.89 9.80
CA THR D 305 -4.48 -39.11 10.50
C THR D 305 -3.13 -39.65 10.00
N ALA D 306 -2.94 -39.65 8.68
CA ALA D 306 -1.69 -40.10 8.10
C ALA D 306 -0.51 -39.27 8.61
N ALA D 307 -0.68 -37.94 8.62
CA ALA D 307 0.36 -37.05 9.10
C ALA D 307 0.65 -37.29 10.59
N MET D 308 -0.43 -37.47 11.36
CA MET D 308 -0.31 -37.66 12.79
C MET D 308 0.38 -38.98 13.12
N LYS D 309 -0.04 -40.07 12.47
CA LYS D 309 0.57 -41.37 12.70
C LYS D 309 2.06 -41.39 12.34
N ARG D 310 2.42 -40.69 11.27
CA ARG D 310 3.80 -40.70 10.84
CA ARG D 310 3.80 -40.67 10.80
C ARG D 310 4.67 -39.91 11.80
N LEU D 311 4.19 -38.74 12.25
CA LEU D 311 4.98 -37.90 13.12
C LEU D 311 5.10 -38.49 14.52
N PHE D 312 4.02 -39.05 15.04
CA PHE D 312 4.02 -39.57 16.39
C PHE D 312 4.38 -41.04 16.49
N ALA D 313 4.83 -41.65 15.39
CA ALA D 313 5.55 -42.91 15.45
C ALA D 313 6.94 -42.75 16.09
N HIS D 314 7.46 -41.53 16.17
CA HIS D 314 8.76 -41.30 16.79
C HIS D 314 8.60 -41.25 18.31
N GLU D 315 9.08 -42.31 18.98
CA GLU D 315 8.98 -42.41 20.42
C GLU D 315 9.70 -41.27 21.14
N ALA D 316 10.74 -40.72 20.49
CA ALA D 316 11.55 -39.69 21.10
C ALA D 316 10.85 -38.33 21.18
N ASN D 317 9.60 -38.25 20.70
CA ASN D 317 8.77 -37.07 20.93
C ASN D 317 8.41 -36.88 22.41
N PHE D 318 8.49 -37.96 23.19
CA PHE D 318 8.18 -37.93 24.62
C PHE D 318 9.40 -38.28 25.45
N ASN D 319 9.53 -37.64 26.62
CA ASN D 319 10.59 -37.96 27.56
C ASN D 319 10.08 -39.01 28.54
N GLU D 320 10.96 -39.42 29.47
CA GLU D 320 10.67 -40.47 30.43
C GLU D 320 9.43 -40.16 31.29
N GLY D 321 9.25 -38.88 31.63
CA GLY D 321 8.08 -38.45 32.38
C GLY D 321 6.77 -38.42 31.59
N GLY D 322 6.84 -38.63 30.27
CA GLY D 322 5.67 -38.59 29.40
C GLY D 322 5.36 -37.21 28.83
N PHE D 323 6.30 -36.26 28.99
CA PHE D 323 6.12 -34.91 28.48
C PHE D 323 6.72 -34.81 27.09
N LEU D 324 6.18 -33.89 26.29
CA LEU D 324 6.71 -33.61 24.97
C LEU D 324 8.13 -33.06 25.06
N ARG D 325 8.98 -33.46 24.10
CA ARG D 325 10.34 -32.95 24.01
C ARG D 325 10.46 -31.93 22.89
N LEU D 326 11.53 -31.14 22.95
CA LEU D 326 11.86 -30.21 21.88
C LEU D 326 12.22 -30.98 20.61
N GLY D 327 11.49 -30.69 19.53
CA GLY D 327 11.73 -31.37 18.28
C GLY D 327 10.53 -31.31 17.34
N PHE D 328 10.61 -32.09 16.28
CA PHE D 328 9.56 -32.15 15.28
C PHE D 328 9.18 -33.63 15.15
N ALA D 329 10.07 -34.43 14.58
CA ALA D 329 9.88 -35.87 14.51
C ALA D 329 10.92 -36.47 15.43
N GLY D 330 10.59 -36.55 16.72
CA GLY D 330 11.54 -37.00 17.71
C GLY D 330 12.17 -35.84 18.47
N HIS D 331 13.41 -36.04 18.88
CA HIS D 331 14.14 -35.12 19.72
C HIS D 331 15.15 -34.36 18.85
N GLN D 332 14.82 -33.11 18.53
CA GLN D 332 15.63 -32.29 17.64
C GLN D 332 15.73 -30.92 18.30
N PRO D 333 16.48 -30.82 19.41
CA PRO D 333 16.41 -29.63 20.26
C PRO D 333 16.94 -28.37 19.59
N ASP D 334 17.86 -28.51 18.63
CA ASP D 334 18.41 -27.35 17.95
C ASP D 334 17.42 -26.66 17.01
N LEU D 335 16.28 -27.32 16.75
CA LEU D 335 15.19 -26.72 16.01
C LEU D 335 14.43 -25.68 16.83
N ALA D 336 14.61 -25.70 18.16
CA ALA D 336 13.92 -24.80 19.05
C ALA D 336 14.52 -23.39 18.95
N ASP D 337 13.64 -22.41 18.79
CA ASP D 337 14.03 -21.00 18.75
C ASP D 337 14.41 -20.55 20.16
N TRP D 338 14.99 -19.35 20.27
CA TRP D 338 15.44 -18.83 21.54
C TRP D 338 14.32 -18.62 22.58
N TYR D 339 13.07 -18.55 22.10
CA TYR D 339 11.92 -18.35 22.97
C TYR D 339 11.19 -19.64 23.35
N THR D 340 11.76 -20.79 22.98
CA THR D 340 11.08 -22.08 23.06
C THR D 340 11.53 -23.00 24.19
N ASN D 341 10.54 -23.61 24.88
CA ASN D 341 10.77 -24.61 25.91
C ASN D 341 9.81 -25.77 25.63
N ASN D 342 9.86 -26.85 26.42
CA ASN D 342 9.05 -28.01 26.06
C ASN D 342 7.57 -27.78 26.35
N GLY D 343 7.24 -26.79 27.20
CA GLY D 343 5.86 -26.36 27.36
C GLY D 343 5.27 -25.79 26.07
N SER D 344 6.10 -25.06 25.30
CA SER D 344 5.71 -24.51 24.02
C SER D 344 5.19 -25.59 23.07
N MET D 345 5.72 -26.81 23.19
CA MET D 345 5.42 -27.90 22.30
C MET D 345 3.94 -28.28 22.30
N TYR D 346 3.21 -27.92 23.36
CA TYR D 346 1.83 -28.34 23.53
C TYR D 346 0.87 -27.63 22.57
N LEU D 347 1.37 -26.69 21.78
CA LEU D 347 0.59 -26.15 20.67
C LEU D 347 0.22 -27.22 19.65
N THR D 348 0.94 -28.36 19.63
CA THR D 348 0.55 -29.46 18.75
C THR D 348 -0.82 -30.04 19.07
N SER D 349 -1.36 -29.72 20.26
CA SER D 349 -2.70 -30.15 20.65
CA SER D 349 -2.70 -30.15 20.65
C SER D 349 -3.79 -29.55 19.78
N GLU D 350 -3.48 -28.46 19.08
CA GLU D 350 -4.46 -27.76 18.26
C GLU D 350 -4.97 -28.57 17.07
N VAL D 351 -4.29 -29.68 16.73
CA VAL D 351 -4.81 -30.58 15.72
C VAL D 351 -6.08 -31.30 16.16
N PHE D 352 -6.29 -31.44 17.48
CA PHE D 352 -7.33 -32.31 17.99
C PHE D 352 -8.74 -31.74 18.01
N LEU D 353 -8.94 -30.53 17.48
CA LEU D 353 -10.23 -29.88 17.60
C LEU D 353 -11.40 -30.75 17.15
N PRO D 354 -11.35 -31.51 16.02
CA PRO D 354 -12.53 -32.28 15.62
C PRO D 354 -12.92 -33.43 16.53
N LEU D 355 -12.11 -33.76 17.55
CA LEU D 355 -12.57 -34.63 18.62
C LEU D 355 -13.76 -34.03 19.37
N GLY D 356 -14.01 -32.73 19.21
CA GLY D 356 -15.21 -32.09 19.73
C GLY D 356 -16.50 -32.43 18.97
N LEU D 357 -16.36 -33.06 17.80
CA LEU D 357 -17.49 -33.69 17.14
C LEU D 357 -17.66 -35.07 17.76
N PRO D 358 -18.91 -35.52 18.03
CA PRO D 358 -19.13 -36.84 18.60
C PRO D 358 -18.54 -37.99 17.77
N ALA D 359 -18.31 -39.13 18.44
CA ALA D 359 -17.78 -40.33 17.81
C ALA D 359 -18.64 -40.81 16.65
N ASP D 360 -19.95 -40.55 16.70
CA ASP D 360 -20.87 -40.97 15.65
C ASP D 360 -21.17 -39.89 14.62
N HIS D 361 -20.38 -38.80 14.61
CA HIS D 361 -20.51 -37.77 13.61
C HIS D 361 -19.87 -38.24 12.30
N SER D 362 -20.42 -37.75 11.18
CA SER D 362 -19.91 -38.09 9.86
C SER D 362 -18.41 -37.86 9.67
N PHE D 363 -17.84 -36.86 10.37
CA PHE D 363 -16.42 -36.62 10.25
C PHE D 363 -15.63 -37.87 10.62
N TRP D 364 -16.11 -38.58 11.65
CA TRP D 364 -15.45 -39.76 12.19
C TRP D 364 -15.90 -41.08 11.56
N THR D 365 -17.16 -41.14 11.09
CA THR D 365 -17.70 -42.40 10.60
C THR D 365 -17.65 -42.54 9.08
N SER D 366 -17.50 -41.43 8.36
CA SER D 366 -17.49 -41.47 6.90
C SER D 366 -16.31 -42.31 6.38
N PRO D 367 -16.43 -42.95 5.20
CA PRO D 367 -15.30 -43.70 4.64
C PRO D 367 -14.05 -42.86 4.47
N ALA D 368 -12.89 -43.50 4.65
CA ALA D 368 -11.60 -42.90 4.33
C ALA D 368 -11.61 -42.49 2.85
N GLU D 369 -10.92 -41.40 2.52
CA GLU D 369 -10.79 -40.96 1.14
C GLU D 369 -9.33 -40.60 0.93
N GLU D 370 -8.89 -40.67 -0.34
CA GLU D 370 -7.55 -40.25 -0.69
C GLU D 370 -7.48 -38.73 -0.78
N TRP D 371 -6.39 -38.19 -0.26
CA TRP D 371 -6.15 -36.76 -0.30
C TRP D 371 -5.49 -36.39 -1.62
N THR D 372 -5.39 -35.07 -1.88
CA THR D 372 -5.06 -34.59 -3.21
C THR D 372 -3.75 -35.15 -3.77
N THR D 373 -2.66 -35.01 -3.01
CA THR D 373 -1.37 -35.45 -3.52
C THR D 373 -1.31 -36.96 -3.69
N LYS D 374 -2.01 -37.68 -2.81
CA LYS D 374 -2.08 -39.13 -2.88
C LYS D 374 -2.70 -39.57 -4.20
N LYS D 375 -3.82 -38.94 -4.58
CA LYS D 375 -4.43 -39.19 -5.87
C LYS D 375 -3.48 -38.83 -7.00
N ALA D 376 -2.86 -37.64 -6.89
CA ALA D 376 -2.04 -37.11 -7.97
C ALA D 376 -0.88 -38.05 -8.31
N TRP D 377 -0.13 -38.47 -7.28
CA TRP D 377 1.04 -39.30 -7.53
C TRP D 377 0.72 -40.77 -7.87
N GLN D 378 -0.53 -41.19 -7.66
CA GLN D 378 -1.01 -42.46 -8.17
C GLN D 378 -1.31 -42.41 -9.67
N GLY D 379 -1.29 -41.21 -10.26
CA GLY D 379 -1.66 -41.04 -11.66
C GLY D 379 -3.16 -40.94 -11.89
N ASP D 380 -3.92 -40.74 -10.80
CA ASP D 380 -5.37 -40.69 -10.86
C ASP D 380 -5.87 -39.26 -11.04
N PRO D 381 -7.14 -39.05 -11.46
CA PRO D 381 -7.71 -37.71 -11.51
C PRO D 381 -7.64 -37.01 -10.16
N PHE D 382 -7.31 -35.72 -10.20
CA PHE D 382 -7.39 -34.90 -9.01
C PHE D 382 -7.76 -33.49 -9.46
N PRO D 383 -8.42 -32.69 -8.60
CA PRO D 383 -8.94 -31.39 -9.01
C PRO D 383 -7.90 -30.31 -9.28
N LYS D 384 -8.21 -29.47 -10.27
CA LYS D 384 -7.56 -28.19 -10.48
C LYS D 384 -7.75 -27.33 -9.24
N ASP D 385 -6.73 -26.55 -8.91
CA ASP D 385 -6.82 -25.55 -7.85
C ASP D 385 -6.95 -24.18 -8.49
N HIS D 386 -7.58 -23.23 -7.79
CA HIS D 386 -7.79 -21.89 -8.29
C HIS D 386 -7.60 -20.91 -7.14
N ALA D 387 -7.04 -19.74 -7.46
CA ALA D 387 -6.89 -18.68 -6.50
C ALA D 387 -8.27 -18.15 -6.13
N VAL D 388 -8.38 -17.67 -4.88
CA VAL D 388 -9.51 -16.85 -4.49
C VAL D 388 -8.97 -15.43 -4.31
N ARG D 389 -9.38 -14.55 -5.21
CA ARG D 389 -9.30 -13.11 -4.96
C ARG D 389 -10.54 -12.63 -4.22
N TYR D 390 -10.99 -11.41 -4.50
CA TYR D 390 -12.20 -10.82 -3.95
C TYR D 390 -12.43 -10.87 -2.44
N LEU D 391 -11.46 -11.36 -1.65
CA LEU D 391 -11.65 -11.45 -0.21
C LEU D 391 -10.86 -10.32 0.48
#